data_6R9R
#
_entry.id   6R9R
#
_cell.length_a   104.480
_cell.length_b   119.520
_cell.length_c   358.100
_cell.angle_alpha   90.00
_cell.angle_beta   90.00
_cell.angle_gamma   90.00
#
_symmetry.space_group_name_H-M   'I 21 21 21'
#
loop_
_entity.id
_entity.type
_entity.pdbx_description
1 polymer "circular RNA (5'-R(P*AP*AP*AP*A)-3')"
2 polymer 'CRISPR-associated (Cas) DxTHG family'
3 water water
#
loop_
_entity_poly.entity_id
_entity_poly.type
_entity_poly.pdbx_seq_one_letter_code
_entity_poly.pdbx_strand_id
1 'polyribonucleotide' AAAA D,E
2 'polypeptide(L)'
;SMKCLFYIAGDVSNYSIVNYELNGQTQNTFFAAHALYNLFKPDKVIALIPDSLVKDNVSDEECYKNLVINRAKELNFAGM
EEFMNKVEIRKIPNVGIASAIQCENGAPKKEKNKEGREVLKRLPYNEKRSPIFIFNAIYAIFKDEACDEYLVDLTHGTNV
LVSIGMNVGALFNAKFYSAPVMGMPGKDSIVNIVELTDVVQATNDSLMIRSSIENLDERYFKDYSAKLSRLNPTIFEEEE
KKVLTRVKGTDVNVVINFLWNIRNGFTVNAVKSMNELKNIINQLEEDLEKLKSFYKNWEEHKNFQGETLLVLSDLDSTLK
VKDLLIEGNDLEKLNYLLDLYIKASIYDKALSLARELPVAICLNKVGGGMFDDKNEKYKHCNEIVTSYLRLRYSGLMEFR
NTLMHGGLSTDMKPNVDKDGNITPGKIVTKNKIEDFVKRELRNYFDKIVNFLSSA
;
B,A,C
#
loop_
_chem_comp.id
_chem_comp.type
_chem_comp.name
_chem_comp.formula
A RNA linking ADENOSINE-5'-MONOPHOSPHATE 'C10 H14 N5 O7 P'
#
# COMPACT_ATOMS: atom_id res chain seq x y z
N MET C 2 15.20 -17.03 21.42
CA MET C 2 14.41 -16.43 20.36
C MET C 2 14.16 -17.40 19.19
N LYS C 3 15.17 -17.63 18.33
CA LYS C 3 15.05 -18.56 17.19
C LYS C 3 15.25 -19.97 17.73
N CYS C 4 14.30 -20.90 17.47
CA CYS C 4 14.44 -22.28 17.96
C CYS C 4 13.95 -23.35 16.95
N LEU C 5 14.75 -24.41 16.80
CA LEU C 5 14.53 -25.55 15.90
C LEU C 5 13.72 -26.65 16.58
N PHE C 6 12.83 -27.31 15.82
CA PHE C 6 11.98 -28.42 16.23
C PHE C 6 12.13 -29.55 15.24
N TYR C 7 12.30 -30.78 15.73
CA TYR C 7 12.39 -31.93 14.85
C TYR C 7 11.74 -33.14 15.49
N ILE C 8 11.10 -33.98 14.68
CA ILE C 8 10.49 -35.20 15.19
C ILE C 8 11.44 -36.35 14.86
N ALA C 9 11.74 -37.20 15.86
CA ALA C 9 12.72 -38.28 15.78
C ALA C 9 12.24 -39.63 15.19
N GLY C 10 13.19 -40.31 14.55
CA GLY C 10 13.02 -41.64 13.96
C GLY C 10 14.05 -42.61 14.51
N ASP C 11 13.97 -43.89 14.10
CA ASP C 11 14.92 -44.94 14.53
C ASP C 11 16.33 -44.66 13.98
N VAL C 12 17.22 -44.19 14.89
CA VAL C 12 18.61 -43.83 14.59
C VAL C 12 19.42 -45.04 14.04
N SER C 13 18.80 -46.26 14.06
CA SER C 13 19.34 -47.53 13.59
C SER C 13 19.73 -47.53 12.11
N ASN C 14 18.84 -47.06 11.21
CA ASN C 14 19.13 -47.02 9.78
C ASN C 14 19.47 -45.59 9.31
N TYR C 15 20.46 -44.97 9.97
CA TYR C 15 20.95 -43.62 9.69
C TYR C 15 22.44 -43.70 9.34
N SER C 16 22.83 -43.16 8.18
CA SER C 16 24.21 -43.15 7.70
C SER C 16 24.74 -41.72 7.58
N ILE C 17 26.05 -41.52 7.79
CA ILE C 17 26.69 -40.19 7.73
C ILE C 17 26.71 -39.70 6.28
N VAL C 18 25.94 -38.62 6.02
CA VAL C 18 25.74 -38.03 4.69
C VAL C 18 25.91 -36.49 4.73
N ASN C 19 26.52 -35.92 3.69
CA ASN C 19 26.72 -34.47 3.54
C ASN C 19 25.37 -33.81 3.15
N TYR C 20 25.20 -32.51 3.48
CA TYR C 20 23.98 -31.75 3.19
C TYR C 20 24.25 -30.45 2.40
N GLU C 21 23.18 -29.80 1.85
CA GLU C 21 23.29 -28.54 1.11
C GLU C 21 22.09 -27.63 1.33
N LEU C 22 22.35 -26.32 1.59
CA LEU C 22 21.36 -25.27 1.84
C LEU C 22 21.98 -23.87 1.60
N ASN C 23 21.46 -23.14 0.62
CA ASN C 23 21.97 -21.78 0.28
C ASN C 23 23.48 -21.85 0.08
N GLY C 24 23.99 -23.02 -0.33
CA GLY C 24 25.42 -23.24 -0.60
C GLY C 24 26.19 -23.72 0.63
N GLN C 25 25.53 -23.78 1.79
CA GLN C 25 26.21 -24.27 3.02
C GLN C 25 26.41 -25.79 2.90
N THR C 26 27.50 -26.31 3.48
CA THR C 26 27.78 -27.77 3.41
C THR C 26 28.04 -28.31 4.82
N GLN C 27 27.30 -29.35 5.22
CA GLN C 27 27.47 -29.96 6.54
C GLN C 27 27.22 -31.47 6.54
N ASN C 28 28.17 -32.23 7.10
CA ASN C 28 28.20 -33.69 7.15
C ASN C 28 27.76 -34.25 8.52
N THR C 29 26.69 -35.08 8.53
CA THR C 29 26.08 -35.74 9.72
C THR C 29 25.16 -36.91 9.29
N PHE C 30 24.64 -37.69 10.26
CA PHE C 30 23.76 -38.85 10.02
C PHE C 30 22.26 -38.53 10.17
N PHE C 31 21.93 -37.28 10.55
CA PHE C 31 20.56 -36.79 10.66
C PHE C 31 20.48 -35.28 10.37
N ALA C 32 19.45 -34.89 9.60
CA ALA C 32 19.21 -33.54 9.10
C ALA C 32 19.04 -32.47 10.18
N ALA C 33 18.47 -32.83 11.33
CA ALA C 33 18.26 -31.92 12.45
C ALA C 33 19.58 -31.30 12.93
N HIS C 34 20.66 -32.11 13.01
CA HIS C 34 21.99 -31.66 13.41
C HIS C 34 22.59 -30.72 12.38
N ALA C 35 22.40 -31.01 11.08
CA ALA C 35 22.89 -30.17 9.97
C ALA C 35 22.25 -28.77 10.06
N LEU C 36 20.90 -28.73 10.17
CA LEU C 36 20.11 -27.51 10.32
C LEU C 36 20.48 -26.73 11.58
N TYR C 37 20.91 -27.44 12.66
CA TYR C 37 21.34 -26.80 13.90
C TYR C 37 22.57 -25.93 13.64
N ASN C 38 23.67 -26.48 13.08
CA ASN C 38 24.87 -25.64 12.88
C ASN C 38 24.75 -24.74 11.62
N LEU C 39 23.71 -24.95 10.76
CA LEU C 39 23.47 -24.09 9.60
C LEU C 39 22.89 -22.75 10.06
N PHE C 40 21.80 -22.80 10.84
CA PHE C 40 21.09 -21.62 11.33
C PHE C 40 21.58 -21.12 12.69
N LYS C 41 22.01 -22.06 13.56
CA LYS C 41 22.49 -21.86 14.93
C LYS C 41 21.37 -21.25 15.83
N PRO C 42 20.33 -22.07 16.18
CA PRO C 42 19.23 -21.56 17.00
C PRO C 42 19.48 -21.64 18.50
N ASP C 43 18.89 -20.69 19.26
CA ASP C 43 18.99 -20.57 20.73
C ASP C 43 18.59 -21.85 21.47
N LYS C 44 17.51 -22.51 21.01
CA LYS C 44 16.97 -23.77 21.55
C LYS C 44 16.80 -24.80 20.44
N VAL C 45 16.87 -26.10 20.79
CA VAL C 45 16.65 -27.22 19.85
C VAL C 45 15.73 -28.20 20.58
N ILE C 46 14.57 -28.51 20.00
CA ILE C 46 13.64 -29.43 20.65
C ILE C 46 13.57 -30.74 19.89
N ALA C 47 13.80 -31.84 20.62
CA ALA C 47 13.76 -33.19 20.07
C ALA C 47 12.46 -33.88 20.47
N LEU C 48 11.47 -33.87 19.57
CA LEU C 48 10.17 -34.50 19.78
C LEU C 48 10.32 -35.98 19.50
N ILE C 49 10.18 -36.81 20.55
CA ILE C 49 10.39 -38.25 20.44
C ILE C 49 9.08 -39.05 20.63
N PRO C 50 8.65 -39.85 19.61
CA PRO C 50 7.39 -40.60 19.81
C PRO C 50 7.52 -41.70 20.86
N ASP C 51 6.42 -42.01 21.56
CA ASP C 51 6.41 -43.06 22.58
C ASP C 51 6.64 -44.48 21.97
N SER C 52 6.56 -44.61 20.65
CA SER C 52 6.85 -45.92 20.03
C SER C 52 8.36 -46.08 19.81
N LEU C 53 9.11 -44.96 19.84
CA LEU C 53 10.58 -44.92 19.58
C LEU C 53 11.44 -45.69 20.60
N VAL C 54 11.17 -45.55 21.90
CA VAL C 54 12.01 -46.22 22.95
C VAL C 54 11.22 -46.33 24.25
N LYS C 55 11.73 -47.07 25.26
CA LYS C 55 10.90 -47.23 26.46
C LYS C 55 11.79 -47.62 27.65
N ASP C 56 12.01 -46.67 28.58
CA ASP C 56 12.85 -46.86 29.76
C ASP C 56 12.05 -46.88 31.08
N ASN C 57 12.56 -47.63 32.06
CA ASN C 57 12.01 -47.77 33.41
C ASN C 57 11.98 -46.46 34.21
N VAL C 58 12.90 -45.52 33.89
CA VAL C 58 13.01 -44.23 34.58
C VAL C 58 12.84 -43.04 33.60
N SER C 59 13.77 -42.84 32.65
CA SER C 59 13.71 -41.74 31.69
C SER C 59 13.93 -42.20 30.25
N ASP C 60 12.85 -42.15 29.46
CA ASP C 60 12.84 -42.49 28.03
C ASP C 60 13.61 -41.39 27.27
N GLU C 61 13.54 -40.14 27.76
CA GLU C 61 14.24 -38.99 27.17
C GLU C 61 15.76 -39.13 27.28
N GLU C 62 16.22 -39.72 28.40
CA GLU C 62 17.64 -39.99 28.66
C GLU C 62 18.12 -41.16 27.80
N CYS C 63 17.23 -42.15 27.49
CA CYS C 63 17.60 -43.29 26.64
C CYS C 63 17.78 -42.84 25.19
N TYR C 64 16.92 -41.90 24.71
CA TYR C 64 17.05 -41.35 23.36
C TYR C 64 18.38 -40.57 23.24
N LYS C 65 18.73 -39.80 24.30
CA LYS C 65 19.95 -39.00 24.44
C LYS C 65 21.19 -39.91 24.31
N ASN C 66 21.10 -41.14 24.85
CA ASN C 66 22.15 -42.16 24.81
C ASN C 66 22.13 -42.99 23.51
N LEU C 67 20.96 -43.10 22.85
CA LEU C 67 20.74 -43.84 21.61
C LEU C 67 21.47 -43.15 20.44
N VAL C 68 21.38 -41.81 20.39
CA VAL C 68 22.00 -40.96 19.38
C VAL C 68 23.54 -40.95 19.54
N ILE C 69 24.05 -40.96 20.80
CA ILE C 69 25.51 -40.97 21.04
C ILE C 69 26.09 -42.39 20.75
N ASN C 70 25.23 -43.45 20.81
CA ASN C 70 25.55 -44.85 20.52
C ASN C 70 25.77 -45.02 19.00
N ARG C 71 24.98 -44.30 18.18
CA ARG C 71 25.07 -44.31 16.72
C ARG C 71 26.18 -43.37 16.24
N ALA C 72 26.52 -42.34 17.05
CA ALA C 72 27.59 -41.38 16.76
C ALA C 72 28.95 -42.05 16.88
N LYS C 73 29.11 -42.95 17.88
CA LYS C 73 30.32 -43.73 18.17
C LYS C 73 30.71 -44.62 16.98
N GLU C 74 29.74 -45.37 16.42
CA GLU C 74 29.98 -46.21 15.24
C GLU C 74 30.16 -45.32 14.01
N LEU C 75 31.46 -45.15 13.69
CA LEU C 75 32.16 -44.27 12.70
C LEU C 75 32.53 -42.95 13.41
N ASN C 76 33.21 -42.03 12.73
CA ASN C 76 33.66 -40.80 13.46
C ASN C 76 32.58 -39.71 13.44
N PHE C 77 31.86 -39.58 14.55
CA PHE C 77 30.81 -38.54 14.71
C PHE C 77 31.45 -37.14 14.73
N ALA C 78 32.60 -37.02 15.41
CA ALA C 78 33.35 -35.76 15.53
C ALA C 78 32.40 -34.61 15.91
N GLY C 79 31.68 -34.77 17.03
CA GLY C 79 30.70 -33.77 17.48
C GLY C 79 29.95 -34.23 18.71
N MET C 80 28.83 -33.58 19.03
CA MET C 80 27.87 -33.87 20.15
C MET C 80 28.40 -33.38 21.51
N GLU C 81 29.57 -32.73 21.54
CA GLU C 81 30.13 -32.15 22.79
C GLU C 81 29.67 -30.69 22.88
N GLU C 82 28.97 -30.20 21.85
CA GLU C 82 28.46 -28.81 21.79
C GLU C 82 27.07 -28.81 21.13
N PHE C 83 26.41 -29.98 21.03
CA PHE C 83 25.04 -29.97 20.45
C PHE C 83 24.10 -30.84 21.28
N MET C 84 24.66 -31.83 21.97
CA MET C 84 23.92 -32.78 22.82
C MET C 84 23.49 -32.14 24.15
N ASN C 85 24.19 -31.07 24.52
CA ASN C 85 23.92 -30.16 25.63
C ASN C 85 23.34 -28.95 24.87
N LYS C 86 22.11 -28.50 25.25
CA LYS C 86 21.29 -27.41 24.66
C LYS C 86 20.04 -27.95 23.92
N VAL C 87 19.89 -29.30 23.84
CA VAL C 87 18.76 -29.96 23.18
C VAL C 87 17.76 -30.53 24.21
N GLU C 88 16.52 -30.00 24.16
CA GLU C 88 15.41 -30.34 25.03
C GLU C 88 14.66 -31.52 24.44
N ILE C 89 14.70 -32.67 25.11
CA ILE C 89 14.01 -33.86 24.64
C ILE C 89 12.61 -33.91 25.28
N ARG C 90 11.57 -33.88 24.43
CA ARG C 90 10.18 -33.88 24.87
C ARG C 90 9.36 -34.99 24.21
N LYS C 91 8.95 -35.99 25.01
CA LYS C 91 8.21 -37.18 24.57
C LYS C 91 6.81 -36.83 24.04
N ILE C 92 6.43 -37.41 22.87
CA ILE C 92 5.14 -37.18 22.23
C ILE C 92 4.36 -38.48 21.99
N PRO C 93 3.01 -38.48 22.03
CA PRO C 93 2.27 -39.73 21.80
C PRO C 93 2.21 -40.12 20.31
N ASN C 94 2.01 -41.42 20.02
CA ASN C 94 1.92 -41.94 18.66
C ASN C 94 0.69 -42.85 18.47
N VAL C 95 0.52 -43.42 17.25
CA VAL C 95 -0.58 -44.30 16.83
C VAL C 95 -0.10 -45.54 16.10
N GLY C 96 -0.82 -46.65 16.25
CA GLY C 96 -0.55 -47.85 15.48
C GLY C 96 0.04 -49.06 16.17
N ILE C 97 0.76 -49.89 15.40
CA ILE C 97 1.38 -51.13 15.96
C ILE C 97 2.89 -51.07 15.75
N ALA C 98 3.50 -49.89 15.91
CA ALA C 98 4.96 -49.74 15.74
C ALA C 98 5.67 -50.55 16.83
N SER C 99 6.78 -51.21 16.47
CA SER C 99 7.56 -52.03 17.45
C SER C 99 8.56 -51.13 18.18
N ALA C 100 8.48 -51.09 19.50
CA ALA C 100 9.39 -50.26 20.31
C ALA C 100 10.75 -50.95 20.51
N ILE C 101 11.73 -50.21 21.09
CA ILE C 101 13.07 -50.69 21.39
C ILE C 101 13.36 -50.51 22.89
N GLN C 102 13.71 -51.61 23.59
CA GLN C 102 13.97 -51.66 25.04
C GLN C 102 15.12 -50.76 25.54
N CYS C 103 14.98 -50.27 26.80
CA CYS C 103 15.96 -49.44 27.52
C CYS C 103 16.04 -49.91 28.99
N GLU C 104 17.24 -49.82 29.60
CA GLU C 104 17.44 -50.21 31.01
C GLU C 104 18.40 -49.26 31.75
N ASN C 105 17.84 -48.51 32.71
CA ASN C 105 18.58 -47.48 33.47
C ASN C 105 19.11 -46.44 32.47
N GLY C 106 20.41 -46.51 32.15
CA GLY C 106 21.02 -45.58 31.18
C GLY C 106 21.46 -46.28 29.90
N ALA C 107 21.03 -47.53 29.67
CA ALA C 107 21.52 -48.26 28.47
C ALA C 107 20.40 -48.85 27.63
N PRO C 108 20.63 -49.08 26.32
CA PRO C 108 19.65 -49.66 25.40
C PRO C 108 19.79 -51.18 25.25
N LYS C 109 20.73 -51.77 26.01
CA LYS C 109 21.03 -53.24 26.06
C LYS C 109 21.64 -53.73 24.73
N LYS C 110 20.86 -54.53 23.98
CA LYS C 110 21.18 -55.20 22.67
C LYS C 110 21.94 -56.52 22.87
N GLU C 111 21.88 -57.39 21.86
CA GLU C 111 22.54 -58.74 21.88
C GLU C 111 23.21 -59.00 20.53
N LYS C 112 24.21 -59.88 20.51
CA LYS C 112 24.96 -60.19 19.26
C LYS C 112 24.07 -60.92 18.24
N ASN C 113 23.85 -62.22 18.44
CA ASN C 113 23.07 -63.08 17.52
C ASN C 113 23.54 -62.87 16.07
N LYS C 114 24.87 -62.76 15.88
CA LYS C 114 25.59 -62.55 14.59
C LYS C 114 25.47 -61.10 14.10
N GLU C 115 25.90 -60.84 12.87
CA GLU C 115 25.86 -59.50 12.24
C GLU C 115 26.39 -58.44 13.22
N GLY C 116 27.27 -58.86 14.13
CA GLY C 116 27.84 -57.95 15.15
C GLY C 116 26.97 -57.90 16.41
N ARG C 117 26.34 -56.75 16.66
CA ARG C 117 25.47 -56.55 17.82
C ARG C 117 24.12 -55.96 17.40
N GLU C 118 23.10 -56.82 17.24
CA GLU C 118 21.75 -56.49 16.80
C GLU C 118 20.93 -55.71 17.84
N VAL C 119 20.15 -54.72 17.35
CA VAL C 119 19.28 -53.82 18.14
C VAL C 119 18.17 -54.61 18.86
N LEU C 120 18.06 -54.43 20.20
CA LEU C 120 17.06 -55.11 21.03
C LEU C 120 15.65 -54.55 20.78
N LYS C 121 15.01 -55.03 19.71
CA LYS C 121 13.63 -54.58 19.34
C LYS C 121 12.68 -55.01 20.46
N ARG C 122 11.84 -54.07 20.93
CA ARG C 122 10.84 -54.35 22.00
C ARG C 122 9.90 -55.47 21.55
N LEU C 123 9.61 -55.48 20.22
CA LEU C 123 8.77 -56.35 19.34
C LEU C 123 7.27 -55.94 19.25
N PRO C 124 6.40 -56.03 20.28
CA PRO C 124 4.99 -55.63 20.12
C PRO C 124 4.49 -54.45 20.96
N TYR C 125 3.89 -53.46 20.30
CA TYR C 125 3.30 -52.26 20.96
C TYR C 125 1.99 -51.93 20.22
N ASN C 126 0.93 -51.54 20.95
CA ASN C 126 -0.37 -51.21 20.31
C ASN C 126 -1.04 -50.05 21.05
N GLU C 127 -1.27 -48.94 20.35
CA GLU C 127 -1.88 -47.75 20.91
C GLU C 127 -2.80 -47.11 19.88
N LYS C 128 -4.07 -46.91 20.25
CA LYS C 128 -5.07 -46.29 19.38
C LYS C 128 -5.43 -44.90 19.91
N ARG C 129 -4.70 -43.88 19.40
CA ARG C 129 -4.78 -42.47 19.75
C ARG C 129 -5.42 -41.68 18.59
N SER C 130 -5.95 -40.49 18.88
CA SER C 130 -6.53 -39.67 17.83
C SER C 130 -5.46 -38.69 17.33
N PRO C 131 -5.36 -38.44 16.01
CA PRO C 131 -4.36 -37.47 15.52
C PRO C 131 -4.48 -36.08 16.15
N ILE C 132 -5.70 -35.64 16.55
CA ILE C 132 -5.84 -34.34 17.20
C ILE C 132 -5.28 -34.39 18.65
N PHE C 133 -5.21 -35.58 19.27
CA PHE C 133 -4.62 -35.74 20.62
C PHE C 133 -3.10 -35.54 20.46
N ILE C 134 -2.53 -36.09 19.38
CA ILE C 134 -1.11 -35.96 19.03
C ILE C 134 -0.85 -34.49 18.68
N PHE C 135 -1.77 -33.87 17.91
CA PHE C 135 -1.74 -32.46 17.51
C PHE C 135 -1.72 -31.56 18.75
N ASN C 136 -2.62 -31.82 19.72
CA ASN C 136 -2.72 -31.05 20.96
C ASN C 136 -1.47 -31.17 21.83
N ALA C 137 -0.82 -32.35 21.79
CA ALA C 137 0.41 -32.62 22.53
C ALA C 137 1.54 -31.77 21.95
N ILE C 138 1.74 -31.81 20.61
CA ILE C 138 2.77 -31.02 19.89
C ILE C 138 2.48 -29.51 20.01
N TYR C 139 1.19 -29.09 19.90
CA TYR C 139 0.78 -27.69 20.01
C TYR C 139 1.21 -27.09 21.35
N ALA C 140 0.91 -27.79 22.46
CA ALA C 140 1.26 -27.38 23.81
C ALA C 140 2.76 -27.17 23.98
N ILE C 141 3.57 -28.01 23.31
CA ILE C 141 5.04 -27.93 23.33
C ILE C 141 5.49 -26.64 22.63
N PHE C 142 4.96 -26.39 21.42
CA PHE C 142 5.25 -25.21 20.61
C PHE C 142 4.82 -23.94 21.33
N LYS C 143 3.57 -23.90 21.84
CA LYS C 143 2.98 -22.76 22.53
C LYS C 143 3.77 -22.34 23.75
N ASP C 144 4.09 -23.29 24.62
CA ASP C 144 4.80 -22.99 25.86
C ASP C 144 6.33 -22.88 25.71
N GLU C 145 6.89 -23.10 24.50
CA GLU C 145 8.34 -22.98 24.31
C GLU C 145 8.80 -21.52 24.29
N ALA C 146 7.86 -20.58 24.05
CA ALA C 146 8.06 -19.12 23.99
C ALA C 146 9.24 -18.73 23.09
N CYS C 147 9.01 -18.85 21.77
CA CYS C 147 10.00 -18.55 20.75
C CYS C 147 9.53 -17.43 19.84
N ASP C 148 10.49 -16.69 19.26
CA ASP C 148 10.23 -15.57 18.37
C ASP C 148 10.18 -16.08 16.93
N GLU C 149 11.15 -16.93 16.56
CA GLU C 149 11.30 -17.52 15.23
C GLU C 149 11.26 -19.06 15.32
N TYR C 150 10.25 -19.67 14.69
CA TYR C 150 10.04 -21.12 14.68
C TYR C 150 10.63 -21.76 13.42
N LEU C 151 11.40 -22.83 13.61
CA LEU C 151 12.06 -23.59 12.54
C LEU C 151 11.71 -25.06 12.73
N VAL C 152 11.06 -25.67 11.73
CA VAL C 152 10.60 -27.06 11.82
C VAL C 152 11.26 -27.94 10.77
N ASP C 153 11.86 -29.06 11.21
CA ASP C 153 12.49 -30.08 10.38
C ASP C 153 11.51 -31.23 10.11
N LEU C 154 11.07 -31.41 8.85
CA LEU C 154 10.14 -32.49 8.46
C LEU C 154 10.89 -33.58 7.66
N THR C 155 12.20 -33.78 7.95
CA THR C 155 13.04 -34.78 7.26
C THR C 155 12.80 -36.15 7.85
N HIS C 156 12.96 -36.26 9.19
CA HIS C 156 12.88 -37.50 9.95
C HIS C 156 11.57 -37.65 10.68
N GLY C 157 11.25 -38.90 11.00
CA GLY C 157 10.01 -39.27 11.68
C GLY C 157 8.95 -39.82 10.75
N THR C 158 7.93 -40.44 11.37
CA THR C 158 6.78 -41.06 10.72
C THR C 158 6.00 -40.00 9.92
N ASN C 159 5.44 -40.40 8.77
CA ASN C 159 4.69 -39.53 7.87
C ASN C 159 3.47 -38.89 8.56
N VAL C 160 2.87 -39.60 9.55
CA VAL C 160 1.75 -39.15 10.37
C VAL C 160 2.26 -38.01 11.27
N LEU C 161 3.34 -38.24 12.02
CA LEU C 161 3.93 -37.25 12.92
C LEU C 161 4.52 -36.04 12.18
N VAL C 162 5.09 -36.25 10.97
CA VAL C 162 5.65 -35.13 10.19
C VAL C 162 4.54 -34.21 9.70
N SER C 163 3.46 -34.79 9.12
CA SER C 163 2.32 -34.02 8.64
C SER C 163 1.64 -33.28 9.80
N ILE C 164 1.49 -33.94 10.96
CA ILE C 164 0.91 -33.31 12.16
C ILE C 164 1.79 -32.13 12.60
N GLY C 165 3.11 -32.33 12.61
CA GLY C 165 4.09 -31.31 12.97
C GLY C 165 4.09 -30.11 12.04
N MET C 166 3.80 -30.35 10.74
CA MET C 166 3.72 -29.31 9.72
C MET C 166 2.54 -28.37 9.99
N ASN C 167 1.38 -28.95 10.32
CA ASN C 167 0.17 -28.20 10.63
C ASN C 167 0.31 -27.43 11.93
N VAL C 168 1.09 -27.95 12.92
CA VAL C 168 1.33 -27.22 14.17
C VAL C 168 2.21 -26.02 13.85
N GLY C 169 3.32 -26.27 13.14
CA GLY C 169 4.27 -25.24 12.71
C GLY C 169 3.63 -24.08 11.99
N ALA C 170 2.62 -24.37 11.16
CA ALA C 170 1.83 -23.40 10.38
C ALA C 170 1.16 -22.35 11.27
N LEU C 171 0.76 -22.76 12.49
CA LEU C 171 0.13 -21.87 13.47
C LEU C 171 1.16 -21.04 14.25
N PHE C 172 2.48 -21.30 14.06
CA PHE C 172 3.55 -20.58 14.73
C PHE C 172 4.47 -19.84 13.76
N ASN C 173 4.04 -19.71 12.47
CA ASN C 173 4.75 -19.06 11.36
C ASN C 173 6.16 -19.65 11.18
N ALA C 174 6.22 -20.98 11.20
CA ALA C 174 7.46 -21.73 11.08
C ALA C 174 8.00 -21.77 9.66
N LYS C 175 9.32 -22.00 9.52
CA LYS C 175 10.00 -22.23 8.24
C LYS C 175 10.20 -23.74 8.21
N PHE C 176 9.81 -24.40 7.13
CA PHE C 176 9.88 -25.86 7.04
C PHE C 176 11.00 -26.33 6.14
N TYR C 177 11.72 -27.39 6.56
CA TYR C 177 12.83 -27.98 5.81
C TYR C 177 12.72 -29.49 5.76
N SER C 178 13.11 -30.11 4.63
CA SER C 178 13.06 -31.56 4.44
C SER C 178 14.18 -32.02 3.51
N ALA C 179 14.93 -33.06 3.92
CA ALA C 179 16.05 -33.62 3.18
C ALA C 179 15.93 -35.15 3.04
N PRO C 180 15.10 -35.68 2.10
CA PRO C 180 15.02 -37.15 1.94
C PRO C 180 16.24 -37.72 1.19
N VAL C 181 16.64 -38.98 1.50
CA VAL C 181 17.82 -39.63 0.91
C VAL C 181 17.55 -40.24 -0.51
N MET C 182 16.41 -40.84 -0.88
CA MET C 182 16.27 -41.46 -2.25
C MET C 182 17.26 -42.61 -2.47
N GLY C 183 17.15 -43.73 -1.74
CA GLY C 183 18.04 -44.84 -2.05
C GLY C 183 19.17 -45.02 -1.07
N MET C 184 20.12 -45.91 -1.39
CA MET C 184 21.29 -46.19 -0.52
C MET C 184 22.33 -45.06 -0.67
N PRO C 185 22.56 -44.21 0.36
CA PRO C 185 23.51 -43.11 0.25
C PRO C 185 24.96 -43.54 0.03
N GLY C 186 25.43 -44.54 0.79
CA GLY C 186 26.81 -45.05 0.70
C GLY C 186 27.85 -43.97 0.95
N LYS C 187 27.60 -43.08 1.92
CA LYS C 187 28.46 -41.95 2.40
C LYS C 187 28.43 -40.73 1.48
N ASP C 188 28.71 -39.54 2.04
CA ASP C 188 28.70 -38.30 1.23
C ASP C 188 27.32 -38.15 0.58
N SER C 189 27.28 -38.22 -0.75
CA SER C 189 26.06 -38.13 -1.62
C SER C 189 25.54 -36.69 -1.68
N ILE C 190 25.71 -35.91 -0.60
CA ILE C 190 25.26 -34.51 -0.63
C ILE C 190 23.72 -34.47 -0.82
N VAL C 191 22.98 -34.97 0.19
CA VAL C 191 21.51 -34.96 0.20
C VAL C 191 21.10 -33.49 0.42
N ASN C 192 20.21 -32.96 -0.44
CA ASN C 192 19.82 -31.56 -0.36
C ASN C 192 18.60 -31.31 0.50
N ILE C 193 18.69 -30.25 1.33
CA ILE C 193 17.60 -29.81 2.22
C ILE C 193 16.78 -28.79 1.47
N VAL C 194 15.50 -29.15 1.25
CA VAL C 194 14.50 -28.41 0.52
C VAL C 194 13.62 -27.64 1.52
N GLU C 195 13.49 -26.31 1.32
CA GLU C 195 12.64 -25.48 2.17
C GLU C 195 11.21 -25.52 1.61
N LEU C 196 10.20 -25.77 2.48
CA LEU C 196 8.79 -25.90 2.08
C LEU C 196 7.86 -24.77 2.53
N THR C 197 8.43 -23.72 3.17
CA THR C 197 7.72 -22.54 3.69
C THR C 197 6.79 -21.91 2.64
N ASP C 198 7.30 -21.68 1.43
CA ASP C 198 6.60 -21.09 0.30
C ASP C 198 5.35 -21.86 -0.09
N VAL C 199 5.42 -23.22 -0.10
CA VAL C 199 4.32 -24.11 -0.44
C VAL C 199 3.19 -23.99 0.58
N VAL C 200 3.51 -24.01 1.89
CA VAL C 200 2.49 -23.88 2.94
C VAL C 200 1.87 -22.47 2.89
N GLN C 201 2.66 -21.44 2.52
CA GLN C 201 2.14 -20.08 2.42
C GLN C 201 1.21 -19.96 1.22
N ALA C 202 1.58 -20.56 0.06
CA ALA C 202 0.80 -20.50 -1.18
C ALA C 202 -0.60 -21.06 -1.01
N THR C 203 -0.76 -22.08 -0.16
CA THR C 203 -2.06 -22.71 0.10
C THR C 203 -2.84 -21.86 1.10
N ASN C 204 -2.17 -21.27 2.11
CA ASN C 204 -2.86 -20.39 3.05
C ASN C 204 -3.40 -19.17 2.28
N ASP C 205 -2.58 -18.59 1.37
CA ASP C 205 -2.90 -17.46 0.50
C ASP C 205 -4.13 -17.72 -0.37
N SER C 206 -4.22 -18.94 -0.93
CA SER C 206 -5.34 -19.37 -1.77
C SER C 206 -6.63 -19.48 -0.98
N LEU C 207 -6.56 -19.98 0.26
CA LEU C 207 -7.75 -20.10 1.10
C LEU C 207 -8.25 -18.73 1.50
N MET C 208 -7.32 -17.78 1.72
CA MET C 208 -7.62 -16.39 2.03
C MET C 208 -8.24 -15.69 0.81
N ILE C 209 -7.67 -15.88 -0.40
CA ILE C 209 -8.22 -15.33 -1.66
C ILE C 209 -9.64 -15.86 -1.87
N ARG C 210 -9.85 -17.19 -1.73
CA ARG C 210 -11.15 -17.82 -1.90
C ARG C 210 -12.20 -17.24 -0.96
N SER C 211 -11.86 -17.05 0.33
CA SER C 211 -12.74 -16.49 1.35
C SER C 211 -13.04 -15.00 1.07
N SER C 212 -12.05 -14.30 0.52
CA SER C 212 -12.18 -12.86 0.19
C SER C 212 -13.30 -12.66 -0.85
N ILE C 213 -13.37 -13.53 -1.85
CA ILE C 213 -14.40 -13.41 -2.88
C ILE C 213 -15.74 -13.89 -2.28
N GLU C 214 -15.68 -14.90 -1.41
CA GLU C 214 -16.84 -15.50 -0.75
C GLU C 214 -17.55 -14.50 0.16
N ASN C 215 -16.78 -13.71 0.95
CA ASN C 215 -17.33 -12.73 1.87
C ASN C 215 -17.24 -11.28 1.38
N LEU C 216 -16.99 -11.07 0.06
CA LEU C 216 -16.92 -9.74 -0.57
C LEU C 216 -16.02 -8.78 0.22
N ASP C 217 -14.81 -9.26 0.59
CA ASP C 217 -13.86 -8.52 1.42
C ASP C 217 -12.47 -8.52 0.83
N GLU C 218 -11.95 -7.35 0.46
CA GLU C 218 -10.60 -7.23 -0.12
C GLU C 218 -9.47 -7.37 0.89
N ARG C 219 -9.78 -7.20 2.19
CA ARG C 219 -8.80 -7.28 3.28
C ARG C 219 -8.18 -8.69 3.38
N TYR C 220 -8.89 -9.70 2.86
CA TYR C 220 -8.48 -11.11 2.85
C TYR C 220 -7.75 -11.50 1.57
N PHE C 221 -7.88 -10.69 0.51
CA PHE C 221 -7.22 -10.94 -0.77
C PHE C 221 -5.73 -10.64 -0.67
N LYS C 222 -4.90 -11.70 -0.79
CA LYS C 222 -3.44 -11.62 -0.76
C LYS C 222 -2.96 -11.18 -2.15
N ASP C 223 -2.52 -9.90 -2.26
CA ASP C 223 -2.06 -9.33 -3.53
C ASP C 223 -0.73 -9.93 -3.98
N TYR C 224 -0.73 -10.52 -5.18
CA TYR C 224 0.44 -11.15 -5.79
C TYR C 224 1.01 -10.34 -6.97
N SER C 225 0.67 -9.03 -7.05
CA SER C 225 1.16 -8.11 -8.08
C SER C 225 2.67 -8.08 -8.10
N ALA C 226 3.31 -7.93 -6.91
CA ALA C 226 4.76 -7.85 -6.76
C ALA C 226 5.44 -9.08 -7.35
N LYS C 227 4.95 -10.30 -6.99
CA LYS C 227 5.46 -11.59 -7.47
C LYS C 227 5.47 -11.56 -9.01
N LEU C 228 4.30 -11.29 -9.61
CA LEU C 228 4.05 -11.22 -11.04
C LEU C 228 4.98 -10.26 -11.78
N SER C 229 5.19 -9.04 -11.22
CA SER C 229 6.05 -8.00 -11.80
C SER C 229 7.52 -8.41 -11.79
N ARG C 230 7.97 -8.97 -10.66
CA ARG C 230 9.38 -9.39 -10.45
C ARG C 230 9.62 -10.78 -11.04
N LEU C 231 8.77 -11.21 -11.99
CA LEU C 231 8.93 -12.56 -12.55
C LEU C 231 9.43 -12.50 -13.99
N ASN C 232 10.65 -13.01 -14.24
CA ASN C 232 11.18 -13.08 -15.63
C ASN C 232 12.25 -14.16 -15.72
N PRO C 233 11.97 -15.33 -16.32
CA PRO C 233 12.97 -16.39 -16.49
C PRO C 233 14.05 -15.93 -17.49
N THR C 234 15.32 -16.29 -17.25
CA THR C 234 16.43 -15.85 -18.13
C THR C 234 16.25 -16.39 -19.55
N ILE C 235 15.88 -17.67 -19.70
CA ILE C 235 15.69 -18.29 -21.04
C ILE C 235 14.22 -18.63 -21.18
N PHE C 236 13.58 -18.18 -22.27
CA PHE C 236 12.16 -18.37 -22.47
C PHE C 236 11.71 -18.65 -23.89
N GLU C 237 10.97 -19.76 -24.11
CA GLU C 237 10.48 -20.14 -25.44
C GLU C 237 9.40 -19.18 -25.94
N GLU C 238 9.24 -19.08 -27.28
CA GLU C 238 8.29 -18.20 -27.97
C GLU C 238 6.84 -18.34 -27.47
N GLU C 239 6.39 -19.59 -27.18
CA GLU C 239 5.06 -19.89 -26.67
C GLU C 239 4.99 -19.64 -25.17
N GLU C 240 6.10 -19.88 -24.45
CA GLU C 240 6.19 -19.66 -23.00
C GLU C 240 6.09 -18.16 -22.69
N LYS C 241 6.91 -17.34 -23.37
CA LYS C 241 7.00 -15.87 -23.26
C LYS C 241 5.66 -15.21 -23.60
N LYS C 242 5.05 -15.62 -24.74
CA LYS C 242 3.76 -15.15 -25.26
C LYS C 242 2.64 -15.22 -24.22
N VAL C 243 2.60 -16.31 -23.42
CA VAL C 243 1.58 -16.54 -22.40
C VAL C 243 2.01 -15.96 -21.04
N LEU C 244 3.31 -15.96 -20.75
CA LEU C 244 3.82 -15.39 -19.47
C LEU C 244 3.61 -13.88 -19.49
N THR C 245 3.76 -13.27 -20.67
CA THR C 245 3.56 -11.83 -20.89
C THR C 245 2.12 -11.47 -20.48
N ARG C 246 1.15 -12.34 -20.86
CA ARG C 246 -0.27 -12.17 -20.55
C ARG C 246 -0.50 -12.29 -19.06
N VAL C 247 0.12 -13.31 -18.40
CA VAL C 247 0.00 -13.59 -16.97
C VAL C 247 0.55 -12.43 -16.15
N LYS C 248 1.74 -11.93 -16.52
CA LYS C 248 2.38 -10.79 -15.87
C LYS C 248 1.51 -9.52 -15.91
N GLY C 249 0.67 -9.42 -16.94
CA GLY C 249 -0.23 -8.30 -17.18
C GLY C 249 -1.64 -8.41 -16.62
N THR C 250 -1.93 -9.48 -15.83
CA THR C 250 -3.26 -9.64 -15.22
C THR C 250 -3.49 -8.56 -14.17
N ASP C 251 -4.56 -7.77 -14.35
CA ASP C 251 -4.91 -6.64 -13.47
C ASP C 251 -5.56 -7.13 -12.21
N VAL C 252 -4.73 -7.63 -11.28
CA VAL C 252 -5.20 -8.13 -9.99
C VAL C 252 -5.66 -6.94 -9.14
N ASN C 253 -5.10 -5.75 -9.38
CA ASN C 253 -5.49 -4.51 -8.70
C ASN C 253 -6.96 -4.12 -9.00
N VAL C 254 -7.47 -4.40 -10.22
CA VAL C 254 -8.86 -4.11 -10.60
C VAL C 254 -9.82 -5.02 -9.80
N VAL C 255 -9.37 -6.27 -9.49
CA VAL C 255 -10.16 -7.22 -8.70
C VAL C 255 -10.21 -6.75 -7.24
N ILE C 256 -9.07 -6.32 -6.68
CA ILE C 256 -8.99 -5.83 -5.30
C ILE C 256 -9.86 -4.57 -5.14
N ASN C 257 -9.78 -3.66 -6.12
CA ASN C 257 -10.60 -2.44 -6.14
C ASN C 257 -12.09 -2.76 -6.23
N PHE C 258 -12.45 -3.81 -7.03
CA PHE C 258 -13.84 -4.28 -7.19
C PHE C 258 -14.38 -4.70 -5.86
N LEU C 259 -13.60 -5.50 -5.12
CA LEU C 259 -13.95 -5.98 -3.78
C LEU C 259 -14.00 -4.85 -2.79
N TRP C 260 -13.13 -3.80 -2.94
CA TRP C 260 -13.14 -2.62 -2.05
C TRP C 260 -14.44 -1.83 -2.20
N ASN C 261 -14.81 -1.48 -3.44
CA ASN C 261 -16.07 -0.78 -3.75
C ASN C 261 -17.29 -1.54 -3.22
N ILE C 262 -17.31 -2.88 -3.36
CA ILE C 262 -18.42 -3.72 -2.87
C ILE C 262 -18.49 -3.66 -1.33
N ARG C 263 -17.37 -3.85 -0.64
CA ARG C 263 -17.35 -3.80 0.80
C ARG C 263 -17.76 -2.42 1.34
N ASN C 264 -17.29 -1.34 0.73
CA ASN C 264 -17.59 0.00 1.22
C ASN C 264 -18.88 0.63 0.67
N GLY C 265 -19.63 -0.16 -0.11
CA GLY C 265 -20.93 0.26 -0.62
C GLY C 265 -20.95 1.16 -1.83
N PHE C 266 -19.84 1.26 -2.57
CA PHE C 266 -19.79 2.02 -3.83
C PHE C 266 -20.31 1.09 -4.94
N THR C 267 -21.63 0.79 -4.85
CA THR C 267 -22.40 -0.13 -5.68
C THR C 267 -22.41 0.23 -7.16
N VAL C 268 -22.57 1.52 -7.51
CA VAL C 268 -22.57 1.93 -8.93
C VAL C 268 -21.22 1.58 -9.57
N ASN C 269 -20.13 1.93 -8.89
CA ASN C 269 -18.74 1.74 -9.33
C ASN C 269 -18.38 0.26 -9.46
N ALA C 270 -18.83 -0.55 -8.50
CA ALA C 270 -18.62 -1.99 -8.52
C ALA C 270 -19.26 -2.59 -9.78
N VAL C 271 -20.54 -2.23 -10.04
CA VAL C 271 -21.33 -2.67 -11.19
C VAL C 271 -20.73 -2.18 -12.52
N LYS C 272 -20.19 -0.95 -12.56
CA LYS C 272 -19.57 -0.39 -13.77
C LYS C 272 -18.30 -1.12 -14.16
N SER C 273 -17.59 -1.66 -13.14
CA SER C 273 -16.35 -2.42 -13.30
C SER C 273 -16.58 -3.84 -13.83
N MET C 274 -17.80 -4.39 -13.67
CA MET C 274 -18.16 -5.76 -14.05
C MET C 274 -17.76 -6.18 -15.46
N ASN C 275 -17.94 -5.32 -16.44
CA ASN C 275 -17.57 -5.67 -17.84
C ASN C 275 -16.05 -5.78 -17.97
N GLU C 276 -15.33 -4.85 -17.36
CA GLU C 276 -13.85 -4.82 -17.39
C GLU C 276 -13.36 -6.13 -16.77
N LEU C 277 -13.86 -6.46 -15.56
CA LEU C 277 -13.56 -7.69 -14.82
C LEU C 277 -13.85 -8.94 -15.67
N LYS C 278 -14.98 -8.93 -16.40
CA LYS C 278 -15.38 -10.03 -17.28
C LYS C 278 -14.26 -10.36 -18.26
N ASN C 279 -13.61 -9.31 -18.84
CA ASN C 279 -12.48 -9.47 -19.75
C ASN C 279 -11.24 -9.93 -19.01
N ILE C 280 -11.00 -9.38 -17.78
CA ILE C 280 -9.83 -9.74 -16.95
C ILE C 280 -9.80 -11.27 -16.75
N ILE C 281 -10.93 -11.84 -16.27
CA ILE C 281 -11.07 -13.27 -15.99
C ILE C 281 -11.16 -14.11 -17.27
N ASN C 282 -11.73 -13.56 -18.37
CA ASN C 282 -11.83 -14.30 -19.64
C ASN C 282 -10.43 -14.57 -20.17
N GLN C 283 -9.52 -13.63 -19.93
CA GLN C 283 -8.11 -13.81 -20.34
C GLN C 283 -7.42 -14.72 -19.32
N LEU C 284 -7.63 -14.48 -18.02
CA LEU C 284 -7.01 -15.31 -16.98
C LEU C 284 -7.37 -16.80 -17.13
N GLU C 285 -8.58 -17.11 -17.64
CA GLU C 285 -9.04 -18.48 -17.92
C GLU C 285 -8.15 -19.04 -19.04
N GLU C 286 -8.03 -18.29 -20.18
CA GLU C 286 -7.19 -18.62 -21.34
C GLU C 286 -5.75 -18.92 -20.91
N ASP C 287 -5.16 -18.04 -20.05
CA ASP C 287 -3.80 -18.19 -19.52
C ASP C 287 -3.69 -19.37 -18.60
N LEU C 288 -4.73 -19.61 -17.81
CA LEU C 288 -4.74 -20.74 -16.85
C LEU C 288 -4.79 -22.06 -17.61
N GLU C 289 -5.55 -22.11 -18.71
CA GLU C 289 -5.65 -23.36 -19.51
C GLU C 289 -4.26 -23.66 -20.10
N LYS C 290 -3.61 -22.64 -20.65
CA LYS C 290 -2.27 -22.77 -21.24
C LYS C 290 -1.23 -23.11 -20.18
N LEU C 291 -1.22 -22.42 -19.03
CA LEU C 291 -0.29 -22.74 -17.95
C LEU C 291 -0.54 -24.15 -17.39
N LYS C 292 -1.83 -24.51 -17.19
CA LYS C 292 -2.23 -25.84 -16.70
C LYS C 292 -1.67 -26.90 -17.62
N SER C 293 -1.83 -26.70 -18.95
CA SER C 293 -1.31 -27.59 -19.99
C SER C 293 0.22 -27.69 -19.91
N PHE C 294 0.91 -26.57 -19.61
CA PHE C 294 2.35 -26.46 -19.46
C PHE C 294 2.84 -27.31 -18.30
N TYR C 295 2.16 -27.21 -17.14
CA TYR C 295 2.50 -27.96 -15.93
C TYR C 295 2.08 -29.44 -16.00
N LYS C 296 1.08 -29.76 -16.86
CA LYS C 296 0.63 -31.13 -17.09
C LYS C 296 1.67 -31.85 -17.96
N ASN C 297 2.30 -31.11 -18.89
CA ASN C 297 3.37 -31.58 -19.77
C ASN C 297 4.65 -30.84 -19.36
N TRP C 298 4.95 -30.82 -18.03
CA TRP C 298 6.07 -30.10 -17.41
C TRP C 298 7.45 -30.46 -17.95
N GLU C 299 7.60 -31.63 -18.57
CA GLU C 299 8.87 -32.10 -19.11
C GLU C 299 9.37 -31.24 -20.29
N GLU C 300 8.44 -30.51 -20.97
CA GLU C 300 8.72 -29.64 -22.11
C GLU C 300 8.96 -28.19 -21.71
N HIS C 301 8.55 -27.81 -20.49
CA HIS C 301 8.73 -26.45 -20.03
C HIS C 301 9.61 -26.43 -18.79
N LYS C 302 10.83 -26.96 -18.94
CA LYS C 302 11.82 -27.05 -17.87
C LYS C 302 12.40 -25.68 -17.47
N ASN C 303 12.07 -24.60 -18.23
CA ASN C 303 12.51 -23.22 -17.92
C ASN C 303 11.85 -22.72 -16.62
N PHE C 304 10.65 -23.22 -16.32
CA PHE C 304 9.86 -22.89 -15.14
C PHE C 304 10.30 -23.70 -13.91
N GLN C 305 11.20 -24.69 -14.11
CA GLN C 305 11.61 -25.63 -13.05
C GLN C 305 12.16 -24.95 -11.78
N GLY C 306 12.71 -23.76 -11.89
CA GLY C 306 13.25 -23.07 -10.72
C GLY C 306 12.43 -21.90 -10.21
N GLU C 307 11.36 -21.51 -10.96
CA GLU C 307 10.52 -20.37 -10.63
C GLU C 307 9.68 -20.54 -9.38
N THR C 308 9.69 -19.49 -8.52
CA THR C 308 8.99 -19.40 -7.24
C THR C 308 7.90 -18.32 -7.18
N LEU C 309 7.85 -17.43 -8.18
CA LEU C 309 6.92 -16.30 -8.24
C LEU C 309 5.56 -16.65 -8.84
N LEU C 310 5.54 -17.52 -9.88
CA LEU C 310 4.29 -17.92 -10.53
C LEU C 310 3.67 -19.11 -9.79
N VAL C 311 2.61 -18.84 -9.01
CA VAL C 311 1.89 -19.84 -8.23
C VAL C 311 0.50 -20.01 -8.86
N LEU C 312 0.27 -21.16 -9.50
CA LEU C 312 -0.97 -21.55 -10.17
C LEU C 312 -2.21 -21.38 -9.30
N SER C 313 -2.10 -21.75 -8.00
CA SER C 313 -3.21 -21.68 -7.05
C SER C 313 -3.69 -20.25 -6.82
N ASP C 314 -2.76 -19.26 -6.77
CA ASP C 314 -3.05 -17.82 -6.58
C ASP C 314 -3.93 -17.32 -7.72
N LEU C 315 -3.58 -17.70 -8.96
CA LEU C 315 -4.30 -17.32 -10.15
C LEU C 315 -5.62 -18.07 -10.27
N ASP C 316 -5.63 -19.40 -10.03
CA ASP C 316 -6.84 -20.21 -10.10
C ASP C 316 -7.89 -19.79 -9.06
N SER C 317 -7.44 -19.37 -7.85
CA SER C 317 -8.31 -18.90 -6.78
C SER C 317 -8.96 -17.58 -7.16
N THR C 318 -8.23 -16.76 -7.91
CA THR C 318 -8.71 -15.47 -8.41
C THR C 318 -9.88 -15.65 -9.38
N LEU C 319 -9.94 -16.77 -10.13
CA LEU C 319 -11.01 -17.04 -11.08
C LEU C 319 -12.39 -17.15 -10.44
N LYS C 320 -12.43 -17.28 -9.09
CA LYS C 320 -13.69 -17.36 -8.35
C LYS C 320 -14.48 -16.05 -8.44
N VAL C 321 -13.80 -14.92 -8.75
CA VAL C 321 -14.42 -13.59 -8.91
C VAL C 321 -15.41 -13.61 -10.10
N LYS C 322 -15.35 -14.64 -10.95
CA LYS C 322 -16.23 -14.84 -12.11
C LYS C 322 -17.70 -14.96 -11.63
N ASP C 323 -17.88 -15.51 -10.41
CA ASP C 323 -19.18 -15.71 -9.77
C ASP C 323 -19.82 -14.40 -9.38
N LEU C 324 -19.02 -13.37 -9.09
CA LEU C 324 -19.51 -12.05 -8.69
C LEU C 324 -20.01 -11.19 -9.86
N LEU C 325 -19.90 -11.70 -11.10
CA LEU C 325 -20.23 -11.00 -12.34
C LEU C 325 -21.54 -11.48 -12.96
N ILE C 326 -22.18 -10.59 -13.73
CA ILE C 326 -23.41 -10.86 -14.46
C ILE C 326 -23.48 -9.95 -15.68
N GLU C 327 -24.27 -10.35 -16.70
CA GLU C 327 -24.48 -9.55 -17.90
C GLU C 327 -25.83 -8.84 -17.78
N GLY C 328 -25.92 -7.67 -18.42
CA GLY C 328 -27.15 -6.89 -18.41
C GLY C 328 -26.90 -5.43 -18.14
N ASN C 329 -27.97 -4.63 -18.08
CA ASN C 329 -27.84 -3.21 -17.79
C ASN C 329 -27.41 -3.01 -16.33
N ASP C 330 -26.89 -1.82 -16.00
CA ASP C 330 -26.40 -1.50 -14.67
C ASP C 330 -27.44 -1.76 -13.54
N LEU C 331 -28.74 -1.63 -13.85
CA LEU C 331 -29.81 -1.93 -12.89
C LEU C 331 -29.85 -3.42 -12.59
N GLU C 332 -29.77 -4.28 -13.64
CA GLU C 332 -29.74 -5.74 -13.52
C GLU C 332 -28.48 -6.22 -12.79
N LYS C 333 -27.35 -5.52 -13.01
CA LYS C 333 -26.09 -5.82 -12.34
C LYS C 333 -26.20 -5.48 -10.83
N LEU C 334 -26.84 -4.32 -10.49
CA LEU C 334 -27.08 -3.91 -9.11
C LEU C 334 -28.02 -4.90 -8.38
N ASN C 335 -29.00 -5.44 -9.12
CA ASN C 335 -29.98 -6.41 -8.62
C ASN C 335 -29.28 -7.69 -8.19
N TYR C 336 -28.30 -8.12 -8.98
CA TYR C 336 -27.48 -9.29 -8.72
C TYR C 336 -26.63 -9.05 -7.48
N LEU C 337 -26.02 -7.83 -7.40
CA LEU C 337 -25.20 -7.40 -6.28
C LEU C 337 -25.96 -7.47 -4.96
N LEU C 338 -27.29 -7.14 -4.99
CA LEU C 338 -28.16 -7.22 -3.80
C LEU C 338 -28.14 -8.65 -3.25
N ASP C 339 -28.32 -9.67 -4.15
CA ASP C 339 -28.26 -11.10 -3.82
C ASP C 339 -26.90 -11.47 -3.26
N LEU C 340 -25.79 -10.90 -3.81
CA LEU C 340 -24.43 -11.14 -3.37
C LEU C 340 -24.27 -10.67 -1.93
N TYR C 341 -24.78 -9.44 -1.62
CA TYR C 341 -24.73 -8.87 -0.26
C TYR C 341 -25.50 -9.74 0.71
N ILE C 342 -26.66 -10.29 0.28
CA ILE C 342 -27.48 -11.18 1.09
C ILE C 342 -26.69 -12.43 1.45
N LYS C 343 -26.17 -13.19 0.44
CA LYS C 343 -25.38 -14.42 0.65
C LYS C 343 -24.15 -14.17 1.54
N ALA C 344 -23.46 -13.03 1.33
CA ALA C 344 -22.27 -12.65 2.10
C ALA C 344 -22.56 -12.16 3.52
N SER C 345 -23.83 -12.02 3.88
CA SER C 345 -24.29 -11.57 5.20
C SER C 345 -23.91 -10.10 5.51
N ILE C 346 -23.80 -9.25 4.48
CA ILE C 346 -23.50 -7.83 4.66
C ILE C 346 -24.87 -7.14 4.72
N TYR C 347 -25.50 -7.19 5.90
CA TYR C 347 -26.85 -6.73 6.18
C TYR C 347 -27.06 -5.25 5.85
N ASP C 348 -26.14 -4.38 6.28
CA ASP C 348 -26.15 -2.93 6.05
C ASP C 348 -26.26 -2.56 4.56
N LYS C 349 -25.31 -3.08 3.76
CA LYS C 349 -25.23 -2.84 2.35
C LYS C 349 -26.40 -3.42 1.56
N ALA C 350 -26.88 -4.61 1.97
CA ALA C 350 -28.03 -5.27 1.34
C ALA C 350 -29.29 -4.44 1.52
N LEU C 351 -29.55 -3.97 2.75
CA LEU C 351 -30.75 -3.20 3.03
C LEU C 351 -30.75 -1.81 2.40
N SER C 352 -29.59 -1.13 2.31
CA SER C 352 -29.49 0.18 1.67
C SER C 352 -29.71 0.06 0.16
N LEU C 353 -29.18 -1.01 -0.46
CA LEU C 353 -29.35 -1.29 -1.88
C LEU C 353 -30.81 -1.64 -2.16
N ALA C 354 -31.45 -2.42 -1.29
CA ALA C 354 -32.87 -2.77 -1.41
C ALA C 354 -33.76 -1.53 -1.30
N ARG C 355 -33.29 -0.48 -0.63
CA ARG C 355 -34.03 0.77 -0.44
C ARG C 355 -33.82 1.74 -1.63
N GLU C 356 -32.60 1.79 -2.17
CA GLU C 356 -32.25 2.75 -3.21
C GLU C 356 -32.43 2.23 -4.64
N LEU C 357 -32.26 0.90 -4.86
CA LEU C 357 -32.44 0.31 -6.20
C LEU C 357 -33.86 0.55 -6.76
N PRO C 358 -34.98 0.43 -6.00
CA PRO C 358 -36.29 0.75 -6.58
C PRO C 358 -36.48 2.20 -7.04
N VAL C 359 -35.70 3.16 -6.48
CA VAL C 359 -35.74 4.59 -6.87
C VAL C 359 -35.13 4.69 -8.28
N ALA C 360 -33.99 4.01 -8.50
CA ALA C 360 -33.30 3.97 -9.78
C ALA C 360 -34.17 3.27 -10.81
N ILE C 361 -34.85 2.17 -10.42
CA ILE C 361 -35.75 1.40 -11.28
C ILE C 361 -36.85 2.31 -11.78
N CYS C 362 -37.42 3.10 -10.86
CA CYS C 362 -38.46 4.08 -11.06
C CYS C 362 -37.98 5.18 -12.01
N LEU C 363 -36.75 5.69 -11.79
CA LEU C 363 -36.12 6.75 -12.57
C LEU C 363 -35.94 6.31 -14.02
N ASN C 364 -35.48 5.08 -14.21
CA ASN C 364 -35.31 4.48 -15.52
C ASN C 364 -36.64 4.46 -16.30
N LYS C 365 -37.75 4.02 -15.65
CA LYS C 365 -39.09 3.92 -16.24
C LYS C 365 -39.59 5.27 -16.73
N VAL C 366 -39.18 6.36 -16.06
CA VAL C 366 -39.59 7.75 -16.35
C VAL C 366 -38.61 8.43 -17.37
N GLY C 367 -37.69 7.65 -17.92
CA GLY C 367 -36.76 8.12 -18.93
C GLY C 367 -35.38 8.51 -18.42
N GLY C 368 -35.18 8.35 -17.13
CA GLY C 368 -33.90 8.68 -16.50
C GLY C 368 -33.91 9.97 -15.70
N GLY C 369 -32.87 10.11 -14.91
CA GLY C 369 -32.66 11.24 -14.01
C GLY C 369 -31.47 11.03 -13.09
N MET C 370 -31.15 12.07 -12.32
CA MET C 370 -30.04 12.08 -11.39
C MET C 370 -30.51 11.99 -9.97
N PHE C 371 -29.78 11.25 -9.12
CA PHE C 371 -30.08 11.13 -7.70
C PHE C 371 -29.70 12.46 -7.02
N ASP C 372 -30.59 13.45 -7.10
CA ASP C 372 -30.42 14.78 -6.53
C ASP C 372 -31.80 15.37 -6.29
N ASP C 373 -31.98 16.02 -5.14
CA ASP C 373 -33.24 16.64 -4.70
C ASP C 373 -33.74 17.74 -5.63
N LYS C 374 -32.84 18.33 -6.43
CA LYS C 374 -33.17 19.36 -7.43
C LYS C 374 -33.83 18.73 -8.68
N ASN C 375 -33.68 17.39 -8.86
CA ASN C 375 -34.26 16.65 -9.99
C ASN C 375 -35.68 16.27 -9.59
N GLU C 376 -36.69 16.80 -10.35
CA GLU C 376 -38.11 16.55 -10.10
C GLU C 376 -38.44 15.06 -10.18
N LYS C 377 -37.98 14.39 -11.27
CA LYS C 377 -38.18 12.95 -11.48
C LYS C 377 -37.71 12.13 -10.29
N TYR C 378 -36.54 12.47 -9.72
CA TYR C 378 -36.00 11.80 -8.54
C TYR C 378 -36.88 12.10 -7.32
N LYS C 379 -37.19 13.38 -7.07
CA LYS C 379 -37.99 13.84 -5.93
C LYS C 379 -39.25 12.98 -5.74
N HIS C 380 -40.07 12.87 -6.83
CA HIS C 380 -41.32 12.10 -6.86
C HIS C 380 -41.08 10.60 -6.81
N CYS C 381 -40.08 10.10 -7.56
CA CYS C 381 -39.71 8.67 -7.56
C CYS C 381 -39.31 8.21 -6.19
N ASN C 382 -38.52 9.01 -5.46
CA ASN C 382 -38.09 8.69 -4.11
C ASN C 382 -39.29 8.71 -3.15
N GLU C 383 -40.12 9.75 -3.23
CA GLU C 383 -41.32 9.87 -2.43
C GLU C 383 -42.24 8.64 -2.57
N ILE C 384 -42.42 8.12 -3.81
CA ILE C 384 -43.20 6.91 -4.10
C ILE C 384 -42.61 5.67 -3.39
N VAL C 385 -41.31 5.38 -3.59
CA VAL C 385 -40.73 4.18 -2.98
C VAL C 385 -40.66 4.35 -1.44
N THR C 386 -40.33 5.54 -0.92
CA THR C 386 -40.27 5.78 0.52
C THR C 386 -41.64 5.53 1.15
N SER C 387 -42.72 6.15 0.62
CA SER C 387 -44.06 5.96 1.13
C SER C 387 -44.59 4.55 0.94
N TYR C 388 -44.26 3.88 -0.19
CA TYR C 388 -44.68 2.48 -0.40
C TYR C 388 -44.00 1.55 0.60
N LEU C 389 -42.71 1.81 0.89
CA LEU C 389 -41.96 1.03 1.88
C LEU C 389 -42.54 1.26 3.27
N ARG C 390 -42.79 2.51 3.67
CA ARG C 390 -43.39 2.81 4.98
C ARG C 390 -44.81 2.25 5.11
N LEU C 391 -45.51 2.07 3.97
CA LEU C 391 -46.89 1.57 3.93
C LEU C 391 -46.98 0.05 4.03
N ARG C 392 -46.18 -0.67 3.23
CA ARG C 392 -46.23 -2.13 3.16
C ARG C 392 -45.03 -2.86 3.78
N TYR C 393 -43.83 -2.27 3.72
CA TYR C 393 -42.58 -2.87 4.20
C TYR C 393 -41.95 -2.04 5.33
N SER C 394 -42.70 -1.87 6.44
CA SER C 394 -42.32 -1.10 7.64
C SER C 394 -41.03 -1.65 8.29
N GLY C 395 -40.91 -2.99 8.31
CA GLY C 395 -39.78 -3.73 8.86
C GLY C 395 -38.48 -3.42 8.15
N LEU C 396 -38.49 -3.49 6.79
CA LEU C 396 -37.36 -3.23 5.90
C LEU C 396 -36.75 -1.86 6.21
N MET C 397 -37.62 -0.84 6.28
CA MET C 397 -37.23 0.55 6.51
C MET C 397 -36.64 0.75 7.91
N GLU C 398 -37.16 0.02 8.91
CA GLU C 398 -36.70 0.10 10.30
C GLU C 398 -35.29 -0.50 10.45
N PHE C 399 -35.08 -1.75 9.95
CA PHE C 399 -33.78 -2.43 9.99
C PHE C 399 -32.72 -1.61 9.26
N ARG C 400 -33.09 -0.98 8.12
CA ARG C 400 -32.20 -0.16 7.29
C ARG C 400 -31.59 1.01 8.04
N ASN C 401 -32.42 1.82 8.70
CA ASN C 401 -31.94 2.99 9.43
C ASN C 401 -31.16 2.62 10.68
N THR C 402 -31.55 1.53 11.36
CA THR C 402 -30.85 1.05 12.54
C THR C 402 -29.40 0.66 12.16
N LEU C 403 -29.24 -0.18 11.13
CA LEU C 403 -27.95 -0.64 10.65
C LEU C 403 -27.08 0.48 10.07
N MET C 404 -27.74 1.49 9.46
CA MET C 404 -27.13 2.67 8.88
C MET C 404 -26.53 3.62 9.93
N HIS C 405 -27.21 3.86 11.04
CA HIS C 405 -26.74 4.77 12.08
C HIS C 405 -26.03 4.08 13.26
N GLY C 406 -26.24 2.77 13.39
CA GLY C 406 -25.61 1.97 14.45
C GLY C 406 -26.20 2.15 15.83
N GLY C 407 -25.45 1.68 16.81
CA GLY C 407 -25.78 1.68 18.23
C GLY C 407 -26.04 3.04 18.84
N LEU C 408 -25.04 3.95 18.80
CA LEU C 408 -25.21 5.30 19.34
C LEU C 408 -26.00 6.11 18.34
N SER C 409 -27.35 6.14 18.45
CA SER C 409 -28.25 6.89 17.54
C SER C 409 -29.68 6.94 18.07
N THR C 410 -30.49 7.87 17.50
CA THR C 410 -31.91 8.04 17.83
C THR C 410 -32.69 6.81 17.37
N ASP C 411 -32.14 6.10 16.34
CA ASP C 411 -32.71 4.88 15.80
C ASP C 411 -32.68 3.72 16.80
N MET C 412 -31.78 3.79 17.81
CA MET C 412 -31.65 2.77 18.85
C MET C 412 -32.04 3.28 20.23
N LYS C 413 -32.10 4.61 20.39
CA LYS C 413 -32.47 5.32 21.63
C LYS C 413 -31.69 4.84 22.91
N PRO C 414 -30.34 4.75 22.90
CA PRO C 414 -29.64 4.36 24.15
C PRO C 414 -29.67 5.49 25.19
N ASN C 415 -29.42 5.15 26.46
CA ASN C 415 -29.42 6.14 27.52
C ASN C 415 -28.05 6.23 28.17
N VAL C 416 -27.49 7.45 28.24
CA VAL C 416 -26.19 7.77 28.84
C VAL C 416 -26.45 8.22 30.31
N ASP C 417 -25.61 7.72 31.26
CA ASP C 417 -25.68 8.02 32.70
C ASP C 417 -24.77 9.16 33.13
N LYS C 418 -24.90 9.59 34.41
CA LYS C 418 -24.02 10.54 35.08
C LYS C 418 -22.60 9.92 35.15
N ASP C 419 -22.54 8.58 35.38
CA ASP C 419 -21.34 7.76 35.52
C ASP C 419 -20.60 7.46 34.22
N GLY C 420 -21.24 7.75 33.09
CA GLY C 420 -20.67 7.50 31.77
C GLY C 420 -20.95 6.10 31.26
N ASN C 421 -22.03 5.48 31.76
CA ASN C 421 -22.46 4.15 31.33
C ASN C 421 -23.72 4.23 30.48
N ILE C 422 -23.75 3.47 29.37
CA ILE C 422 -24.86 3.49 28.43
C ILE C 422 -25.67 2.21 28.47
N THR C 423 -27.01 2.35 28.48
CA THR C 423 -27.95 1.21 28.45
C THR C 423 -28.72 1.22 27.09
N PRO C 424 -28.52 0.18 26.21
CA PRO C 424 -29.20 0.19 24.90
C PRO C 424 -30.71 0.35 24.96
N GLY C 425 -31.30 0.96 23.92
CA GLY C 425 -32.72 1.24 23.91
C GLY C 425 -33.63 0.14 23.43
N LYS C 426 -33.44 -0.29 22.17
CA LYS C 426 -34.28 -1.28 21.52
C LYS C 426 -33.74 -2.70 21.56
N ILE C 427 -32.42 -2.85 21.78
CA ILE C 427 -31.64 -4.11 21.77
C ILE C 427 -32.21 -5.09 20.67
N VAL C 428 -31.98 -4.73 19.37
CA VAL C 428 -32.40 -5.58 18.24
C VAL C 428 -31.39 -6.74 18.09
N THR C 429 -31.91 -7.99 18.11
CA THR C 429 -31.12 -9.22 18.10
C THR C 429 -30.52 -9.59 16.71
N LYS C 430 -29.41 -10.32 16.76
CA LYS C 430 -28.64 -10.87 15.66
C LYS C 430 -29.55 -11.74 14.78
N ASN C 431 -30.40 -12.56 15.40
CA ASN C 431 -31.32 -13.46 14.70
C ASN C 431 -32.40 -12.77 13.90
N LYS C 432 -33.04 -11.71 14.48
CA LYS C 432 -34.13 -11.00 13.78
C LYS C 432 -33.65 -10.37 12.48
N ILE C 433 -32.41 -9.84 12.48
CA ILE C 433 -31.78 -9.22 11.34
C ILE C 433 -31.37 -10.30 10.30
N GLU C 434 -30.66 -11.37 10.74
CA GLU C 434 -30.23 -12.50 9.90
C GLU C 434 -31.44 -13.14 9.21
N ASP C 435 -32.48 -13.50 9.97
CA ASP C 435 -33.70 -14.12 9.44
C ASP C 435 -34.38 -13.22 8.41
N PHE C 436 -34.55 -11.93 8.72
CA PHE C 436 -35.21 -11.01 7.80
C PHE C 436 -34.48 -10.92 6.45
N VAL C 437 -33.17 -10.54 6.42
CA VAL C 437 -32.50 -10.37 5.12
C VAL C 437 -32.30 -11.72 4.41
N LYS C 438 -31.82 -12.77 5.12
CA LYS C 438 -31.61 -14.08 4.50
C LYS C 438 -32.89 -14.79 4.02
N ARG C 439 -34.04 -14.55 4.67
CA ARG C 439 -35.31 -15.22 4.32
C ARG C 439 -36.39 -14.38 3.63
N GLU C 440 -36.45 -13.06 3.90
CA GLU C 440 -37.52 -12.21 3.37
C GLU C 440 -37.08 -11.12 2.43
N LEU C 441 -35.88 -10.52 2.62
CA LEU C 441 -35.44 -9.38 1.82
C LEU C 441 -35.60 -9.58 0.30
N ARG C 442 -35.10 -10.70 -0.27
CA ARG C 442 -35.28 -10.91 -1.70
C ARG C 442 -36.78 -11.01 -2.12
N ASN C 443 -37.61 -11.81 -1.43
CA ASN C 443 -39.04 -11.95 -1.76
C ASN C 443 -39.76 -10.59 -1.68
N TYR C 444 -39.40 -9.78 -0.67
CA TYR C 444 -39.96 -8.45 -0.45
C TYR C 444 -39.50 -7.52 -1.56
N PHE C 445 -38.18 -7.49 -1.85
CA PHE C 445 -37.62 -6.65 -2.91
C PHE C 445 -38.25 -6.94 -4.27
N ASP C 446 -38.41 -8.23 -4.60
CA ASP C 446 -39.00 -8.67 -5.85
C ASP C 446 -40.45 -8.20 -6.01
N LYS C 447 -41.18 -8.06 -4.89
CA LYS C 447 -42.56 -7.57 -4.88
C LYS C 447 -42.57 -6.04 -5.04
N ILE C 448 -41.61 -5.33 -4.42
CA ILE C 448 -41.43 -3.87 -4.51
C ILE C 448 -41.17 -3.49 -5.98
N VAL C 449 -40.19 -4.17 -6.63
CA VAL C 449 -39.83 -3.98 -8.03
C VAL C 449 -40.97 -4.37 -8.97
N ASN C 450 -41.73 -5.41 -8.60
CA ASN C 450 -42.87 -5.88 -9.38
C ASN C 450 -43.91 -4.77 -9.47
N PHE C 451 -44.18 -4.11 -8.31
CA PHE C 451 -45.11 -2.99 -8.20
C PHE C 451 -44.63 -1.78 -9.01
N LEU C 452 -43.35 -1.40 -8.84
CA LEU C 452 -42.73 -0.25 -9.51
C LEU C 452 -42.57 -0.42 -11.04
N SER C 453 -42.83 -1.63 -11.59
CA SER C 453 -42.77 -1.87 -13.03
C SER C 453 -43.95 -1.16 -13.71
N SER C 454 -45.14 -1.27 -13.10
CA SER C 454 -46.40 -0.66 -13.53
C SER C 454 -46.34 0.88 -13.62
N ALA C 455 -45.30 1.50 -13.00
CA ALA C 455 -45.08 2.96 -12.98
C ALA C 455 -44.79 3.51 -14.37
N MET D 2 -15.86 -38.69 -10.13
CA MET D 2 -16.60 -38.62 -8.87
C MET D 2 -15.64 -38.66 -7.67
N LYS D 3 -15.36 -39.85 -7.12
CA LYS D 3 -14.48 -40.06 -5.97
C LYS D 3 -13.12 -40.49 -6.52
N CYS D 4 -12.05 -39.75 -6.22
CA CYS D 4 -10.72 -40.11 -6.73
C CYS D 4 -9.71 -40.28 -5.63
N LEU D 5 -8.91 -41.34 -5.72
CA LEU D 5 -7.83 -41.63 -4.79
C LEU D 5 -6.51 -41.22 -5.42
N PHE D 6 -5.79 -40.32 -4.77
CA PHE D 6 -4.50 -39.82 -5.21
C PHE D 6 -3.44 -40.35 -4.29
N TYR D 7 -2.35 -40.88 -4.86
CA TYR D 7 -1.25 -41.37 -4.05
C TYR D 7 0.07 -41.07 -4.71
N ILE D 8 1.07 -40.78 -3.87
CA ILE D 8 2.41 -40.50 -4.33
C ILE D 8 3.22 -41.78 -4.15
N ALA D 9 3.91 -42.24 -5.23
CA ALA D 9 4.65 -43.51 -5.25
C ALA D 9 6.08 -43.46 -4.68
N GLY D 10 6.44 -44.58 -4.06
CA GLY D 10 7.74 -44.86 -3.48
C GLY D 10 8.33 -46.12 -4.09
N ASP D 11 9.58 -46.44 -3.71
CA ASP D 11 10.29 -47.63 -4.21
C ASP D 11 9.65 -48.93 -3.73
N VAL D 12 8.97 -49.63 -4.64
CA VAL D 12 8.23 -50.88 -4.27
C VAL D 12 9.19 -52.01 -3.88
N SER D 13 10.40 -52.06 -4.44
CA SER D 13 11.30 -53.17 -4.13
C SER D 13 11.55 -53.33 -2.61
N ASN D 14 11.17 -52.29 -1.82
CA ASN D 14 11.29 -52.27 -0.36
C ASN D 14 9.90 -52.45 0.33
N TYR D 15 8.93 -53.09 -0.37
CA TYR D 15 7.59 -53.33 0.17
C TYR D 15 7.36 -54.81 0.47
N SER D 16 6.62 -55.09 1.56
CA SER D 16 6.23 -56.44 1.98
C SER D 16 4.73 -56.48 2.30
N ILE D 17 4.11 -57.68 2.27
CA ILE D 17 2.68 -57.87 2.58
C ILE D 17 2.39 -57.59 4.05
N VAL D 18 1.50 -56.64 4.30
CA VAL D 18 1.09 -56.16 5.62
C VAL D 18 -0.46 -56.12 5.58
N ASN D 19 -1.07 -56.40 6.73
CA ASN D 19 -2.56 -56.41 6.86
C ASN D 19 -3.02 -55.05 7.39
N TYR D 20 -3.15 -54.07 6.50
CA TYR D 20 -3.62 -52.72 6.87
C TYR D 20 -5.03 -52.75 7.45
N GLU D 21 -5.28 -51.94 8.49
CA GLU D 21 -6.57 -51.91 9.16
C GLU D 21 -7.14 -50.51 9.36
N LEU D 22 -8.47 -50.40 9.20
CA LEU D 22 -9.26 -49.18 9.36
C LEU D 22 -10.70 -49.57 9.74
N ASN D 23 -11.11 -49.24 10.99
CA ASN D 23 -12.43 -49.51 11.59
C ASN D 23 -12.78 -51.02 11.77
N GLY D 24 -11.83 -51.90 11.46
CA GLY D 24 -11.98 -53.35 11.56
C GLY D 24 -12.04 -54.05 10.22
N GLN D 25 -12.22 -53.25 9.15
CA GLN D 25 -12.29 -53.69 7.76
C GLN D 25 -10.85 -53.83 7.23
N THR D 26 -10.26 -55.01 7.47
CA THR D 26 -8.89 -55.37 7.06
C THR D 26 -8.70 -55.39 5.53
N GLN D 27 -7.43 -55.24 5.09
CA GLN D 27 -7.00 -55.31 3.68
C GLN D 27 -5.53 -55.72 3.60
N ASN D 28 -5.28 -56.95 3.10
CA ASN D 28 -3.93 -57.51 2.97
C ASN D 28 -3.31 -57.12 1.62
N THR D 29 -2.20 -56.34 1.66
CA THR D 29 -1.43 -55.84 0.49
C THR D 29 0.00 -55.44 0.88
N PHE D 30 0.79 -54.97 -0.11
CA PHE D 30 2.16 -54.51 0.07
C PHE D 30 2.30 -52.98 -0.03
N PHE D 31 1.21 -52.27 -0.33
CA PHE D 31 1.17 -50.81 -0.39
C PHE D 31 -0.22 -50.28 -0.01
N ALA D 32 -0.24 -49.22 0.81
CA ALA D 32 -1.44 -48.59 1.39
C ALA D 32 -2.46 -48.08 0.39
N ALA D 33 -2.00 -47.60 -0.77
CA ALA D 33 -2.88 -47.08 -1.83
C ALA D 33 -3.88 -48.13 -2.31
N HIS D 34 -3.43 -49.39 -2.46
CA HIS D 34 -4.28 -50.51 -2.89
C HIS D 34 -5.30 -50.88 -1.81
N ALA D 35 -4.88 -50.84 -0.52
CA ALA D 35 -5.76 -51.12 0.62
C ALA D 35 -6.91 -50.10 0.65
N LEU D 36 -6.56 -48.79 0.59
CA LEU D 36 -7.51 -47.67 0.55
C LEU D 36 -8.43 -47.74 -0.67
N TYR D 37 -7.94 -48.27 -1.81
CA TYR D 37 -8.75 -48.44 -3.01
C TYR D 37 -9.88 -49.42 -2.74
N ASN D 38 -9.52 -50.59 -2.17
CA ASN D 38 -10.46 -51.65 -1.83
C ASN D 38 -11.45 -51.18 -0.74
N LEU D 39 -10.98 -50.39 0.24
CA LEU D 39 -11.87 -49.91 1.31
C LEU D 39 -12.85 -48.88 0.71
N PHE D 40 -12.33 -47.70 0.36
CA PHE D 40 -13.10 -46.58 -0.21
C PHE D 40 -13.66 -46.94 -1.60
N LYS D 41 -12.91 -47.72 -2.38
CA LYS D 41 -13.32 -48.13 -3.75
C LYS D 41 -13.63 -46.90 -4.60
N PRO D 42 -12.72 -45.90 -4.67
CA PRO D 42 -12.93 -44.70 -5.47
C PRO D 42 -12.96 -45.07 -6.96
N ASP D 43 -13.75 -44.33 -7.74
CA ASP D 43 -13.90 -44.60 -9.20
C ASP D 43 -12.57 -44.39 -9.93
N LYS D 44 -11.80 -43.36 -9.54
CA LYS D 44 -10.51 -43.06 -10.21
C LYS D 44 -9.35 -43.14 -9.22
N VAL D 45 -8.26 -43.80 -9.62
CA VAL D 45 -7.04 -43.91 -8.78
C VAL D 45 -5.87 -43.29 -9.56
N ILE D 46 -5.18 -42.32 -8.96
CA ILE D 46 -4.07 -41.58 -9.61
C ILE D 46 -2.82 -41.72 -8.76
N ALA D 47 -1.78 -42.33 -9.31
CA ALA D 47 -0.51 -42.49 -8.57
C ALA D 47 0.49 -41.49 -9.15
N LEU D 48 1.07 -40.65 -8.29
CA LEU D 48 2.07 -39.66 -8.76
C LEU D 48 3.44 -40.30 -8.62
N ILE D 49 4.18 -40.44 -9.72
CA ILE D 49 5.53 -41.07 -9.64
C ILE D 49 6.58 -40.00 -9.92
N PRO D 50 7.49 -39.69 -8.97
CA PRO D 50 8.51 -38.68 -9.19
C PRO D 50 9.51 -39.17 -10.24
N ASP D 51 9.95 -38.28 -11.14
CA ASP D 51 10.94 -38.65 -12.18
C ASP D 51 12.16 -39.25 -11.48
N SER D 52 12.25 -39.04 -10.16
CA SER D 52 13.35 -39.58 -9.36
C SER D 52 13.44 -41.11 -9.41
N LEU D 53 12.29 -41.77 -9.53
CA LEU D 53 12.18 -43.25 -9.54
C LEU D 53 12.50 -43.86 -10.91
N VAL D 54 11.47 -44.39 -11.58
CA VAL D 54 11.56 -45.10 -12.89
C VAL D 54 12.00 -44.15 -14.01
N LYS D 55 12.76 -44.69 -14.98
CA LYS D 55 13.26 -43.95 -16.17
C LYS D 55 13.36 -44.94 -17.33
N ASP D 56 13.04 -44.51 -18.57
CA ASP D 56 13.10 -45.44 -19.73
C ASP D 56 13.23 -44.67 -21.05
N ASN D 57 13.24 -45.42 -22.16
CA ASN D 57 13.34 -44.90 -23.52
C ASN D 57 12.03 -44.45 -24.15
N VAL D 58 10.89 -45.04 -23.72
CA VAL D 58 9.58 -44.73 -24.30
C VAL D 58 8.58 -44.22 -23.22
N SER D 59 8.16 -45.10 -22.27
CA SER D 59 7.18 -44.74 -21.25
C SER D 59 7.58 -45.16 -19.86
N ASP D 60 7.89 -44.17 -19.01
CA ASP D 60 8.29 -44.34 -17.61
C ASP D 60 7.06 -44.80 -16.82
N GLU D 61 5.86 -44.31 -17.23
CA GLU D 61 4.56 -44.63 -16.60
C GLU D 61 4.23 -46.11 -16.79
N GLU D 62 4.60 -46.67 -17.97
CA GLU D 62 4.39 -48.08 -18.29
C GLU D 62 5.38 -48.96 -17.54
N CYS D 63 6.58 -48.42 -17.24
CA CYS D 63 7.64 -49.16 -16.47
C CYS D 63 7.17 -49.30 -15.01
N TYR D 64 6.62 -48.21 -14.43
CA TYR D 64 6.11 -48.24 -13.06
C TYR D 64 4.98 -49.27 -12.95
N LYS D 65 4.07 -49.33 -13.95
CA LYS D 65 2.97 -50.30 -13.99
C LYS D 65 3.52 -51.74 -13.94
N ASN D 66 4.66 -51.97 -14.64
CA ASN D 66 5.32 -53.28 -14.68
C ASN D 66 6.16 -53.55 -13.44
N LEU D 67 6.68 -52.50 -12.78
CA LEU D 67 7.49 -52.58 -11.56
C LEU D 67 6.65 -53.13 -10.41
N VAL D 68 5.39 -52.65 -10.30
CA VAL D 68 4.43 -53.05 -9.27
C VAL D 68 3.96 -54.49 -9.50
N ILE D 69 3.76 -54.89 -10.77
CA ILE D 69 3.33 -56.26 -11.07
C ILE D 69 4.51 -57.26 -10.93
N ASN D 70 5.76 -56.75 -10.94
CA ASN D 70 6.96 -57.56 -10.73
C ASN D 70 7.09 -57.90 -9.25
N ARG D 71 6.65 -56.99 -8.37
CA ARG D 71 6.66 -57.22 -6.92
C ARG D 71 5.34 -57.94 -6.51
N ALA D 72 4.44 -58.16 -7.50
CA ALA D 72 3.21 -58.91 -7.34
C ALA D 72 3.48 -60.35 -7.79
N LYS D 73 4.46 -60.54 -8.73
CA LYS D 73 4.91 -61.85 -9.18
C LYS D 73 5.88 -62.43 -8.12
N GLU D 74 6.60 -61.54 -7.41
CA GLU D 74 7.45 -61.83 -6.24
C GLU D 74 6.44 -61.73 -5.08
N LEU D 75 6.62 -62.56 -4.03
CA LEU D 75 5.69 -62.67 -2.86
C LEU D 75 4.32 -63.24 -3.30
N ASN D 76 4.16 -63.55 -4.60
CA ASN D 76 2.97 -64.25 -5.19
C ASN D 76 1.59 -63.65 -4.85
N PHE D 77 1.31 -62.42 -5.29
CA PHE D 77 0.04 -61.71 -5.02
C PHE D 77 -0.94 -61.89 -6.19
N ALA D 78 -2.20 -62.19 -5.87
CA ALA D 78 -3.30 -62.42 -6.83
C ALA D 78 -3.61 -61.17 -7.66
N GLY D 79 -3.51 -59.99 -7.04
CA GLY D 79 -3.86 -58.70 -7.68
C GLY D 79 -2.74 -58.09 -8.53
N MET D 80 -2.95 -56.82 -8.90
CA MET D 80 -2.10 -55.89 -9.71
C MET D 80 -2.36 -56.05 -11.21
N GLU D 81 -3.21 -57.02 -11.61
CA GLU D 81 -3.51 -57.15 -13.04
C GLU D 81 -4.68 -56.20 -13.37
N GLU D 82 -5.85 -56.41 -12.72
CA GLU D 82 -7.04 -55.58 -12.88
C GLU D 82 -6.85 -54.22 -12.19
N PHE D 83 -6.02 -54.17 -11.13
CA PHE D 83 -5.75 -52.93 -10.38
C PHE D 83 -4.87 -51.96 -11.15
N MET D 84 -3.63 -52.37 -11.52
CA MET D 84 -2.69 -51.52 -12.25
C MET D 84 -3.21 -51.10 -13.63
N ASN D 85 -4.06 -51.94 -14.26
CA ASN D 85 -4.70 -51.64 -15.55
C ASN D 85 -5.66 -50.44 -15.36
N LYS D 86 -6.39 -50.42 -14.22
CA LYS D 86 -7.34 -49.37 -13.82
C LYS D 86 -6.71 -48.04 -13.34
N VAL D 87 -5.50 -48.10 -12.71
CA VAL D 87 -4.77 -46.93 -12.18
C VAL D 87 -4.29 -46.05 -13.33
N GLU D 88 -4.51 -44.72 -13.17
CA GLU D 88 -4.05 -43.69 -14.10
C GLU D 88 -2.70 -43.20 -13.57
N ILE D 89 -1.62 -43.51 -14.28
CA ILE D 89 -0.26 -43.16 -13.86
C ILE D 89 0.09 -41.81 -14.45
N ARG D 90 0.38 -40.81 -13.59
CA ARG D 90 0.72 -39.43 -14.00
C ARG D 90 2.05 -39.02 -13.37
N LYS D 91 3.14 -38.85 -14.18
CA LYS D 91 4.50 -38.50 -13.75
C LYS D 91 4.62 -37.07 -13.18
N ILE D 92 5.31 -36.91 -12.04
CA ILE D 92 5.50 -35.61 -11.37
C ILE D 92 6.99 -35.25 -11.19
N PRO D 93 7.38 -33.95 -11.19
CA PRO D 93 8.80 -33.61 -10.99
C PRO D 93 9.26 -33.73 -9.54
N ASN D 94 10.56 -33.93 -9.32
CA ASN D 94 11.15 -34.03 -7.99
C ASN D 94 12.41 -33.13 -7.84
N VAL D 95 13.09 -33.14 -6.69
CA VAL D 95 14.31 -32.33 -6.50
C VAL D 95 15.32 -33.15 -5.69
N GLY D 96 16.59 -32.73 -5.71
CA GLY D 96 17.66 -33.44 -4.96
C GLY D 96 18.25 -34.60 -5.75
N ILE D 97 19.19 -35.32 -5.14
CA ILE D 97 19.85 -36.48 -5.81
C ILE D 97 19.14 -37.76 -5.40
N ALA D 98 19.04 -38.71 -6.33
CA ALA D 98 18.34 -39.98 -6.06
C ALA D 98 18.86 -41.02 -7.03
N SER D 99 18.35 -42.26 -6.93
CA SER D 99 18.73 -43.37 -7.81
C SER D 99 17.50 -43.85 -8.59
N ALA D 100 17.56 -43.74 -9.92
CA ALA D 100 16.44 -44.16 -10.78
C ALA D 100 16.67 -45.59 -11.27
N ILE D 101 15.74 -46.12 -12.08
CA ILE D 101 15.86 -47.51 -12.62
C ILE D 101 15.98 -47.42 -14.16
N GLN D 102 16.98 -48.10 -14.72
CA GLN D 102 17.21 -48.09 -16.19
C GLN D 102 16.40 -49.22 -16.83
N CYS D 103 15.19 -48.92 -17.35
CA CYS D 103 14.31 -49.94 -18.02
C CYS D 103 14.69 -50.07 -19.51
N GLU D 104 14.60 -51.29 -20.08
CA GLU D 104 14.87 -51.62 -21.48
C GLU D 104 13.87 -50.97 -22.44
N ASN D 105 12.60 -51.39 -22.40
CA ASN D 105 11.52 -50.87 -23.25
C ASN D 105 10.21 -50.94 -22.44
N GLY D 106 10.11 -50.06 -21.44
CA GLY D 106 8.92 -50.04 -20.56
C GLY D 106 8.99 -51.19 -19.56
N ALA D 107 10.06 -51.98 -19.64
CA ALA D 107 10.30 -53.09 -18.71
C ALA D 107 11.59 -52.78 -17.95
N PRO D 108 11.59 -52.71 -16.60
CA PRO D 108 12.80 -52.39 -15.86
C PRO D 108 13.86 -53.45 -16.18
N LYS D 109 15.10 -53.02 -16.43
CA LYS D 109 16.17 -54.00 -16.77
C LYS D 109 16.81 -54.55 -15.50
N LYS D 110 17.73 -55.49 -15.67
CA LYS D 110 18.42 -56.22 -14.61
C LYS D 110 19.90 -56.50 -14.95
N GLU D 111 20.76 -56.51 -13.90
CA GLU D 111 22.20 -56.83 -13.96
C GLU D 111 22.73 -57.18 -12.57
N LYS D 112 23.38 -58.35 -12.46
CA LYS D 112 23.88 -58.89 -11.16
C LYS D 112 25.10 -58.09 -10.68
N ASN D 113 24.98 -57.43 -9.53
CA ASN D 113 26.12 -56.66 -8.97
C ASN D 113 26.41 -57.05 -7.52
N LYS D 114 27.66 -57.47 -7.26
CA LYS D 114 28.23 -57.81 -5.91
C LYS D 114 27.64 -59.09 -5.29
N GLU D 115 26.33 -59.11 -5.00
CA GLU D 115 25.73 -60.29 -4.32
C GLU D 115 25.05 -61.23 -5.31
N GLY D 116 24.24 -60.69 -6.23
CA GLY D 116 23.51 -61.51 -7.21
C GLY D 116 22.63 -60.63 -8.09
N ARG D 117 21.60 -61.21 -8.73
CA ARG D 117 20.72 -60.42 -9.62
C ARG D 117 20.06 -59.26 -8.85
N GLU D 118 20.26 -58.02 -9.32
CA GLU D 118 19.66 -56.82 -8.71
C GLU D 118 19.25 -55.85 -9.82
N VAL D 119 18.24 -55.02 -9.58
CA VAL D 119 17.83 -54.00 -10.59
C VAL D 119 19.03 -53.07 -10.77
N LEU D 120 19.49 -52.84 -12.00
CA LEU D 120 20.71 -52.02 -12.15
C LEU D 120 20.30 -50.57 -11.95
N LYS D 121 20.30 -50.08 -10.70
CA LYS D 121 19.85 -48.70 -10.55
C LYS D 121 20.86 -47.73 -11.18
N ARG D 122 20.37 -46.77 -12.00
CA ARG D 122 21.18 -45.69 -12.55
C ARG D 122 21.28 -44.71 -11.38
N LEU D 123 22.19 -45.04 -10.42
CA LEU D 123 22.47 -44.34 -9.16
C LEU D 123 22.49 -42.80 -9.30
N PRO D 124 23.10 -42.17 -10.33
CA PRO D 124 23.01 -40.71 -10.40
C PRO D 124 21.73 -40.20 -11.09
N TYR D 125 21.09 -39.26 -10.41
CA TYR D 125 19.93 -38.47 -10.82
C TYR D 125 20.14 -37.19 -10.04
N ASN D 126 20.19 -36.06 -10.73
CA ASN D 126 20.35 -34.78 -10.04
C ASN D 126 19.54 -33.74 -10.77
N GLU D 127 18.58 -33.14 -10.05
CA GLU D 127 17.70 -32.11 -10.58
C GLU D 127 17.42 -31.05 -9.53
N LYS D 128 17.57 -29.78 -9.93
CA LYS D 128 17.27 -28.66 -9.04
C LYS D 128 15.95 -28.03 -9.52
N ARG D 129 14.90 -28.27 -8.75
CA ARG D 129 13.55 -27.76 -8.99
C ARG D 129 13.08 -26.96 -7.78
N SER D 130 12.08 -26.09 -7.98
CA SER D 130 11.54 -25.33 -6.87
C SER D 130 10.31 -26.08 -6.33
N PRO D 131 10.13 -26.17 -5.00
CA PRO D 131 8.94 -26.85 -4.47
C PRO D 131 7.60 -26.30 -5.00
N ILE D 132 7.54 -24.98 -5.34
CA ILE D 132 6.28 -24.45 -5.91
C ILE D 132 6.10 -24.93 -7.38
N PHE D 133 7.19 -25.33 -8.08
CA PHE D 133 7.09 -25.89 -9.43
C PHE D 133 6.45 -27.29 -9.30
N ILE D 134 6.88 -28.03 -8.26
CA ILE D 134 6.35 -29.36 -7.94
C ILE D 134 4.89 -29.20 -7.52
N PHE D 135 4.60 -28.17 -6.69
CA PHE D 135 3.26 -27.80 -6.22
C PHE D 135 2.34 -27.50 -7.41
N ASN D 136 2.82 -26.69 -8.37
CA ASN D 136 2.06 -26.31 -9.56
C ASN D 136 1.77 -27.50 -10.46
N ALA D 137 2.70 -28.46 -10.51
CA ALA D 137 2.57 -29.68 -11.30
C ALA D 137 1.45 -30.54 -10.71
N ILE D 138 1.49 -30.82 -9.39
CA ILE D 138 0.47 -31.60 -8.67
C ILE D 138 -0.90 -30.87 -8.69
N TYR D 139 -0.92 -29.51 -8.50
CA TYR D 139 -2.14 -28.70 -8.54
C TYR D 139 -2.89 -28.87 -9.85
N ALA D 140 -2.18 -28.73 -11.00
CA ALA D 140 -2.74 -28.87 -12.34
C ALA D 140 -3.37 -30.24 -12.53
N ILE D 141 -2.78 -31.30 -11.93
CA ILE D 141 -3.29 -32.68 -12.00
C ILE D 141 -4.61 -32.76 -11.25
N PHE D 142 -4.65 -32.26 -10.01
CA PHE D 142 -5.82 -32.23 -9.15
C PHE D 142 -6.95 -31.43 -9.79
N LYS D 143 -6.65 -30.19 -10.23
CA LYS D 143 -7.60 -29.26 -10.85
C LYS D 143 -8.29 -29.84 -12.07
N ASP D 144 -7.50 -30.24 -13.07
CA ASP D 144 -8.05 -30.74 -14.36
C ASP D 144 -8.55 -32.18 -14.23
N GLU D 145 -8.19 -32.87 -13.14
CA GLU D 145 -8.65 -34.27 -12.96
C GLU D 145 -10.18 -34.28 -12.85
N ALA D 146 -10.73 -33.30 -12.11
CA ALA D 146 -12.17 -33.07 -11.84
C ALA D 146 -12.81 -34.24 -11.08
N CYS D 147 -12.97 -34.06 -9.75
CA CYS D 147 -13.60 -35.08 -8.87
C CYS D 147 -14.55 -34.34 -7.93
N ASP D 148 -15.58 -35.03 -7.42
CA ASP D 148 -16.54 -34.39 -6.48
C ASP D 148 -16.06 -34.66 -5.05
N GLU D 149 -15.25 -35.71 -4.88
CA GLU D 149 -14.68 -36.08 -3.58
C GLU D 149 -13.21 -36.48 -3.75
N TYR D 150 -12.30 -35.72 -3.12
CA TYR D 150 -10.86 -35.94 -3.17
C TYR D 150 -10.37 -36.75 -1.97
N LEU D 151 -9.57 -37.79 -2.25
CA LEU D 151 -8.99 -38.70 -1.25
C LEU D 151 -7.49 -38.77 -1.50
N VAL D 152 -6.67 -38.36 -0.52
CA VAL D 152 -5.21 -38.33 -0.68
C VAL D 152 -4.52 -39.27 0.29
N ASP D 153 -3.67 -40.16 -0.24
CA ASP D 153 -2.85 -41.12 0.51
C ASP D 153 -1.45 -40.52 0.73
N LEU D 154 -1.15 -40.20 1.99
CA LEU D 154 0.12 -39.62 2.41
C LEU D 154 1.10 -40.68 2.98
N THR D 155 0.76 -41.99 2.83
CA THR D 155 1.59 -43.10 3.34
C THR D 155 2.90 -43.17 2.58
N HIS D 156 2.82 -43.47 1.27
CA HIS D 156 3.99 -43.61 0.40
C HIS D 156 4.44 -42.30 -0.20
N GLY D 157 5.73 -42.24 -0.51
CA GLY D 157 6.43 -41.13 -1.13
C GLY D 157 7.36 -40.39 -0.19
N THR D 158 8.25 -39.57 -0.79
CA THR D 158 9.22 -38.70 -0.14
C THR D 158 8.49 -37.67 0.75
N ASN D 159 9.09 -37.29 1.88
CA ASN D 159 8.52 -36.35 2.86
C ASN D 159 8.26 -34.97 2.23
N VAL D 160 9.07 -34.59 1.22
CA VAL D 160 8.94 -33.34 0.45
C VAL D 160 7.66 -33.44 -0.40
N LEU D 161 7.53 -34.53 -1.18
CA LEU D 161 6.37 -34.75 -2.03
C LEU D 161 5.08 -34.99 -1.24
N VAL D 162 5.15 -35.62 -0.05
CA VAL D 162 3.97 -35.87 0.77
C VAL D 162 3.45 -34.56 1.34
N SER D 163 4.34 -33.72 1.91
CA SER D 163 3.95 -32.42 2.46
C SER D 163 3.39 -31.53 1.36
N ILE D 164 4.02 -31.52 0.15
CA ILE D 164 3.52 -30.75 -0.99
C ILE D 164 2.11 -31.23 -1.39
N GLY D 165 1.94 -32.56 -1.45
CA GLY D 165 0.67 -33.20 -1.77
C GLY D 165 -0.44 -32.89 -0.79
N MET D 166 -0.08 -32.73 0.50
CA MET D 166 -1.02 -32.43 1.56
C MET D 166 -1.58 -31.03 1.38
N ASN D 167 -0.72 -30.05 1.05
CA ASN D 167 -1.10 -28.66 0.80
C ASN D 167 -1.93 -28.53 -0.46
N VAL D 168 -1.69 -29.38 -1.49
CA VAL D 168 -2.50 -29.36 -2.70
C VAL D 168 -3.90 -29.88 -2.34
N GLY D 169 -3.94 -31.04 -1.69
CA GLY D 169 -5.17 -31.69 -1.23
C GLY D 169 -6.07 -30.78 -0.43
N ALA D 170 -5.46 -29.92 0.43
CA ALA D 170 -6.15 -28.94 1.27
C ALA D 170 -6.99 -27.95 0.47
N LEU D 171 -6.53 -27.62 -0.75
CA LEU D 171 -7.24 -26.72 -1.67
C LEU D 171 -8.37 -27.44 -2.44
N PHE D 172 -8.48 -28.79 -2.30
CA PHE D 172 -9.51 -29.59 -2.97
C PHE D 172 -10.43 -30.30 -1.98
N ASN D 173 -10.37 -29.91 -0.68
CA ASN D 173 -11.15 -30.46 0.45
C ASN D 173 -10.99 -31.99 0.55
N ALA D 174 -9.74 -32.42 0.46
CA ALA D 174 -9.37 -33.83 0.48
C ALA D 174 -9.43 -34.44 1.88
N LYS D 175 -9.59 -35.78 1.94
CA LYS D 175 -9.52 -36.55 3.18
C LYS D 175 -8.13 -37.18 3.11
N PHE D 176 -7.33 -37.05 4.17
CA PHE D 176 -5.96 -37.54 4.19
C PHE D 176 -5.79 -38.80 5.01
N TYR D 177 -5.02 -39.77 4.49
CA TYR D 177 -4.75 -41.05 5.18
C TYR D 177 -3.28 -41.38 5.14
N SER D 178 -2.76 -42.00 6.22
CA SER D 178 -1.36 -42.40 6.33
C SER D 178 -1.21 -43.65 7.19
N ALA D 179 -0.46 -44.66 6.70
CA ALA D 179 -0.28 -45.93 7.41
C ALA D 179 1.18 -46.22 7.77
N PRO D 180 1.68 -45.61 8.88
CA PRO D 180 3.08 -45.80 9.27
C PRO D 180 3.34 -47.17 9.88
N VAL D 181 4.46 -47.81 9.48
CA VAL D 181 4.81 -49.14 9.95
C VAL D 181 6.26 -49.22 10.46
N MET D 182 6.54 -50.25 11.29
CA MET D 182 7.88 -50.52 11.82
C MET D 182 8.83 -51.03 10.73
N GLY D 183 10.14 -50.81 10.91
CA GLY D 183 11.18 -51.25 9.99
C GLY D 183 11.14 -52.75 9.78
N MET D 184 10.63 -53.17 8.60
CA MET D 184 10.39 -54.55 8.13
C MET D 184 9.67 -55.43 9.22
N PRO D 185 8.31 -55.38 9.27
CA PRO D 185 7.58 -56.18 10.28
C PRO D 185 7.42 -57.66 9.90
N GLY D 186 6.80 -57.93 8.75
CA GLY D 186 6.59 -59.29 8.24
C GLY D 186 5.16 -59.79 8.26
N LYS D 187 4.99 -61.07 8.58
CA LYS D 187 3.71 -61.79 8.65
C LYS D 187 2.79 -61.28 9.77
N ASP D 188 1.45 -61.29 9.51
CA ASP D 188 0.33 -60.89 10.40
C ASP D 188 0.51 -59.49 11.02
N SER D 189 1.17 -58.57 10.29
CA SER D 189 1.40 -57.20 10.74
C SER D 189 0.12 -56.41 10.47
N ILE D 190 -0.73 -56.28 11.50
CA ILE D 190 -2.01 -55.59 11.39
C ILE D 190 -1.82 -54.10 11.72
N VAL D 191 -1.18 -53.34 10.80
CA VAL D 191 -0.90 -51.91 11.02
C VAL D 191 -2.12 -51.01 10.66
N ASN D 192 -2.35 -49.96 11.47
CA ASN D 192 -3.49 -49.05 11.34
C ASN D 192 -3.30 -47.85 10.39
N ILE D 193 -4.31 -47.62 9.53
CA ILE D 193 -4.37 -46.47 8.64
C ILE D 193 -4.96 -45.34 9.49
N VAL D 194 -4.27 -44.20 9.53
CA VAL D 194 -4.64 -43.05 10.34
C VAL D 194 -5.16 -41.93 9.44
N GLU D 195 -6.36 -41.42 9.72
CA GLU D 195 -6.95 -40.31 8.96
C GLU D 195 -6.46 -38.99 9.57
N LEU D 196 -5.96 -38.05 8.73
CA LEU D 196 -5.40 -36.77 9.18
C LEU D 196 -6.23 -35.53 8.80
N THR D 197 -7.42 -35.74 8.22
CA THR D 197 -8.37 -34.70 7.78
C THR D 197 -8.65 -33.65 8.88
N ASP D 198 -8.96 -34.15 10.09
CA ASP D 198 -9.28 -33.35 11.27
C ASP D 198 -8.16 -32.40 11.66
N VAL D 199 -6.88 -32.87 11.57
CA VAL D 199 -5.69 -32.08 11.90
C VAL D 199 -5.52 -30.91 10.93
N VAL D 200 -5.67 -31.17 9.62
CA VAL D 200 -5.54 -30.10 8.61
C VAL D 200 -6.69 -29.11 8.75
N GLN D 201 -7.89 -29.58 9.14
CA GLN D 201 -9.03 -28.70 9.35
C GLN D 201 -8.83 -27.82 10.58
N ALA D 202 -8.32 -28.42 11.69
CA ALA D 202 -8.07 -27.72 12.96
C ALA D 202 -7.15 -26.53 12.82
N THR D 203 -6.15 -26.63 11.93
CA THR D 203 -5.20 -25.55 11.68
C THR D 203 -5.82 -24.49 10.77
N ASN D 204 -6.61 -24.90 9.76
CA ASN D 204 -7.28 -23.94 8.89
C ASN D 204 -8.27 -23.12 9.76
N ASP D 205 -9.04 -23.80 10.65
CA ASP D 205 -10.01 -23.22 11.58
C ASP D 205 -9.37 -22.18 12.49
N SER D 206 -8.15 -22.46 13.00
CA SER D 206 -7.40 -21.56 13.88
C SER D 206 -6.94 -20.31 13.18
N LEU D 207 -6.50 -20.44 11.91
CA LEU D 207 -6.08 -19.29 11.13
C LEU D 207 -7.26 -18.38 10.81
N MET D 208 -8.42 -19.00 10.58
CA MET D 208 -9.67 -18.29 10.33
C MET D 208 -10.14 -17.57 11.60
N ILE D 209 -10.08 -18.25 12.78
CA ILE D 209 -10.45 -17.65 14.07
C ILE D 209 -9.56 -16.44 14.35
N ARG D 210 -8.24 -16.60 14.16
CA ARG D 210 -7.26 -15.53 14.38
C ARG D 210 -7.55 -14.27 13.53
N SER D 211 -7.84 -14.48 12.23
CA SER D 211 -8.16 -13.41 11.28
C SER D 211 -9.51 -12.75 11.60
N SER D 212 -10.47 -13.54 12.14
CA SER D 212 -11.81 -13.10 12.51
C SER D 212 -11.75 -12.05 13.60
N ILE D 213 -10.81 -12.22 14.57
CA ILE D 213 -10.66 -11.25 15.65
C ILE D 213 -9.87 -10.04 15.11
N GLU D 214 -8.92 -10.31 14.21
CA GLU D 214 -8.03 -9.31 13.61
C GLU D 214 -8.84 -8.30 12.77
N ASN D 215 -9.80 -8.79 11.97
CA ASN D 215 -10.61 -7.95 11.08
C ASN D 215 -12.04 -7.71 11.60
N LEU D 216 -12.30 -7.98 12.90
CA LEU D 216 -13.58 -7.74 13.58
C LEU D 216 -14.75 -8.32 12.76
N ASP D 217 -14.61 -9.59 12.33
CA ASP D 217 -15.58 -10.24 11.47
C ASP D 217 -15.94 -11.63 12.01
N GLU D 218 -17.19 -11.86 12.39
CA GLU D 218 -17.63 -13.16 12.91
C GLU D 218 -17.81 -14.24 11.83
N ARG D 219 -17.90 -13.84 10.55
CA ARG D 219 -18.11 -14.75 9.43
C ARG D 219 -16.93 -15.69 9.24
N TYR D 220 -15.76 -15.28 9.77
CA TYR D 220 -14.51 -16.02 9.72
C TYR D 220 -14.30 -16.91 10.95
N PHE D 221 -15.04 -16.64 12.05
CA PHE D 221 -14.97 -17.42 13.28
C PHE D 221 -15.67 -18.77 13.11
N LYS D 222 -14.88 -19.86 13.15
CA LYS D 222 -15.41 -21.20 13.06
C LYS D 222 -15.95 -21.64 14.43
N ASP D 223 -17.28 -21.76 14.52
CA ASP D 223 -17.99 -22.12 15.75
C ASP D 223 -17.84 -23.59 16.17
N TYR D 224 -17.11 -23.81 17.27
CA TYR D 224 -16.86 -25.15 17.80
C TYR D 224 -17.84 -25.52 18.92
N SER D 225 -19.05 -24.87 18.91
CA SER D 225 -20.14 -25.07 19.89
C SER D 225 -20.62 -26.51 19.88
N ALA D 226 -20.80 -27.07 18.68
CA ALA D 226 -21.26 -28.44 18.47
C ALA D 226 -20.23 -29.47 18.97
N LYS D 227 -18.92 -29.23 18.73
CA LYS D 227 -17.81 -30.08 19.17
C LYS D 227 -17.79 -30.17 20.69
N LEU D 228 -17.87 -29.02 21.40
CA LEU D 228 -17.86 -29.00 22.87
C LEU D 228 -19.10 -29.63 23.50
N SER D 229 -20.29 -29.37 22.93
CA SER D 229 -21.57 -29.90 23.41
C SER D 229 -21.65 -31.43 23.28
N ARG D 230 -21.03 -32.00 22.23
CA ARG D 230 -20.99 -33.44 21.98
C ARG D 230 -19.88 -34.13 22.78
N LEU D 231 -18.84 -33.35 23.16
CA LEU D 231 -17.69 -33.81 23.94
C LEU D 231 -18.13 -34.45 25.25
N ASN D 232 -17.64 -35.66 25.51
CA ASN D 232 -17.97 -36.40 26.72
C ASN D 232 -16.86 -37.39 27.09
N PRO D 233 -16.44 -37.43 28.38
CA PRO D 233 -15.40 -38.40 28.77
C PRO D 233 -16.01 -39.77 29.07
N THR D 234 -15.59 -40.81 28.30
CA THR D 234 -16.01 -42.20 28.49
C THR D 234 -15.55 -42.62 29.90
N ILE D 235 -14.23 -42.48 30.16
CA ILE D 235 -13.56 -42.71 31.44
C ILE D 235 -12.89 -41.36 31.81
N PHE D 236 -13.25 -40.78 32.96
CA PHE D 236 -12.74 -39.50 33.46
C PHE D 236 -12.06 -39.72 34.80
N GLU D 237 -10.79 -39.26 34.96
CA GLU D 237 -10.09 -39.52 36.23
C GLU D 237 -9.83 -38.25 37.08
N GLU D 238 -10.83 -37.90 37.89
CA GLU D 238 -10.94 -36.85 38.96
C GLU D 238 -10.04 -35.61 38.78
N GLU D 239 -10.67 -34.50 38.37
CA GLU D 239 -10.17 -33.12 38.03
C GLU D 239 -9.79 -33.08 36.54
N GLU D 240 -9.93 -34.21 35.85
CA GLU D 240 -9.75 -34.31 34.39
C GLU D 240 -11.17 -34.32 33.86
N LYS D 241 -12.12 -34.30 34.80
CA LYS D 241 -13.57 -34.29 34.57
C LYS D 241 -14.07 -32.87 34.90
N LYS D 242 -13.49 -32.25 35.95
CA LYS D 242 -13.80 -30.90 36.43
C LYS D 242 -13.37 -29.81 35.45
N VAL D 243 -12.13 -29.88 34.90
CA VAL D 243 -11.63 -28.88 33.96
C VAL D 243 -12.34 -28.99 32.60
N LEU D 244 -12.69 -30.22 32.18
CA LEU D 244 -13.43 -30.49 30.95
C LEU D 244 -14.84 -29.89 31.05
N THR D 245 -15.42 -29.93 32.27
CA THR D 245 -16.74 -29.37 32.58
C THR D 245 -16.72 -27.85 32.32
N ARG D 246 -15.64 -27.18 32.74
CA ARG D 246 -15.42 -25.75 32.54
C ARG D 246 -15.29 -25.42 31.05
N VAL D 247 -14.46 -26.22 30.32
CA VAL D 247 -14.20 -26.06 28.88
C VAL D 247 -15.48 -26.23 28.08
N LYS D 248 -16.26 -27.29 28.39
CA LYS D 248 -17.55 -27.59 27.75
C LYS D 248 -18.55 -26.43 27.90
N GLY D 249 -18.40 -25.66 28.98
CA GLY D 249 -19.26 -24.53 29.31
C GLY D 249 -18.81 -23.16 28.84
N THR D 250 -17.74 -23.09 28.03
CA THR D 250 -17.24 -21.82 27.49
C THR D 250 -18.25 -21.24 26.50
N ASP D 251 -18.71 -20.01 26.77
CA ASP D 251 -19.69 -19.31 25.92
C ASP D 251 -19.02 -18.75 24.67
N VAL D 252 -18.76 -19.64 23.69
CA VAL D 252 -18.16 -19.25 22.43
C VAL D 252 -19.20 -18.43 21.62
N ASN D 253 -20.51 -18.67 21.87
CA ASN D 253 -21.59 -17.92 21.23
C ASN D 253 -21.57 -16.42 21.62
N VAL D 254 -21.16 -16.08 22.85
CA VAL D 254 -21.07 -14.68 23.29
C VAL D 254 -19.93 -13.97 22.55
N VAL D 255 -18.86 -14.71 22.18
CA VAL D 255 -17.71 -14.17 21.41
C VAL D 255 -18.16 -13.89 19.96
N ILE D 256 -18.90 -14.83 19.35
CA ILE D 256 -19.41 -14.70 17.99
C ILE D 256 -20.38 -13.51 17.90
N ASN D 257 -21.26 -13.39 18.90
CA ASN D 257 -22.22 -12.30 18.98
C ASN D 257 -21.52 -10.97 19.16
N PHE D 258 -20.42 -10.94 19.97
CA PHE D 258 -19.60 -9.74 20.21
C PHE D 258 -19.04 -9.24 18.91
N LEU D 259 -18.46 -10.15 18.10
CA LEU D 259 -17.92 -9.84 16.78
C LEU D 259 -19.01 -9.42 15.82
N TRP D 260 -20.22 -10.02 15.92
CA TRP D 260 -21.36 -9.66 15.05
C TRP D 260 -21.78 -8.20 15.30
N ASN D 261 -21.97 -7.83 16.58
CA ASN D 261 -22.35 -6.47 16.97
C ASN D 261 -21.28 -5.45 16.53
N ILE D 262 -19.97 -5.78 16.70
CA ILE D 262 -18.88 -4.92 16.24
C ILE D 262 -18.97 -4.70 14.72
N ARG D 263 -19.03 -5.80 13.94
CA ARG D 263 -19.12 -5.74 12.50
C ARG D 263 -20.33 -4.97 11.98
N ASN D 264 -21.51 -5.17 12.59
CA ASN D 264 -22.78 -4.56 12.18
C ASN D 264 -23.08 -3.17 12.82
N GLY D 265 -22.13 -2.64 13.58
CA GLY D 265 -22.26 -1.30 14.17
C GLY D 265 -23.10 -1.14 15.41
N PHE D 266 -23.42 -2.26 16.09
CA PHE D 266 -24.17 -2.22 17.35
C PHE D 266 -23.16 -1.99 18.47
N THR D 267 -22.56 -0.77 18.45
CA THR D 267 -21.46 -0.30 19.30
C THR D 267 -21.79 -0.30 20.79
N VAL D 268 -23.01 0.11 21.16
CA VAL D 268 -23.45 0.15 22.57
C VAL D 268 -23.51 -1.26 23.18
N ASN D 269 -23.98 -2.22 22.39
CA ASN D 269 -24.14 -3.62 22.79
C ASN D 269 -22.80 -4.31 22.88
N ALA D 270 -21.91 -4.04 21.91
CA ALA D 270 -20.56 -4.60 21.87
C ALA D 270 -19.81 -4.22 23.13
N VAL D 271 -19.83 -2.92 23.48
CA VAL D 271 -19.17 -2.36 24.65
C VAL D 271 -19.77 -2.89 25.98
N LYS D 272 -21.10 -3.09 26.03
CA LYS D 272 -21.76 -3.62 27.21
C LYS D 272 -21.38 -5.08 27.49
N SER D 273 -21.07 -5.83 26.41
CA SER D 273 -20.66 -7.23 26.48
C SER D 273 -19.22 -7.40 26.98
N MET D 274 -18.37 -6.36 26.85
CA MET D 274 -16.94 -6.37 27.22
C MET D 274 -16.63 -6.97 28.58
N ASN D 275 -17.39 -6.61 29.63
CA ASN D 275 -17.13 -7.13 30.97
C ASN D 275 -17.49 -8.61 31.09
N GLU D 276 -18.56 -9.05 30.40
CA GLU D 276 -18.98 -10.46 30.36
C GLU D 276 -17.86 -11.26 29.69
N LEU D 277 -17.39 -10.82 28.49
CA LEU D 277 -16.29 -11.39 27.71
C LEU D 277 -15.02 -11.48 28.55
N LYS D 278 -14.74 -10.44 29.35
CA LYS D 278 -13.57 -10.40 30.23
C LYS D 278 -13.56 -11.60 31.16
N ASN D 279 -14.75 -11.95 31.70
CA ASN D 279 -14.93 -13.10 32.58
C ASN D 279 -14.91 -14.43 31.81
N ILE D 280 -15.33 -14.44 30.53
CA ILE D 280 -15.32 -15.63 29.67
C ILE D 280 -13.86 -16.06 29.40
N ILE D 281 -13.00 -15.11 28.94
CA ILE D 281 -11.59 -15.39 28.61
C ILE D 281 -10.70 -15.51 29.84
N ASN D 282 -11.13 -14.97 30.99
CA ASN D 282 -10.36 -15.11 32.23
C ASN D 282 -10.43 -16.60 32.65
N GLN D 283 -11.61 -17.20 32.48
CA GLN D 283 -11.83 -18.63 32.76
C GLN D 283 -11.10 -19.43 31.68
N LEU D 284 -11.25 -19.02 30.41
CA LEU D 284 -10.58 -19.70 29.30
C LEU D 284 -9.05 -19.73 29.47
N GLU D 285 -8.45 -18.67 30.05
CA GLU D 285 -7.01 -18.61 30.32
C GLU D 285 -6.64 -19.71 31.33
N GLU D 286 -7.46 -19.85 32.40
CA GLU D 286 -7.32 -20.82 33.49
C GLU D 286 -7.42 -22.24 32.96
N ASP D 287 -8.47 -22.48 32.14
CA ASP D 287 -8.79 -23.75 31.51
C ASP D 287 -7.67 -24.18 30.57
N LEU D 288 -7.14 -23.24 29.78
CA LEU D 288 -6.10 -23.54 28.83
C LEU D 288 -4.75 -23.82 29.50
N GLU D 289 -4.49 -23.19 30.63
CA GLU D 289 -3.21 -23.45 31.36
C GLU D 289 -3.24 -24.90 31.87
N LYS D 290 -4.39 -25.31 32.43
CA LYS D 290 -4.61 -26.66 32.94
C LYS D 290 -4.56 -27.69 31.82
N LEU D 291 -5.24 -27.41 30.69
CA LEU D 291 -5.28 -28.27 29.51
C LEU D 291 -3.88 -28.40 28.87
N LYS D 292 -3.11 -27.29 28.83
CA LYS D 292 -1.75 -27.25 28.29
C LYS D 292 -0.86 -28.13 29.15
N SER D 293 -0.97 -28.00 30.49
CA SER D 293 -0.23 -28.80 31.46
C SER D 293 -0.57 -30.29 31.30
N PHE D 294 -1.85 -30.59 31.00
CA PHE D 294 -2.38 -31.92 30.78
C PHE D 294 -1.74 -32.59 29.59
N TYR D 295 -1.64 -31.86 28.47
CA TYR D 295 -1.05 -32.34 27.22
C TYR D 295 0.48 -32.32 27.24
N LYS D 296 1.08 -31.52 28.13
CA LYS D 296 2.54 -31.47 28.33
C LYS D 296 2.97 -32.72 29.13
N ASN D 297 2.09 -33.18 30.04
CA ASN D 297 2.26 -34.39 30.85
C ASN D 297 1.18 -35.38 30.41
N TRP D 298 1.06 -35.59 29.07
CA TRP D 298 0.07 -36.44 28.41
C TRP D 298 0.06 -37.89 28.86
N GLU D 299 1.17 -38.38 29.44
CA GLU D 299 1.30 -39.77 29.90
C GLU D 299 0.38 -40.08 31.08
N GLU D 300 -0.06 -39.05 31.82
CA GLU D 300 -0.94 -39.16 32.99
C GLU D 300 -2.42 -39.01 32.63
N HIS D 301 -2.72 -38.45 31.45
CA HIS D 301 -4.09 -38.24 31.03
C HIS D 301 -4.38 -39.00 29.73
N LYS D 302 -4.22 -40.32 29.82
CA LYS D 302 -4.42 -41.31 28.76
C LYS D 302 -5.89 -41.37 28.29
N ASN D 303 -6.83 -40.85 29.11
CA ASN D 303 -8.28 -40.85 28.85
C ASN D 303 -8.66 -39.99 27.65
N PHE D 304 -7.85 -38.95 27.39
CA PHE D 304 -8.02 -38.03 26.28
C PHE D 304 -7.43 -38.58 24.97
N GLN D 305 -6.70 -39.74 25.04
CA GLN D 305 -6.00 -40.35 23.90
C GLN D 305 -6.88 -40.58 22.67
N GLY D 306 -8.18 -40.78 22.83
CA GLY D 306 -9.09 -41.04 21.72
C GLY D 306 -9.99 -39.89 21.33
N GLU D 307 -10.01 -38.81 22.14
CA GLU D 307 -10.87 -37.64 21.91
C GLU D 307 -10.52 -36.83 20.68
N THR D 308 -11.55 -36.48 19.88
CA THR D 308 -11.45 -35.72 18.63
C THR D 308 -12.15 -34.35 18.66
N LEU D 309 -12.96 -34.09 19.69
CA LEU D 309 -13.76 -32.89 19.80
C LEU D 309 -13.06 -31.73 20.54
N LEU D 310 -12.10 -32.04 21.45
CA LEU D 310 -11.34 -31.02 22.19
C LEU D 310 -10.03 -30.73 21.44
N VAL D 311 -10.01 -29.62 20.69
CA VAL D 311 -8.81 -29.21 19.98
C VAL D 311 -8.32 -27.89 20.59
N LEU D 312 -7.12 -27.95 21.21
CA LEU D 312 -6.39 -26.91 21.94
C LEU D 312 -6.21 -25.60 21.15
N SER D 313 -5.90 -25.70 19.84
CA SER D 313 -5.69 -24.57 18.97
C SER D 313 -6.94 -23.71 18.81
N ASP D 314 -8.14 -24.32 18.74
CA ASP D 314 -9.45 -23.64 18.63
C ASP D 314 -9.68 -22.72 19.83
N LEU D 315 -9.37 -23.23 21.02
CA LEU D 315 -9.52 -22.52 22.28
C LEU D 315 -8.42 -21.47 22.44
N ASP D 316 -7.15 -21.82 22.15
CA ASP D 316 -6.03 -20.87 22.25
C ASP D 316 -6.17 -19.68 21.28
N SER D 317 -6.74 -19.94 20.07
CA SER D 317 -6.97 -18.90 19.06
C SER D 317 -8.06 -17.93 19.52
N THR D 318 -9.06 -18.43 20.30
CA THR D 318 -10.15 -17.64 20.89
C THR D 318 -9.63 -16.66 21.93
N LEU D 319 -8.50 -16.96 22.59
CA LEU D 319 -7.92 -16.05 23.57
C LEU D 319 -7.49 -14.70 22.99
N LYS D 320 -7.39 -14.61 21.67
CA LYS D 320 -6.97 -13.34 21.02
C LYS D 320 -8.05 -12.28 21.26
N VAL D 321 -9.31 -12.69 21.37
CA VAL D 321 -10.43 -11.77 21.58
C VAL D 321 -10.16 -10.84 22.78
N LYS D 322 -9.17 -11.19 23.63
CA LYS D 322 -8.74 -10.41 24.80
C LYS D 322 -8.27 -9.01 24.35
N ASP D 323 -7.70 -8.93 23.12
CA ASP D 323 -7.20 -7.70 22.50
C ASP D 323 -8.30 -6.71 22.19
N LEU D 324 -9.52 -7.19 21.92
CA LEU D 324 -10.68 -6.36 21.60
C LEU D 324 -11.32 -5.73 22.86
N LEU D 325 -10.81 -6.08 24.07
CA LEU D 325 -11.35 -5.66 25.37
C LEU D 325 -10.51 -4.59 26.08
N ILE D 326 -11.19 -3.72 26.84
CA ILE D 326 -10.59 -2.66 27.64
C ILE D 326 -11.41 -2.43 28.94
N GLU D 327 -10.77 -1.79 29.93
CA GLU D 327 -11.42 -1.49 31.24
C GLU D 327 -11.75 0.01 31.28
N GLY D 328 -12.90 0.35 31.87
CA GLY D 328 -13.34 1.74 31.99
C GLY D 328 -14.83 1.90 31.76
N ASN D 329 -15.31 3.16 31.79
CA ASN D 329 -16.72 3.42 31.56
C ASN D 329 -17.07 3.16 30.10
N ASP D 330 -18.37 2.98 29.81
CA ASP D 330 -18.84 2.65 28.47
C ASP D 330 -18.36 3.65 27.39
N LEU D 331 -18.13 4.92 27.76
CA LEU D 331 -17.61 5.94 26.84
C LEU D 331 -16.17 5.62 26.48
N GLU D 332 -15.32 5.25 27.47
CA GLU D 332 -13.92 4.86 27.27
C GLU D 332 -13.82 3.56 26.46
N LYS D 333 -14.78 2.63 26.64
CA LYS D 333 -14.84 1.39 25.90
C LYS D 333 -15.19 1.68 24.42
N LEU D 334 -16.14 2.61 24.18
CA LEU D 334 -16.54 3.05 22.83
C LEU D 334 -15.38 3.77 22.11
N ASN D 335 -14.59 4.55 22.86
CA ASN D 335 -13.42 5.27 22.38
C ASN D 335 -12.36 4.30 21.86
N TYR D 336 -12.15 3.19 22.59
CA TYR D 336 -11.22 2.14 22.22
C TYR D 336 -11.72 1.46 20.94
N LEU D 337 -13.06 1.20 20.87
CA LEU D 337 -13.71 0.56 19.72
C LEU D 337 -13.49 1.39 18.45
N LEU D 338 -13.47 2.74 18.58
CA LEU D 338 -13.21 3.66 17.46
C LEU D 338 -11.84 3.32 16.82
N ASP D 339 -10.80 3.18 17.68
CA ASP D 339 -9.44 2.80 17.29
C ASP D 339 -9.42 1.41 16.64
N LEU D 340 -10.23 0.45 17.16
CA LEU D 340 -10.34 -0.90 16.63
C LEU D 340 -10.87 -0.86 15.20
N TYR D 341 -11.96 -0.08 14.93
CA TYR D 341 -12.55 0.08 13.60
C TYR D 341 -11.53 0.69 12.66
N ILE D 342 -10.76 1.68 13.14
CA ILE D 342 -9.73 2.33 12.33
C ILE D 342 -8.70 1.28 11.88
N LYS D 343 -8.07 0.55 12.80
CA LYS D 343 -7.06 -0.49 12.50
C LYS D 343 -7.62 -1.59 11.57
N ALA D 344 -8.87 -2.03 11.81
CA ALA D 344 -9.54 -3.05 10.99
C ALA D 344 -10.03 -2.57 9.62
N SER D 345 -9.84 -1.26 9.31
CA SER D 345 -10.22 -0.63 8.04
C SER D 345 -11.73 -0.61 7.78
N ILE D 346 -12.55 -0.57 8.84
CA ILE D 346 -14.00 -0.48 8.71
C ILE D 346 -14.31 1.03 8.76
N TYR D 347 -14.14 1.69 7.62
CA TYR D 347 -14.26 3.13 7.45
C TYR D 347 -15.64 3.69 7.84
N ASP D 348 -16.72 3.04 7.39
CA ASP D 348 -18.11 3.42 7.67
C ASP D 348 -18.40 3.50 9.16
N LYS D 349 -18.13 2.39 9.89
CA LYS D 349 -18.35 2.26 11.32
C LYS D 349 -17.49 3.20 12.15
N ALA D 350 -16.23 3.42 11.73
CA ALA D 350 -15.30 4.34 12.39
C ALA D 350 -15.81 5.80 12.31
N LEU D 351 -16.26 6.23 11.12
CA LEU D 351 -16.74 7.59 10.89
C LEU D 351 -18.03 7.89 11.62
N SER D 352 -18.96 6.91 11.70
CA SER D 352 -20.24 7.07 12.40
C SER D 352 -20.03 7.16 13.91
N LEU D 353 -19.09 6.34 14.45
CA LEU D 353 -18.74 6.34 15.86
C LEU D 353 -18.04 7.65 16.22
N ALA D 354 -17.16 8.16 15.34
CA ALA D 354 -16.48 9.45 15.54
C ALA D 354 -17.48 10.62 15.53
N ARG D 355 -18.64 10.44 14.88
CA ARG D 355 -19.68 11.46 14.79
C ARG D 355 -20.62 11.42 15.99
N GLU D 356 -20.94 10.21 16.48
CA GLU D 356 -21.93 10.04 17.54
C GLU D 356 -21.33 10.00 18.94
N LEU D 357 -20.10 9.51 19.11
CA LEU D 357 -19.45 9.45 20.43
C LEU D 357 -19.33 10.84 21.08
N PRO D 358 -18.98 11.95 20.38
CA PRO D 358 -18.95 13.27 21.03
C PRO D 358 -20.30 13.76 21.56
N VAL D 359 -21.44 13.26 21.01
CA VAL D 359 -22.80 13.63 21.48
C VAL D 359 -22.99 12.98 22.86
N ALA D 360 -22.60 11.69 23.00
CA ALA D 360 -22.68 10.93 24.24
C ALA D 360 -21.76 11.55 25.27
N ILE D 361 -20.54 11.97 24.85
CA ILE D 361 -19.55 12.64 25.72
C ILE D 361 -20.16 13.89 26.31
N CYS D 362 -20.77 14.70 25.44
CA CYS D 362 -21.52 15.93 25.74
C CYS D 362 -22.66 15.63 26.75
N LEU D 363 -23.48 14.58 26.48
CA LEU D 363 -24.63 14.14 27.29
C LEU D 363 -24.20 13.80 28.69
N ASN D 364 -23.08 13.08 28.81
CA ASN D 364 -22.48 12.70 30.07
C ASN D 364 -22.15 13.94 30.91
N LYS D 365 -21.49 14.96 30.30
CA LYS D 365 -21.09 16.22 30.93
C LYS D 365 -22.26 16.97 31.51
N VAL D 366 -23.44 16.85 30.89
CA VAL D 366 -24.68 17.52 31.29
C VAL D 366 -25.52 16.66 32.28
N GLY D 367 -24.94 15.56 32.75
CA GLY D 367 -25.58 14.68 33.74
C GLY D 367 -26.30 13.47 33.17
N GLY D 368 -26.24 13.31 31.86
CA GLY D 368 -26.87 12.18 31.20
C GLY D 368 -28.15 12.51 30.47
N GLY D 369 -28.56 11.57 29.63
CA GLY D 369 -29.75 11.68 28.80
C GLY D 369 -29.86 10.54 27.79
N MET D 370 -30.99 10.51 27.08
CA MET D 370 -31.29 9.50 26.09
C MET D 370 -31.14 10.04 24.66
N PHE D 371 -30.61 9.22 23.74
CA PHE D 371 -30.48 9.57 22.34
C PHE D 371 -31.86 9.54 21.70
N ASP D 372 -32.62 10.64 21.89
CA ASP D 372 -33.99 10.83 21.39
C ASP D 372 -34.25 12.33 21.27
N ASP D 373 -34.87 12.74 20.16
CA ASP D 373 -35.21 14.13 19.82
C ASP D 373 -36.12 14.79 20.85
N LYS D 374 -36.88 13.98 21.61
CA LYS D 374 -37.77 14.46 22.69
C LYS D 374 -36.96 14.91 23.93
N ASN D 375 -35.70 14.42 24.06
CA ASN D 375 -34.79 14.76 25.15
C ASN D 375 -34.10 16.08 24.82
N GLU D 376 -34.34 17.13 25.64
CA GLU D 376 -33.78 18.47 25.46
C GLU D 376 -32.25 18.44 25.48
N LYS D 377 -31.66 17.77 26.50
CA LYS D 377 -30.20 17.63 26.66
C LYS D 377 -29.56 17.05 25.40
N TYR D 378 -30.19 16.01 24.79
CA TYR D 378 -29.72 15.41 23.54
C TYR D 378 -29.84 16.42 22.40
N LYS D 379 -31.04 17.03 22.23
CA LYS D 379 -31.34 17.99 21.15
C LYS D 379 -30.21 19.01 20.99
N HIS D 380 -29.87 19.72 22.10
CA HIS D 380 -28.83 20.75 22.17
C HIS D 380 -27.43 20.18 22.01
N CYS D 381 -27.15 19.04 22.68
CA CYS D 381 -25.85 18.37 22.59
C CYS D 381 -25.54 17.96 21.18
N ASN D 382 -26.52 17.42 20.46
CA ASN D 382 -26.36 17.00 19.07
C ASN D 382 -26.15 18.22 18.18
N GLU D 383 -26.97 19.27 18.36
CA GLU D 383 -26.86 20.53 17.62
C GLU D 383 -25.44 21.12 17.73
N ILE D 384 -24.84 21.10 18.94
CA ILE D 384 -23.47 21.58 19.20
C ILE D 384 -22.44 20.77 18.40
N VAL D 385 -22.42 19.43 18.55
CA VAL D 385 -21.42 18.63 17.84
C VAL D 385 -21.67 18.69 16.32
N THR D 386 -22.93 18.66 15.84
CA THR D 386 -23.24 18.73 14.41
C THR D 386 -22.72 20.03 13.82
N SER D 387 -23.06 21.18 14.44
CA SER D 387 -22.61 22.48 13.96
C SER D 387 -21.11 22.67 14.10
N TYR D 388 -20.47 22.16 15.17
CA TYR D 388 -19.01 22.27 15.33
C TYR D 388 -18.30 21.45 14.26
N LEU D 389 -18.85 20.25 13.93
CA LEU D 389 -18.30 19.39 12.88
C LEU D 389 -18.44 20.06 11.53
N ARG D 390 -19.62 20.59 11.19
CA ARG D 390 -19.83 21.31 9.92
C ARG D 390 -18.98 22.60 9.81
N LEU D 391 -18.62 23.19 10.95
CA LEU D 391 -17.85 24.43 11.04
C LEU D 391 -16.37 24.20 10.89
N ARG D 392 -15.81 23.19 11.56
CA ARG D 392 -14.39 22.93 11.47
C ARG D 392 -14.05 21.68 10.67
N TYR D 393 -14.71 20.55 10.99
CA TYR D 393 -14.45 19.23 10.41
C TYR D 393 -15.43 18.87 9.30
N SER D 394 -15.45 19.70 8.23
CA SER D 394 -16.31 19.57 7.05
C SER D 394 -16.06 18.23 6.30
N GLY D 395 -14.77 17.83 6.23
CA GLY D 395 -14.31 16.60 5.60
C GLY D 395 -14.87 15.34 6.23
N LEU D 396 -14.79 15.25 7.60
CA LEU D 396 -15.30 14.16 8.42
C LEU D 396 -16.75 13.90 8.12
N MET D 397 -17.57 14.97 8.15
CA MET D 397 -18.99 14.92 7.93
C MET D 397 -19.36 14.49 6.50
N GLU D 398 -18.54 14.88 5.50
CA GLU D 398 -18.72 14.54 4.08
C GLU D 398 -18.46 13.06 3.84
N PHE D 399 -17.28 12.53 4.28
CA PHE D 399 -16.94 11.11 4.15
C PHE D 399 -17.97 10.22 4.85
N ARG D 400 -18.47 10.66 6.03
CA ARG D 400 -19.44 9.93 6.85
C ARG D 400 -20.73 9.64 6.10
N ASN D 401 -21.35 10.68 5.53
CA ASN D 401 -22.62 10.54 4.83
C ASN D 401 -22.46 9.77 3.51
N THR D 402 -21.31 9.90 2.82
CA THR D 402 -21.09 9.15 1.57
C THR D 402 -21.06 7.67 1.89
N LEU D 403 -20.23 7.28 2.87
CA LEU D 403 -20.06 5.89 3.30
C LEU D 403 -21.31 5.29 3.87
N MET D 404 -22.13 6.13 4.51
CA MET D 404 -23.40 5.77 5.11
C MET D 404 -24.46 5.46 4.07
N HIS D 405 -24.58 6.25 2.99
CA HIS D 405 -25.62 6.05 1.97
C HIS D 405 -25.17 5.25 0.73
N GLY D 406 -23.86 5.14 0.53
CA GLY D 406 -23.28 4.37 -0.56
C GLY D 406 -23.41 5.00 -1.93
N GLY D 407 -23.14 4.17 -2.95
CA GLY D 407 -23.15 4.54 -4.36
C GLY D 407 -24.45 5.09 -4.91
N LEU D 408 -25.55 4.31 -4.83
CA LEU D 408 -26.86 4.75 -5.30
C LEU D 408 -27.43 5.65 -4.20
N SER D 409 -27.16 6.96 -4.27
CA SER D 409 -27.59 7.93 -3.28
C SER D 409 -27.36 9.34 -3.78
N THR D 410 -28.03 10.34 -3.17
CA THR D 410 -27.88 11.78 -3.47
C THR D 410 -26.49 12.25 -3.07
N ASP D 411 -25.85 11.50 -2.16
CA ASP D 411 -24.49 11.85 -1.67
C ASP D 411 -23.46 11.67 -2.80
N MET D 412 -23.75 10.76 -3.74
CA MET D 412 -22.88 10.45 -4.86
C MET D 412 -23.41 10.99 -6.19
N LYS D 413 -24.68 11.37 -6.24
CA LYS D 413 -25.40 11.96 -7.39
C LYS D 413 -25.26 11.16 -8.69
N PRO D 414 -25.49 9.83 -8.73
CA PRO D 414 -25.40 9.13 -10.04
C PRO D 414 -26.57 9.46 -10.95
N ASN D 415 -26.42 9.22 -12.25
CA ASN D 415 -27.47 9.49 -13.22
C ASN D 415 -27.90 8.20 -13.90
N VAL D 416 -29.20 7.91 -13.85
CA VAL D 416 -29.86 6.74 -14.44
C VAL D 416 -30.34 7.17 -15.84
N ASP D 417 -30.05 6.38 -16.90
CA ASP D 417 -30.49 6.76 -18.24
C ASP D 417 -31.67 5.89 -18.76
N LYS D 418 -32.22 6.27 -19.94
CA LYS D 418 -33.32 5.59 -20.62
C LYS D 418 -33.04 4.08 -20.78
N ASP D 419 -31.77 3.74 -21.09
CA ASP D 419 -31.26 2.39 -21.33
C ASP D 419 -31.11 1.53 -20.07
N GLY D 420 -31.20 2.16 -18.91
CA GLY D 420 -31.03 1.49 -17.61
C GLY D 420 -29.61 1.41 -17.16
N ASN D 421 -28.75 2.31 -17.67
CA ASN D 421 -27.35 2.38 -17.29
C ASN D 421 -27.07 3.61 -16.43
N ILE D 422 -26.24 3.43 -15.39
CA ILE D 422 -25.95 4.49 -14.43
C ILE D 422 -24.55 5.02 -14.57
N THR D 423 -24.39 6.36 -14.58
CA THR D 423 -23.09 7.05 -14.65
C THR D 423 -22.80 7.78 -13.31
N PRO D 424 -21.75 7.35 -12.53
CA PRO D 424 -21.47 8.02 -11.24
C PRO D 424 -21.33 9.55 -11.32
N GLY D 425 -21.77 10.27 -10.29
CA GLY D 425 -21.71 11.73 -10.31
C GLY D 425 -20.52 12.33 -9.61
N LYS D 426 -19.77 11.50 -8.88
CA LYS D 426 -18.57 11.92 -8.15
C LYS D 426 -17.58 10.75 -8.24
N ILE D 427 -16.34 11.02 -7.88
CA ILE D 427 -15.28 10.02 -7.92
C ILE D 427 -15.18 9.34 -6.56
N VAL D 428 -14.99 8.00 -6.55
CA VAL D 428 -14.81 7.30 -5.28
C VAL D 428 -13.31 7.35 -5.01
N THR D 429 -12.96 8.11 -3.99
CA THR D 429 -11.60 8.42 -3.57
C THR D 429 -11.01 7.34 -2.63
N LYS D 430 -10.82 6.07 -3.12
CA LYS D 430 -10.30 4.94 -2.32
C LYS D 430 -9.15 5.33 -1.37
N ASN D 431 -8.09 5.97 -1.88
CA ASN D 431 -6.92 6.35 -1.06
C ASN D 431 -7.17 7.54 -0.16
N LYS D 432 -8.04 8.50 -0.58
CA LYS D 432 -8.33 9.65 0.26
C LYS D 432 -9.12 9.21 1.51
N ILE D 433 -10.11 8.26 1.35
CA ILE D 433 -10.89 7.69 2.46
C ILE D 433 -9.94 6.95 3.39
N GLU D 434 -9.11 6.06 2.80
CA GLU D 434 -8.09 5.28 3.49
C GLU D 434 -7.23 6.23 4.32
N ASP D 435 -6.64 7.21 3.64
CA ASP D 435 -5.74 8.21 4.26
C ASP D 435 -6.43 8.96 5.40
N PHE D 436 -7.62 9.52 5.15
CA PHE D 436 -8.30 10.30 6.17
C PHE D 436 -8.53 9.53 7.46
N VAL D 437 -9.17 8.34 7.37
CA VAL D 437 -9.48 7.48 8.50
C VAL D 437 -8.19 7.02 9.22
N LYS D 438 -7.28 6.39 8.49
CA LYS D 438 -6.02 5.87 9.04
C LYS D 438 -5.03 6.91 9.57
N ARG D 439 -5.06 8.16 9.04
CA ARG D 439 -4.10 9.20 9.42
C ARG D 439 -4.65 10.40 10.21
N GLU D 440 -5.92 10.78 10.03
CA GLU D 440 -6.41 11.99 10.72
C GLU D 440 -7.61 11.79 11.62
N LEU D 441 -8.42 10.71 11.42
CA LEU D 441 -9.64 10.53 12.22
C LEU D 441 -9.37 10.53 13.74
N ARG D 442 -8.26 9.98 14.22
CA ARG D 442 -7.95 10.03 15.65
C ARG D 442 -7.58 11.42 16.11
N ASN D 443 -6.65 12.07 15.40
CA ASN D 443 -6.19 13.40 15.76
C ASN D 443 -7.35 14.39 15.78
N TYR D 444 -8.28 14.25 14.80
CA TYR D 444 -9.45 15.10 14.67
C TYR D 444 -10.41 14.82 15.79
N PHE D 445 -10.73 13.54 16.04
CA PHE D 445 -11.62 13.11 17.11
C PHE D 445 -11.15 13.60 18.47
N ASP D 446 -9.84 13.44 18.75
CA ASP D 446 -9.24 13.87 20.00
C ASP D 446 -9.36 15.37 20.25
N LYS D 447 -9.37 16.17 19.17
CA LYS D 447 -9.54 17.63 19.22
C LYS D 447 -11.01 17.98 19.45
N ILE D 448 -11.94 17.23 18.85
CA ILE D 448 -13.40 17.40 18.99
C ILE D 448 -13.77 17.15 20.47
N VAL D 449 -13.30 16.03 21.03
CA VAL D 449 -13.55 15.65 22.41
C VAL D 449 -12.84 16.60 23.40
N ASN D 450 -11.67 17.14 23.00
CA ASN D 450 -10.92 18.10 23.80
C ASN D 450 -11.77 19.36 23.98
N PHE D 451 -12.40 19.83 22.88
CA PHE D 451 -13.28 20.99 22.85
C PHE D 451 -14.52 20.77 23.71
N LEU D 452 -15.20 19.61 23.51
CA LEU D 452 -16.43 19.22 24.21
C LEU D 452 -16.23 18.97 25.72
N SER D 453 -14.98 18.91 26.21
CA SER D 453 -14.70 18.73 27.64
C SER D 453 -15.10 20.00 28.40
N SER D 454 -14.73 21.18 27.82
CA SER D 454 -15.01 22.53 28.33
C SER D 454 -16.52 22.81 28.51
N ALA D 455 -17.39 22.01 27.85
CA ALA D 455 -18.85 22.10 27.90
C ALA D 455 -19.42 21.85 29.32
N MET E 2 17.86 47.81 -36.34
CA MET E 2 16.62 48.42 -35.88
C MET E 2 15.73 47.44 -35.12
N LYS E 3 14.88 46.65 -35.82
CA LYS E 3 13.98 45.65 -35.22
C LYS E 3 14.57 44.26 -35.55
N CYS E 4 14.86 43.42 -34.51
CA CYS E 4 15.47 42.10 -34.66
C CYS E 4 14.64 40.98 -34.11
N LEU E 5 14.44 39.95 -34.94
CA LEU E 5 13.76 38.73 -34.52
C LEU E 5 14.79 37.65 -34.21
N PHE E 6 14.77 37.15 -32.98
CA PHE E 6 15.67 36.10 -32.53
C PHE E 6 14.87 34.85 -32.30
N TYR E 7 15.36 33.71 -32.80
CA TYR E 7 14.70 32.44 -32.57
C TYR E 7 15.68 31.30 -32.37
N ILE E 8 15.28 30.25 -31.64
CA ILE E 8 16.08 29.04 -31.42
C ILE E 8 15.62 27.90 -32.39
N ALA E 9 16.57 27.25 -33.04
CA ALA E 9 16.35 26.12 -33.95
C ALA E 9 16.06 24.74 -33.24
N GLY E 10 15.13 24.02 -33.83
CA GLY E 10 14.77 22.66 -33.46
C GLY E 10 14.84 21.82 -34.73
N ASP E 11 14.71 20.51 -34.61
CA ASP E 11 14.73 19.60 -35.75
C ASP E 11 13.52 19.83 -36.66
N VAL E 12 13.78 20.45 -37.81
CA VAL E 12 12.83 20.81 -38.86
C VAL E 12 12.17 19.57 -39.49
N SER E 13 12.86 18.41 -39.44
CA SER E 13 12.38 17.12 -39.97
C SER E 13 11.00 16.78 -39.45
N ASN E 14 10.74 17.04 -38.17
CA ASN E 14 9.47 16.74 -37.54
C ASN E 14 8.47 17.95 -37.56
N TYR E 15 8.66 18.95 -38.49
CA TYR E 15 7.75 20.12 -38.59
C TYR E 15 6.74 19.94 -39.70
N SER E 16 5.52 20.50 -39.50
CA SER E 16 4.40 20.40 -40.43
C SER E 16 3.86 21.77 -40.80
N ILE E 17 3.23 21.88 -42.01
CA ILE E 17 2.58 23.12 -42.45
C ILE E 17 1.36 23.35 -41.58
N VAL E 18 1.23 24.57 -41.07
CA VAL E 18 0.23 24.97 -40.12
C VAL E 18 -0.16 26.47 -40.35
N ASN E 19 -1.34 26.89 -39.90
CA ASN E 19 -1.79 28.28 -40.04
C ASN E 19 -1.70 29.03 -38.73
N TYR E 20 -0.53 29.65 -38.45
CA TYR E 20 -0.32 30.46 -37.23
C TYR E 20 -1.21 31.66 -37.24
N GLU E 21 -1.86 31.92 -36.12
CA GLU E 21 -2.79 33.03 -35.97
C GLU E 21 -2.31 34.01 -34.91
N LEU E 22 -2.53 35.30 -35.14
CA LEU E 22 -2.16 36.36 -34.16
C LEU E 22 -3.05 37.59 -34.41
N ASN E 23 -3.60 38.19 -33.34
CA ASN E 23 -4.49 39.37 -33.53
C ASN E 23 -5.62 38.93 -34.44
N GLY E 24 -5.69 39.47 -35.67
CA GLY E 24 -6.68 39.02 -36.65
C GLY E 24 -6.01 38.37 -37.86
N GLN E 25 -4.70 38.56 -37.98
CA GLN E 25 -3.87 38.06 -39.12
C GLN E 25 -3.55 36.57 -38.99
N THR E 26 -3.15 35.94 -40.11
CA THR E 26 -2.76 34.51 -40.15
C THR E 26 -1.63 34.31 -41.17
N GLN E 27 -0.78 33.30 -40.94
CA GLN E 27 0.35 33.02 -41.81
C GLN E 27 0.55 31.50 -41.93
N ASN E 28 0.58 30.98 -43.18
CA ASN E 28 0.77 29.54 -43.44
C ASN E 28 2.27 29.23 -43.57
N THR E 29 2.83 28.42 -42.63
CA THR E 29 4.24 28.00 -42.58
C THR E 29 4.40 26.72 -41.75
N PHE E 30 5.65 26.22 -41.67
CA PHE E 30 6.03 25.03 -40.91
C PHE E 30 6.87 25.36 -39.66
N PHE E 31 7.17 26.65 -39.45
CA PHE E 31 7.88 27.12 -38.24
C PHE E 31 7.47 28.56 -37.90
N ALA E 32 7.26 28.82 -36.59
CA ALA E 32 6.74 30.06 -36.03
C ALA E 32 7.58 31.28 -36.30
N ALA E 33 8.91 31.12 -36.37
CA ALA E 33 9.85 32.21 -36.66
C ALA E 33 9.55 32.90 -37.98
N HIS E 34 9.23 32.12 -39.03
CA HIS E 34 8.87 32.63 -40.35
C HIS E 34 7.54 33.39 -40.33
N ALA E 35 6.53 32.87 -39.57
CA ALA E 35 5.24 33.52 -39.41
C ALA E 35 5.41 34.91 -38.76
N LEU E 36 6.14 34.97 -37.61
CA LEU E 36 6.46 36.20 -36.89
C LEU E 36 7.29 37.18 -37.75
N TYR E 37 8.13 36.66 -38.68
CA TYR E 37 8.90 37.50 -39.58
C TYR E 37 7.95 38.25 -40.51
N ASN E 38 6.99 37.55 -41.10
CA ASN E 38 6.03 38.21 -42.02
C ASN E 38 5.13 39.15 -41.22
N LEU E 39 4.67 38.73 -40.04
CA LEU E 39 3.77 39.57 -39.20
C LEU E 39 4.45 40.85 -38.71
N PHE E 40 5.71 40.77 -38.25
CA PHE E 40 6.37 41.98 -37.68
C PHE E 40 7.30 42.67 -38.68
N LYS E 41 7.67 42.01 -39.77
CA LYS E 41 8.55 42.64 -40.80
C LYS E 41 9.81 43.23 -40.17
N PRO E 42 10.56 42.47 -39.34
CA PRO E 42 11.79 42.97 -38.71
C PRO E 42 12.94 43.12 -39.73
N ASP E 43 13.93 43.96 -39.41
CA ASP E 43 15.09 44.20 -40.31
C ASP E 43 16.02 42.98 -40.33
N LYS E 44 16.35 42.44 -39.15
CA LYS E 44 17.22 41.27 -39.03
C LYS E 44 16.44 40.08 -38.44
N VAL E 45 16.79 38.86 -38.86
CA VAL E 45 16.24 37.60 -38.34
C VAL E 45 17.49 36.80 -37.97
N ILE E 46 17.61 36.45 -36.69
CA ILE E 46 18.78 35.76 -36.16
C ILE E 46 18.39 34.39 -35.67
N ALA E 47 18.85 33.34 -36.39
CA ALA E 47 18.63 31.94 -36.08
C ALA E 47 19.74 31.48 -35.13
N LEU E 48 19.37 31.05 -33.92
CA LEU E 48 20.33 30.56 -32.93
C LEU E 48 20.30 29.04 -33.00
N ILE E 49 21.22 28.45 -33.79
CA ILE E 49 21.26 27.01 -34.03
C ILE E 49 22.16 26.28 -33.02
N PRO E 50 21.60 25.35 -32.17
CA PRO E 50 22.48 24.64 -31.22
C PRO E 50 23.48 23.73 -31.92
N ASP E 51 24.66 23.53 -31.32
CA ASP E 51 25.67 22.65 -31.88
C ASP E 51 25.24 21.17 -31.93
N SER E 52 24.25 20.79 -31.11
CA SER E 52 23.73 19.43 -31.02
C SER E 52 22.91 19.03 -32.23
N LEU E 53 22.37 20.01 -32.97
CA LEU E 53 21.42 19.82 -34.06
C LEU E 53 21.98 19.23 -35.34
N VAL E 54 22.98 19.90 -35.88
CA VAL E 54 23.58 19.64 -37.17
C VAL E 54 25.11 19.53 -37.03
N LYS E 55 25.75 18.72 -37.92
CA LYS E 55 27.22 18.59 -37.94
C LYS E 55 27.76 18.38 -39.35
N ASP E 56 28.27 19.48 -39.94
CA ASP E 56 28.88 19.49 -41.26
C ASP E 56 30.43 19.44 -41.16
N ASN E 57 31.12 19.16 -42.28
CA ASN E 57 32.58 19.12 -42.33
C ASN E 57 33.19 20.53 -42.49
N VAL E 58 32.44 21.47 -43.12
CA VAL E 58 32.90 22.83 -43.39
C VAL E 58 32.03 23.90 -42.69
N SER E 59 30.71 23.99 -42.97
CA SER E 59 29.83 24.97 -42.33
C SER E 59 28.54 24.35 -41.85
N ASP E 60 28.37 24.29 -40.52
CA ASP E 60 27.19 23.75 -39.84
C ASP E 60 26.03 24.73 -40.07
N GLU E 61 26.33 26.04 -40.16
CA GLU E 61 25.36 27.11 -40.38
C GLU E 61 24.73 26.98 -41.78
N GLU E 62 25.55 26.56 -42.77
CA GLU E 62 25.10 26.33 -44.15
C GLU E 62 24.28 25.05 -44.24
N CYS E 63 24.59 24.06 -43.38
CA CYS E 63 23.80 22.84 -43.37
C CYS E 63 22.40 23.14 -42.85
N TYR E 64 22.29 23.86 -41.72
CA TYR E 64 20.99 24.24 -41.18
C TYR E 64 20.18 25.01 -42.25
N LYS E 65 20.84 25.95 -42.94
CA LYS E 65 20.20 26.72 -44.00
C LYS E 65 19.53 25.76 -44.99
N ASN E 66 20.29 24.81 -45.55
CA ASN E 66 19.80 23.83 -46.51
C ASN E 66 18.84 22.81 -45.91
N LEU E 67 18.94 22.51 -44.60
CA LEU E 67 18.04 21.59 -43.89
C LEU E 67 16.59 22.14 -43.97
N VAL E 68 16.45 23.47 -43.78
CA VAL E 68 15.19 24.21 -43.83
C VAL E 68 14.67 24.27 -45.26
N ILE E 69 15.58 24.48 -46.25
CA ILE E 69 15.24 24.52 -47.69
C ILE E 69 14.70 23.13 -48.12
N ASN E 70 15.39 22.05 -47.71
CA ASN E 70 15.04 20.66 -48.02
C ASN E 70 13.73 20.25 -47.39
N ARG E 71 13.41 20.78 -46.19
CA ARG E 71 12.13 20.48 -45.54
C ARG E 71 10.97 21.17 -46.31
N ALA E 72 11.21 22.41 -46.83
CA ALA E 72 10.25 23.18 -47.60
C ALA E 72 10.00 22.50 -48.93
N LYS E 73 11.05 21.84 -49.49
CA LYS E 73 10.97 21.04 -50.73
C LYS E 73 10.06 19.85 -50.43
N GLU E 74 10.35 19.10 -49.33
CA GLU E 74 9.61 17.94 -48.83
C GLU E 74 8.12 18.29 -48.66
N LEU E 75 7.85 19.40 -47.97
CA LEU E 75 6.45 19.81 -47.67
C LEU E 75 5.85 20.62 -48.82
N ASN E 76 6.52 20.66 -49.98
CA ASN E 76 6.00 21.41 -51.15
C ASN E 76 5.75 22.87 -50.76
N PHE E 77 6.70 23.49 -50.06
CA PHE E 77 6.57 24.91 -49.61
C PHE E 77 7.52 25.76 -50.45
N ALA E 78 7.04 26.90 -50.95
CA ALA E 78 7.88 27.75 -51.84
C ALA E 78 8.15 29.11 -51.20
N GLY E 79 9.41 29.55 -51.25
CA GLY E 79 9.82 30.87 -50.73
C GLY E 79 10.76 30.75 -49.55
N MET E 80 11.31 29.55 -49.32
CA MET E 80 12.20 29.36 -48.16
C MET E 80 13.63 29.73 -48.55
N GLU E 81 13.97 29.55 -49.86
CA GLU E 81 15.26 29.89 -50.46
C GLU E 81 15.51 31.39 -50.22
N GLU E 82 14.51 32.24 -50.55
CA GLU E 82 14.51 33.69 -50.37
C GLU E 82 14.59 34.06 -48.89
N PHE E 83 13.75 33.42 -48.03
CA PHE E 83 13.72 33.70 -46.59
C PHE E 83 15.04 33.37 -45.89
N MET E 84 15.56 32.15 -46.12
CA MET E 84 16.80 31.65 -45.50
C MET E 84 18.05 32.50 -45.88
N ASN E 85 18.00 33.18 -47.04
CA ASN E 85 19.07 34.07 -47.49
C ASN E 85 19.11 35.34 -46.62
N LYS E 86 17.93 35.76 -46.09
CA LYS E 86 17.80 36.94 -45.23
C LYS E 86 18.17 36.71 -43.75
N VAL E 87 18.13 35.45 -43.26
CA VAL E 87 18.40 35.17 -41.84
C VAL E 87 19.92 35.00 -41.58
N GLU E 88 20.38 35.53 -40.43
CA GLU E 88 21.74 35.40 -39.95
C GLU E 88 21.77 34.14 -39.07
N ILE E 89 22.52 33.11 -39.52
CA ILE E 89 22.63 31.86 -38.78
C ILE E 89 23.81 31.94 -37.84
N ARG E 90 23.55 31.84 -36.53
CA ARG E 90 24.58 31.95 -35.51
C ARG E 90 24.58 30.71 -34.63
N LYS E 91 25.68 29.94 -34.63
CA LYS E 91 25.83 28.70 -33.87
C LYS E 91 25.99 28.96 -32.35
N ILE E 92 25.22 28.23 -31.53
CA ILE E 92 25.23 28.35 -30.07
C ILE E 92 25.56 27.01 -29.38
N PRO E 93 26.22 27.01 -28.20
CA PRO E 93 26.54 25.73 -27.56
C PRO E 93 25.34 25.11 -26.87
N ASN E 94 25.35 23.77 -26.68
CA ASN E 94 24.27 23.06 -26.00
C ASN E 94 24.81 22.12 -24.91
N VAL E 95 23.91 21.37 -24.23
CA VAL E 95 24.19 20.44 -23.15
C VAL E 95 23.50 19.13 -23.34
N GLY E 96 24.25 18.07 -23.13
CA GLY E 96 23.66 16.75 -23.09
C GLY E 96 23.98 15.79 -24.18
N ILE E 97 23.14 14.80 -24.23
CA ILE E 97 23.22 13.69 -25.16
C ILE E 97 22.24 13.94 -26.31
N ALA E 98 22.75 13.94 -27.55
CA ALA E 98 21.94 14.18 -28.74
C ALA E 98 22.29 13.31 -29.95
N SER E 99 21.34 13.31 -30.89
CA SER E 99 21.39 12.63 -32.21
C SER E 99 21.44 13.76 -33.24
N ALA E 100 22.64 14.11 -33.69
CA ALA E 100 22.88 15.25 -34.57
C ALA E 100 22.87 14.86 -36.04
N ILE E 101 22.09 15.59 -36.86
CA ILE E 101 22.01 15.40 -38.32
C ILE E 101 23.43 15.60 -38.92
N GLN E 102 23.91 14.61 -39.71
CA GLN E 102 25.21 14.60 -40.37
C GLN E 102 25.09 15.29 -41.73
N CYS E 103 26.05 16.17 -42.08
CA CYS E 103 26.08 16.87 -43.39
C CYS E 103 27.44 16.81 -44.01
N GLU E 104 27.47 17.00 -45.33
CA GLU E 104 28.69 17.09 -46.13
C GLU E 104 28.54 18.27 -47.10
N ASN E 105 29.46 19.22 -47.03
CA ASN E 105 29.47 20.42 -47.87
C ASN E 105 28.18 21.26 -47.75
N GLY E 106 27.75 21.47 -46.52
CA GLY E 106 26.54 22.22 -46.22
C GLY E 106 25.26 21.54 -46.65
N ALA E 107 25.33 20.24 -46.94
CA ALA E 107 24.14 19.55 -47.35
C ALA E 107 23.89 18.36 -46.46
N PRO E 108 22.71 18.29 -45.76
CA PRO E 108 22.42 17.11 -44.93
C PRO E 108 22.54 15.80 -45.72
N LYS E 109 23.16 14.80 -45.08
CA LYS E 109 23.34 13.47 -45.64
C LYS E 109 22.09 12.64 -45.33
N LYS E 110 21.69 11.80 -46.29
CA LYS E 110 20.56 10.88 -46.17
C LYS E 110 21.05 9.43 -46.28
N GLU E 111 20.34 8.50 -45.62
CA GLU E 111 20.63 7.06 -45.62
C GLU E 111 19.33 6.26 -45.47
N LYS E 112 19.30 4.98 -45.90
CA LYS E 112 18.10 4.15 -45.74
C LYS E 112 18.18 3.27 -44.48
N ASN E 113 17.17 3.38 -43.58
CA ASN E 113 17.13 2.64 -42.32
C ASN E 113 16.76 1.15 -42.49
N LYS E 114 16.54 0.45 -41.36
CA LYS E 114 16.17 -0.96 -41.32
C LYS E 114 14.75 -1.21 -41.87
N GLU E 115 13.84 -0.21 -41.69
CA GLU E 115 12.46 -0.25 -42.19
C GLU E 115 12.34 0.03 -43.72
N GLY E 116 13.48 0.31 -44.37
CA GLY E 116 13.56 0.60 -45.79
C GLY E 116 13.55 2.09 -46.11
N ARG E 117 12.91 2.90 -45.23
CA ARG E 117 12.73 4.36 -45.31
C ARG E 117 14.04 5.12 -45.49
N GLU E 118 13.99 6.24 -46.22
CA GLU E 118 15.18 7.09 -46.49
C GLU E 118 15.28 8.18 -45.42
N VAL E 119 15.63 7.81 -44.19
CA VAL E 119 15.77 8.76 -43.05
C VAL E 119 17.12 9.47 -43.13
N LEU E 120 17.26 10.61 -42.46
CA LEU E 120 18.54 11.37 -42.41
C LEU E 120 19.53 10.60 -41.54
N LYS E 121 20.83 10.73 -41.80
CA LYS E 121 21.87 10.01 -41.02
C LYS E 121 22.28 10.86 -39.81
N ARG E 122 22.27 10.29 -38.60
CA ARG E 122 22.70 11.05 -37.43
C ARG E 122 23.97 10.50 -36.79
N LEU E 123 24.65 11.38 -36.06
CA LEU E 123 25.89 11.13 -35.34
C LEU E 123 25.62 11.37 -33.84
N PRO E 124 26.25 10.61 -32.93
CA PRO E 124 25.99 10.85 -31.50
C PRO E 124 26.75 12.06 -30.98
N TYR E 125 26.10 12.85 -30.10
CA TYR E 125 26.62 14.09 -29.47
C TYR E 125 26.53 13.89 -27.97
N ASN E 126 27.55 14.32 -27.23
CA ASN E 126 27.58 14.27 -25.77
C ASN E 126 28.48 15.36 -25.26
N GLU E 127 27.90 16.44 -24.78
CA GLU E 127 28.68 17.59 -24.32
C GLU E 127 28.23 18.06 -22.95
N LYS E 128 29.21 18.33 -22.05
CA LYS E 128 28.95 18.82 -20.69
C LYS E 128 29.34 20.28 -20.65
N ARG E 129 28.33 21.15 -20.70
CA ARG E 129 28.49 22.61 -20.67
C ARG E 129 27.68 23.18 -19.51
N SER E 130 28.02 24.40 -19.08
CA SER E 130 27.26 25.01 -18.00
C SER E 130 26.20 25.93 -18.62
N PRO E 131 24.95 25.94 -18.10
CA PRO E 131 23.93 26.85 -18.63
C PRO E 131 24.35 28.34 -18.67
N ILE E 132 25.23 28.80 -17.74
CA ILE E 132 25.69 30.20 -17.82
C ILE E 132 26.71 30.37 -18.98
N PHE E 133 27.37 29.29 -19.45
CA PHE E 133 28.26 29.36 -20.61
C PHE E 133 27.38 29.55 -21.86
N ILE E 134 26.24 28.83 -21.90
CA ILE E 134 25.22 28.94 -22.95
C ILE E 134 24.61 30.35 -22.90
N PHE E 135 24.29 30.83 -21.66
CA PHE E 135 23.77 32.16 -21.39
C PHE E 135 24.73 33.25 -21.91
N ASN E 136 26.05 33.11 -21.60
CA ASN E 136 27.07 34.05 -22.03
C ASN E 136 27.25 34.09 -23.53
N ALA E 137 27.06 32.93 -24.19
CA ALA E 137 27.15 32.79 -25.63
C ALA E 137 25.99 33.56 -26.28
N ILE E 138 24.72 33.30 -25.84
CA ILE E 138 23.53 34.00 -26.33
C ILE E 138 23.57 35.52 -26.02
N TYR E 139 24.02 35.90 -24.79
CA TYR E 139 24.15 37.29 -24.36
C TYR E 139 25.03 38.09 -25.32
N ALA E 140 26.24 37.56 -25.62
CA ALA E 140 27.20 38.18 -26.54
C ALA E 140 26.59 38.39 -27.93
N ILE E 141 25.74 37.47 -28.39
CA ILE E 141 25.05 37.57 -29.69
C ILE E 141 24.07 38.74 -29.65
N PHE E 142 23.23 38.80 -28.61
CA PHE E 142 22.23 39.84 -28.40
C PHE E 142 22.91 41.22 -28.28
N LYS E 143 23.93 41.31 -27.40
CA LYS E 143 24.66 42.55 -27.12
C LYS E 143 25.29 43.14 -28.36
N ASP E 144 26.04 42.34 -29.12
CA ASP E 144 26.74 42.86 -30.33
C ASP E 144 25.77 43.12 -31.48
N GLU E 145 24.53 42.63 -31.39
CA GLU E 145 23.52 42.88 -32.45
C GLU E 145 23.20 44.38 -32.52
N ALA E 146 23.16 45.04 -31.35
CA ALA E 146 22.91 46.49 -31.23
C ALA E 146 21.60 46.92 -31.89
N CYS E 147 20.51 46.16 -31.68
CA CYS E 147 19.19 46.54 -32.24
C CYS E 147 18.51 47.55 -31.32
N ASP E 148 17.42 48.16 -31.79
CA ASP E 148 16.65 49.11 -31.02
C ASP E 148 15.48 48.37 -30.36
N GLU E 149 14.81 47.49 -31.12
CA GLU E 149 13.67 46.70 -30.71
C GLU E 149 13.98 45.19 -30.83
N TYR E 150 14.00 44.49 -29.68
CA TYR E 150 14.27 43.06 -29.59
C TYR E 150 12.97 42.27 -29.55
N LEU E 151 12.90 41.23 -30.39
CA LEU E 151 11.77 40.33 -30.54
C LEU E 151 12.29 38.90 -30.42
N VAL E 152 11.80 38.15 -29.43
CA VAL E 152 12.27 36.80 -29.17
C VAL E 152 11.16 35.78 -29.35
N ASP E 153 11.39 34.77 -30.19
CA ASP E 153 10.51 33.65 -30.45
C ASP E 153 10.89 32.46 -29.53
N LEU E 154 9.98 32.11 -28.60
CA LEU E 154 10.13 31.02 -27.64
C LEU E 154 9.29 29.79 -28.09
N THR E 155 9.00 29.66 -29.39
CA THR E 155 8.19 28.53 -29.86
C THR E 155 8.99 27.25 -29.99
N HIS E 156 10.11 27.34 -30.76
CA HIS E 156 10.98 26.24 -31.15
C HIS E 156 12.26 26.17 -30.36
N GLY E 157 12.84 24.97 -30.36
CA GLY E 157 14.07 24.65 -29.63
C GLY E 157 13.83 23.94 -28.31
N THR E 158 14.93 23.41 -27.75
CA THR E 158 14.98 22.70 -26.46
C THR E 158 14.49 23.63 -25.33
N ASN E 159 13.80 23.08 -24.33
CA ASN E 159 13.25 23.84 -23.19
C ASN E 159 14.35 24.52 -22.38
N VAL E 160 15.58 23.96 -22.36
CA VAL E 160 16.78 24.51 -21.72
C VAL E 160 17.16 25.79 -22.49
N LEU E 161 17.33 25.70 -23.83
CA LEU E 161 17.71 26.83 -24.67
C LEU E 161 16.63 27.90 -24.74
N VAL E 162 15.32 27.52 -24.69
CA VAL E 162 14.21 28.49 -24.72
C VAL E 162 14.21 29.31 -23.44
N SER E 163 14.27 28.64 -22.27
CA SER E 163 14.31 29.32 -20.97
C SER E 163 15.53 30.22 -20.84
N ILE E 164 16.71 29.74 -21.31
CA ILE E 164 17.95 30.55 -21.31
C ILE E 164 17.77 31.79 -22.17
N GLY E 165 17.18 31.61 -23.37
CA GLY E 165 16.89 32.68 -24.31
C GLY E 165 15.92 33.72 -23.77
N MET E 166 14.96 33.29 -22.92
CA MET E 166 13.97 34.18 -22.31
C MET E 166 14.65 35.12 -21.33
N ASN E 167 15.57 34.59 -20.50
CA ASN E 167 16.31 35.37 -19.52
C ASN E 167 17.28 36.33 -20.19
N VAL E 168 17.84 35.97 -21.38
CA VAL E 168 18.73 36.89 -22.11
C VAL E 168 17.86 38.03 -22.65
N GLY E 169 16.75 37.69 -23.31
CA GLY E 169 15.81 38.64 -23.89
C GLY E 169 15.32 39.68 -22.90
N ALA E 170 15.14 39.25 -21.62
CA ALA E 170 14.70 40.09 -20.52
C ALA E 170 15.66 41.26 -20.25
N LEU E 171 16.96 41.03 -20.49
CA LEU E 171 18.01 42.06 -20.32
C LEU E 171 18.09 43.00 -21.54
N PHE E 172 17.34 42.72 -22.62
CA PHE E 172 17.33 43.54 -23.84
C PHE E 172 15.94 44.12 -24.14
N ASN E 173 15.03 44.07 -23.15
CA ASN E 173 13.64 44.57 -23.21
C ASN E 173 12.88 43.98 -24.41
N ALA E 174 13.02 42.66 -24.58
CA ALA E 174 12.42 41.92 -25.67
C ALA E 174 10.94 41.69 -25.49
N LYS E 175 10.23 41.45 -26.61
CA LYS E 175 8.81 41.06 -26.61
C LYS E 175 8.89 39.55 -26.90
N PHE E 176 8.21 38.73 -26.09
CA PHE E 176 8.28 37.27 -26.24
C PHE E 176 7.04 36.68 -26.85
N TYR E 177 7.20 35.72 -27.76
CA TYR E 177 6.10 35.04 -28.45
C TYR E 177 6.31 33.53 -28.44
N SER E 178 5.19 32.76 -28.32
CA SER E 178 5.24 31.30 -28.33
C SER E 178 3.96 30.71 -28.96
N ALA E 179 4.13 29.75 -29.88
CA ALA E 179 3.02 29.13 -30.60
C ALA E 179 3.10 27.60 -30.57
N PRO E 180 2.72 26.93 -29.44
CA PRO E 180 2.75 25.45 -29.43
C PRO E 180 1.59 24.83 -30.18
N VAL E 181 1.76 23.59 -30.67
CA VAL E 181 0.65 22.88 -31.38
C VAL E 181 0.06 21.85 -30.41
N MET E 182 -1.16 22.10 -29.93
CA MET E 182 -1.85 21.20 -28.98
C MET E 182 -2.90 20.36 -29.72
N GLY E 183 -2.92 20.45 -31.04
CA GLY E 183 -3.88 19.72 -31.89
C GLY E 183 -3.17 18.99 -33.01
N MET E 184 -3.82 18.02 -33.65
CA MET E 184 -3.14 17.29 -34.76
C MET E 184 -2.80 18.32 -35.85
N PRO E 185 -1.59 18.28 -36.45
CA PRO E 185 -1.21 19.25 -37.48
C PRO E 185 -1.72 18.86 -38.88
N GLY E 186 -3.05 18.89 -39.04
CA GLY E 186 -3.74 18.60 -40.30
C GLY E 186 -3.74 19.81 -41.22
N LYS E 187 -4.13 19.63 -42.48
CA LYS E 187 -4.17 20.79 -43.41
C LYS E 187 -5.16 21.83 -42.87
N ASP E 188 -4.75 23.10 -42.88
CA ASP E 188 -5.54 24.28 -42.40
C ASP E 188 -5.69 24.29 -40.87
N SER E 189 -4.84 23.56 -40.14
CA SER E 189 -4.94 23.57 -38.67
C SER E 189 -4.55 24.96 -38.17
N ILE E 190 -5.21 25.46 -37.13
CA ILE E 190 -4.92 26.83 -36.61
C ILE E 190 -4.11 26.71 -35.33
N VAL E 191 -3.04 27.51 -35.20
CA VAL E 191 -2.22 27.54 -33.98
C VAL E 191 -1.96 29.00 -33.59
N ASN E 192 -2.48 29.38 -32.42
CA ASN E 192 -2.35 30.74 -31.94
C ASN E 192 -0.96 31.07 -31.46
N ILE E 193 -0.53 32.32 -31.74
CA ILE E 193 0.72 32.88 -31.25
C ILE E 193 0.33 33.63 -29.96
N VAL E 194 1.02 33.30 -28.86
CA VAL E 194 0.77 33.86 -27.54
C VAL E 194 1.93 34.76 -27.16
N GLU E 195 1.66 36.03 -26.84
CA GLU E 195 2.68 36.99 -26.40
C GLU E 195 2.87 36.85 -24.87
N LEU E 196 4.13 36.73 -24.41
CA LEU E 196 4.46 36.51 -22.98
C LEU E 196 5.15 37.71 -22.29
N THR E 197 5.27 38.84 -23.02
CA THR E 197 5.92 40.05 -22.53
C THR E 197 5.41 40.48 -21.17
N ASP E 198 4.06 40.60 -21.05
CA ASP E 198 3.34 41.04 -19.84
C ASP E 198 3.66 40.20 -18.60
N VAL E 199 3.77 38.86 -18.78
CA VAL E 199 4.10 37.92 -17.71
C VAL E 199 5.51 38.18 -17.18
N VAL E 200 6.52 38.36 -18.08
CA VAL E 200 7.91 38.63 -17.67
C VAL E 200 7.96 40.01 -16.97
N GLN E 201 7.14 40.98 -17.41
CA GLN E 201 7.11 42.31 -16.80
C GLN E 201 6.50 42.24 -15.40
N ALA E 202 5.38 41.51 -15.25
CA ALA E 202 4.66 41.36 -13.99
C ALA E 202 5.54 40.81 -12.86
N THR E 203 6.47 39.91 -13.20
CA THR E 203 7.38 39.30 -12.23
C THR E 203 8.52 40.27 -11.93
N ASN E 204 9.03 41.00 -12.92
CA ASN E 204 10.08 42.00 -12.71
C ASN E 204 9.54 43.09 -11.77
N ASP E 205 8.29 43.55 -12.02
CA ASP E 205 7.56 44.56 -11.24
C ASP E 205 7.40 44.14 -9.78
N SER E 206 7.10 42.86 -9.53
CA SER E 206 6.95 42.29 -8.19
C SER E 206 8.25 42.26 -7.44
N LEU E 207 9.35 41.92 -8.11
CA LEU E 207 10.67 41.91 -7.48
C LEU E 207 11.11 43.33 -7.10
N MET E 208 10.76 44.30 -7.95
CA MET E 208 11.01 45.72 -7.70
C MET E 208 10.17 46.23 -6.53
N ILE E 209 8.86 45.87 -6.47
CA ILE E 209 7.97 46.24 -5.34
C ILE E 209 8.52 45.67 -4.04
N ARG E 210 8.89 44.38 -4.03
CA ARG E 210 9.46 43.71 -2.87
C ARG E 210 10.72 44.41 -2.32
N SER E 211 11.66 44.78 -3.23
CA SER E 211 12.91 45.45 -2.89
C SER E 211 12.65 46.88 -2.38
N SER E 212 11.59 47.53 -2.92
CA SER E 212 11.18 48.89 -2.56
C SER E 212 10.79 48.97 -1.09
N ILE E 213 10.12 47.92 -0.58
CA ILE E 213 9.74 47.90 0.82
C ILE E 213 10.95 47.50 1.67
N GLU E 214 11.79 46.62 1.12
CA GLU E 214 13.00 46.11 1.78
C GLU E 214 14.02 47.24 2.05
N ASN E 215 14.22 48.14 1.06
CA ASN E 215 15.17 49.24 1.18
C ASN E 215 14.53 50.60 1.45
N LEU E 216 13.24 50.62 1.88
CA LEU E 216 12.48 51.83 2.24
C LEU E 216 12.59 52.90 1.14
N ASP E 217 12.37 52.50 -0.12
CA ASP E 217 12.55 53.35 -1.29
C ASP E 217 11.35 53.27 -2.23
N GLU E 218 10.64 54.37 -2.41
CA GLU E 218 9.46 54.41 -3.31
C GLU E 218 9.82 54.45 -4.79
N ARG E 219 11.08 54.79 -5.13
CA ARG E 219 11.56 54.90 -6.50
C ARG E 219 11.52 53.54 -7.21
N TYR E 220 11.55 52.45 -6.44
CA TYR E 220 11.51 51.06 -6.91
C TYR E 220 10.09 50.48 -6.99
N PHE E 221 9.13 51.14 -6.31
CA PHE E 221 7.73 50.71 -6.31
C PHE E 221 7.07 51.06 -7.65
N LYS E 222 6.69 50.01 -8.39
CA LYS E 222 6.02 50.13 -9.69
C LYS E 222 4.52 50.38 -9.42
N ASP E 223 4.08 51.63 -9.64
CA ASP E 223 2.68 52.03 -9.42
C ASP E 223 1.73 51.40 -10.45
N TYR E 224 0.74 50.67 -9.94
CA TYR E 224 -0.28 49.99 -10.72
C TYR E 224 -1.67 50.65 -10.61
N SER E 225 -1.71 51.94 -10.18
CA SER E 225 -2.94 52.74 -10.06
C SER E 225 -3.66 52.80 -11.40
N ALA E 226 -2.93 53.11 -12.49
CA ALA E 226 -3.47 53.24 -13.85
C ALA E 226 -4.16 51.97 -14.30
N LYS E 227 -3.49 50.80 -14.12
CA LYS E 227 -4.01 49.47 -14.44
C LYS E 227 -5.36 49.29 -13.74
N LEU E 228 -5.40 49.44 -12.40
CA LEU E 228 -6.60 49.27 -11.58
C LEU E 228 -7.76 50.20 -12.00
N SER E 229 -7.47 51.48 -12.30
CA SER E 229 -8.49 52.44 -12.72
C SER E 229 -9.11 52.04 -14.07
N ARG E 230 -8.26 51.71 -15.03
CA ARG E 230 -8.70 51.39 -16.41
C ARG E 230 -9.14 49.93 -16.52
N LEU E 231 -9.44 49.29 -15.39
CA LEU E 231 -9.84 47.85 -15.47
C LEU E 231 -11.33 47.69 -15.20
N ASN E 232 -12.08 47.23 -16.21
CA ASN E 232 -13.53 46.94 -16.06
C ASN E 232 -13.93 45.86 -17.07
N PRO E 233 -14.19 44.60 -16.65
CA PRO E 233 -14.62 43.54 -17.57
C PRO E 233 -16.03 43.87 -18.08
N THR E 234 -16.31 43.52 -19.35
CA THR E 234 -17.62 43.83 -19.97
C THR E 234 -18.75 43.08 -19.25
N ILE E 235 -18.54 41.82 -18.88
CA ILE E 235 -19.59 41.01 -18.18
C ILE E 235 -19.08 40.68 -16.78
N PHE E 236 -19.91 40.92 -15.76
CA PHE E 236 -19.47 40.63 -14.37
C PHE E 236 -20.59 40.01 -13.53
N GLU E 237 -20.20 39.22 -12.54
CA GLU E 237 -21.17 38.59 -11.59
C GLU E 237 -21.32 39.51 -10.38
N GLU E 238 -22.31 39.25 -9.53
CA GLU E 238 -22.54 40.11 -8.36
C GLU E 238 -21.40 40.02 -7.32
N GLU E 239 -20.79 38.84 -7.12
CA GLU E 239 -19.70 38.72 -6.16
C GLU E 239 -18.39 39.17 -6.76
N GLU E 240 -18.28 39.11 -8.09
CA GLU E 240 -17.10 39.54 -8.83
C GLU E 240 -17.04 41.05 -8.81
N LYS E 241 -18.18 41.73 -9.07
CA LYS E 241 -18.33 43.18 -9.01
C LYS E 241 -17.92 43.69 -7.63
N LYS E 242 -18.36 42.99 -6.56
CA LYS E 242 -18.06 43.28 -5.17
C LYS E 242 -16.54 43.29 -4.84
N VAL E 243 -15.79 42.24 -5.23
CA VAL E 243 -14.35 42.14 -4.99
C VAL E 243 -13.53 43.09 -5.89
N LEU E 244 -13.98 43.27 -7.13
CA LEU E 244 -13.31 44.13 -8.10
C LEU E 244 -13.44 45.60 -7.75
N THR E 245 -14.53 45.99 -7.09
CA THR E 245 -14.78 47.36 -6.62
C THR E 245 -13.80 47.71 -5.51
N ARG E 246 -13.58 46.77 -4.57
CA ARG E 246 -12.68 46.93 -3.43
C ARG E 246 -11.20 46.95 -3.84
N VAL E 247 -10.82 46.14 -4.85
CA VAL E 247 -9.47 46.06 -5.40
C VAL E 247 -9.15 47.34 -6.18
N LYS E 248 -10.09 47.79 -7.02
CA LYS E 248 -9.97 49.04 -7.81
C LYS E 248 -9.77 50.28 -6.92
N GLY E 249 -10.26 50.21 -5.69
CA GLY E 249 -10.20 51.28 -4.70
C GLY E 249 -9.04 51.24 -3.72
N THR E 250 -8.07 50.30 -3.91
CA THR E 250 -6.88 50.18 -3.04
C THR E 250 -6.03 51.43 -3.18
N ASP E 251 -5.75 52.12 -2.05
CA ASP E 251 -4.94 53.34 -2.03
C ASP E 251 -3.46 52.99 -2.11
N VAL E 252 -2.99 52.67 -3.33
CA VAL E 252 -1.60 52.33 -3.56
C VAL E 252 -0.76 53.61 -3.43
N ASN E 253 -1.37 54.77 -3.72
CA ASN E 253 -0.72 56.08 -3.56
C ASN E 253 -0.34 56.38 -2.10
N VAL E 254 -1.13 55.93 -1.10
CA VAL E 254 -0.84 56.10 0.34
C VAL E 254 0.42 55.28 0.71
N VAL E 255 0.61 54.11 0.06
CA VAL E 255 1.79 53.25 0.29
C VAL E 255 3.04 53.91 -0.29
N ILE E 256 2.94 54.46 -1.52
CA ILE E 256 4.05 55.15 -2.19
C ILE E 256 4.47 56.38 -1.39
N ASN E 257 3.48 57.15 -0.91
CA ASN E 257 3.70 58.34 -0.08
C ASN E 257 4.35 57.96 1.26
N PHE E 258 3.95 56.80 1.86
CA PHE E 258 4.51 56.28 3.11
C PHE E 258 5.99 56.02 2.92
N LEU E 259 6.35 55.33 1.82
CA LEU E 259 7.74 55.04 1.46
C LEU E 259 8.50 56.33 1.13
N TRP E 260 7.83 57.32 0.47
CA TRP E 260 8.45 58.60 0.14
C TRP E 260 8.85 59.37 1.40
N ASN E 261 7.93 59.49 2.39
CA ASN E 261 8.19 60.16 3.66
C ASN E 261 9.36 59.47 4.40
N ILE E 262 9.38 58.10 4.46
CA ILE E 262 10.48 57.37 5.10
C ILE E 262 11.79 57.69 4.42
N ARG E 263 11.86 57.56 3.09
CA ARG E 263 13.10 57.84 2.35
C ARG E 263 13.59 59.29 2.56
N ASN E 264 12.68 60.26 2.55
CA ASN E 264 12.99 61.68 2.68
C ASN E 264 12.99 62.23 4.15
N GLY E 265 12.97 61.34 5.14
CA GLY E 265 13.09 61.69 6.55
C GLY E 265 11.91 62.40 7.21
N PHE E 266 10.72 62.35 6.58
CA PHE E 266 9.50 62.90 7.16
C PHE E 266 8.91 61.83 8.10
N THR E 267 9.67 61.56 9.20
CA THR E 267 9.46 60.53 10.20
C THR E 267 8.13 60.67 10.96
N VAL E 268 7.74 61.89 11.34
CA VAL E 268 6.47 62.06 12.05
C VAL E 268 5.31 61.64 11.19
N ASN E 269 5.31 62.11 9.92
CA ASN E 269 4.28 61.87 8.91
C ASN E 269 4.18 60.40 8.55
N ALA E 270 5.34 59.72 8.41
CA ALA E 270 5.40 58.29 8.12
C ALA E 270 4.70 57.52 9.23
N VAL E 271 5.05 57.81 10.49
CA VAL E 271 4.51 57.19 11.70
C VAL E 271 2.98 57.46 11.86
N LYS E 272 2.53 58.69 11.52
CA LYS E 272 1.12 59.06 11.59
C LYS E 272 0.27 58.30 10.57
N SER E 273 0.87 57.93 9.43
CA SER E 273 0.23 57.19 8.36
C SER E 273 0.05 55.71 8.69
N MET E 274 0.86 55.16 9.63
CA MET E 274 0.88 53.74 10.01
C MET E 274 -0.49 53.12 10.27
N ASN E 275 -1.36 53.82 11.01
CA ASN E 275 -2.69 53.29 11.30
C ASN E 275 -3.60 53.26 10.08
N GLU E 276 -3.49 54.25 9.17
CA GLU E 276 -4.23 54.30 7.90
C GLU E 276 -3.79 53.10 7.05
N LEU E 277 -2.45 52.92 6.88
CA LEU E 277 -1.83 51.82 6.16
C LEU E 277 -2.28 50.46 6.71
N LYS E 278 -2.36 50.34 8.06
CA LYS E 278 -2.80 49.13 8.75
C LYS E 278 -4.18 48.72 8.22
N ASN E 279 -5.08 49.69 8.03
CA ASN E 279 -6.40 49.46 7.47
C ASN E 279 -6.34 49.14 5.99
N ILE E 280 -5.43 49.79 5.20
CA ILE E 280 -5.26 49.57 3.75
C ILE E 280 -4.90 48.11 3.47
N ILE E 281 -3.86 47.61 4.19
CA ILE E 281 -3.32 46.25 3.96
C ILE E 281 -4.26 45.18 4.50
N ASN E 282 -5.09 45.51 5.50
CA ASN E 282 -6.04 44.54 6.02
C ASN E 282 -7.12 44.27 4.96
N GLN E 283 -7.61 45.34 4.34
CA GLN E 283 -8.60 45.21 3.24
C GLN E 283 -7.91 44.47 2.09
N LEU E 284 -6.66 44.84 1.80
CA LEU E 284 -5.90 44.16 0.75
C LEU E 284 -5.69 42.68 1.03
N GLU E 285 -5.43 42.28 2.28
CA GLU E 285 -5.25 40.88 2.66
C GLU E 285 -6.55 40.14 2.35
N GLU E 286 -7.70 40.68 2.85
CA GLU E 286 -9.05 40.17 2.64
C GLU E 286 -9.38 40.07 1.15
N ASP E 287 -9.10 41.14 0.39
CA ASP E 287 -9.38 41.19 -1.05
C ASP E 287 -8.55 40.19 -1.82
N LEU E 288 -7.34 39.92 -1.31
CA LEU E 288 -6.41 38.99 -1.91
C LEU E 288 -6.82 37.56 -1.69
N GLU E 289 -7.27 37.23 -0.46
CA GLU E 289 -7.75 35.89 -0.13
C GLU E 289 -8.93 35.52 -1.02
N LYS E 290 -9.83 36.50 -1.29
CA LYS E 290 -10.99 36.34 -2.16
C LYS E 290 -10.56 36.13 -3.61
N LEU E 291 -9.63 36.96 -4.12
CA LEU E 291 -9.11 36.82 -5.47
C LEU E 291 -8.35 35.51 -5.63
N LYS E 292 -7.51 35.14 -4.63
CA LYS E 292 -6.75 33.88 -4.64
C LYS E 292 -7.72 32.71 -4.79
N SER E 293 -8.80 32.72 -4.01
CA SER E 293 -9.86 31.72 -4.05
C SER E 293 -10.51 31.66 -5.45
N PHE E 294 -10.69 32.84 -6.08
CA PHE E 294 -11.27 33.01 -7.42
C PHE E 294 -10.41 32.33 -8.46
N TYR E 295 -9.09 32.57 -8.41
CA TYR E 295 -8.11 32.02 -9.35
C TYR E 295 -7.80 30.53 -9.08
N LYS E 296 -8.05 30.06 -7.84
CA LYS E 296 -7.87 28.66 -7.45
C LYS E 296 -9.06 27.85 -8.00
N ASN E 297 -10.25 28.48 -8.05
CA ASN E 297 -11.46 27.91 -8.62
C ASN E 297 -11.80 28.73 -9.87
N TRP E 298 -10.81 28.93 -10.75
CA TRP E 298 -10.88 29.76 -11.96
C TRP E 298 -11.98 29.37 -12.94
N GLU E 299 -12.47 28.12 -12.87
CA GLU E 299 -13.50 27.63 -13.78
C GLU E 299 -14.87 28.31 -13.57
N GLU E 300 -15.07 28.93 -12.39
CA GLU E 300 -16.29 29.64 -11.99
C GLU E 300 -16.20 31.14 -12.25
N HIS E 301 -15.01 31.65 -12.46
CA HIS E 301 -14.83 33.08 -12.72
C HIS E 301 -14.17 33.27 -14.07
N LYS E 302 -14.83 32.75 -15.12
CA LYS E 302 -14.36 32.82 -16.49
C LYS E 302 -14.42 34.24 -17.08
N ASN E 303 -15.05 35.19 -16.38
CA ASN E 303 -15.14 36.60 -16.79
C ASN E 303 -13.74 37.26 -16.78
N PHE E 304 -12.86 36.79 -15.89
CA PHE E 304 -11.49 37.26 -15.73
C PHE E 304 -10.54 36.63 -16.76
N GLN E 305 -11.01 35.62 -17.53
CA GLN E 305 -10.18 34.83 -18.44
C GLN E 305 -9.40 35.65 -19.47
N GLY E 306 -9.87 36.83 -19.82
CA GLY E 306 -9.17 37.69 -20.77
C GLY E 306 -8.45 38.90 -20.19
N GLU E 307 -8.67 39.19 -18.89
CA GLU E 307 -8.12 40.37 -18.22
C GLU E 307 -6.62 40.37 -18.06
N THR E 308 -6.00 41.53 -18.35
CA THR E 308 -4.55 41.80 -18.32
C THR E 308 -4.12 42.88 -17.30
N LEU E 309 -5.08 43.61 -16.73
CA LEU E 309 -4.79 44.71 -15.79
C LEU E 309 -4.67 44.26 -14.34
N LEU E 310 -5.49 43.26 -13.92
CA LEU E 310 -5.44 42.73 -12.54
C LEU E 310 -4.36 41.65 -12.41
N VAL E 311 -3.20 42.00 -11.80
CA VAL E 311 -2.06 41.11 -11.59
C VAL E 311 -1.93 40.83 -10.09
N LEU E 312 -2.25 39.60 -9.69
CA LEU E 312 -2.23 39.10 -8.32
C LEU E 312 -0.91 39.37 -7.61
N SER E 313 0.22 39.20 -8.33
CA SER E 313 1.57 39.35 -7.79
C SER E 313 1.84 40.79 -7.36
N ASP E 314 1.33 41.80 -8.12
CA ASP E 314 1.47 43.24 -7.83
C ASP E 314 0.84 43.56 -6.49
N LEU E 315 -0.36 43.01 -6.24
CA LEU E 315 -1.11 43.21 -5.02
C LEU E 315 -0.49 42.42 -3.86
N ASP E 316 -0.14 41.14 -4.07
CA ASP E 316 0.49 40.30 -3.04
C ASP E 316 1.86 40.85 -2.59
N SER E 317 2.63 41.45 -3.52
CA SER E 317 3.94 42.04 -3.22
C SER E 317 3.76 43.29 -2.37
N THR E 318 2.65 44.01 -2.57
CA THR E 318 2.29 45.20 -1.80
C THR E 318 2.05 44.88 -0.33
N LEU E 319 1.57 43.67 -0.03
CA LEU E 319 1.31 43.25 1.36
C LEU E 319 2.57 43.19 2.24
N LYS E 320 3.75 43.23 1.62
CA LYS E 320 5.02 43.23 2.35
C LYS E 320 5.21 44.52 3.17
N VAL E 321 4.51 45.63 2.80
CA VAL E 321 4.53 46.90 3.52
C VAL E 321 4.02 46.73 4.97
N LYS E 322 3.35 45.60 5.25
CA LYS E 322 2.83 45.24 6.58
C LYS E 322 3.99 45.18 7.60
N ASP E 323 5.19 44.80 7.12
CA ASP E 323 6.41 44.70 7.92
C ASP E 323 6.91 46.03 8.43
N LEU E 324 6.64 47.12 7.69
CA LEU E 324 7.06 48.46 8.12
C LEU E 324 6.13 49.07 9.16
N LEU E 325 5.09 48.34 9.58
CA LEU E 325 4.09 48.80 10.54
C LEU E 325 4.23 48.16 11.92
N ILE E 326 3.87 48.94 12.97
CA ILE E 326 3.88 48.53 14.37
C ILE E 326 2.71 49.20 15.12
N GLU E 327 2.30 48.63 16.26
CA GLU E 327 1.25 49.23 17.08
C GLU E 327 1.90 49.93 18.28
N GLY E 328 1.25 50.98 18.76
CA GLY E 328 1.75 51.75 19.89
C GLY E 328 1.65 53.24 19.67
N ASN E 329 2.12 54.02 20.67
CA ASN E 329 2.11 55.47 20.54
C ASN E 329 3.14 55.91 19.49
N ASP E 330 3.00 57.14 18.99
CA ASP E 330 3.85 57.69 17.94
C ASP E 330 5.35 57.62 18.29
N LEU E 331 5.71 57.68 19.60
CA LEU E 331 7.10 57.54 20.05
C LEU E 331 7.60 56.12 19.81
N GLU E 332 6.76 55.10 20.14
CA GLU E 332 7.07 53.67 19.92
C GLU E 332 7.16 53.35 18.44
N LYS E 333 6.31 54.01 17.62
CA LYS E 333 6.31 53.83 16.16
C LYS E 333 7.61 54.43 15.58
N LEU E 334 8.05 55.61 16.08
CA LEU E 334 9.31 56.26 15.68
C LEU E 334 10.52 55.42 16.06
N ASN E 335 10.46 54.77 17.24
CA ASN E 335 11.50 53.88 17.76
C ASN E 335 11.71 52.69 16.84
N TYR E 336 10.61 52.12 16.32
CA TYR E 336 10.61 51.00 15.39
C TYR E 336 11.23 51.47 14.08
N LEU E 337 10.84 52.68 13.61
CA LEU E 337 11.34 53.30 12.39
C LEU E 337 12.85 53.46 12.43
N LEU E 338 13.43 53.77 13.62
CA LEU E 338 14.88 53.89 13.82
C LEU E 338 15.57 52.57 13.44
N ASP E 339 15.03 51.42 13.93
CA ASP E 339 15.49 50.07 13.61
C ASP E 339 15.38 49.78 12.11
N LEU E 340 14.28 50.25 11.46
CA LEU E 340 14.04 50.08 10.03
C LEU E 340 15.14 50.78 9.26
N TYR E 341 15.45 52.04 9.64
CA TYR E 341 16.52 52.84 9.00
C TYR E 341 17.87 52.15 9.14
N ILE E 342 18.14 51.56 10.32
CA ILE E 342 19.37 50.83 10.57
C ILE E 342 19.49 49.65 9.61
N LYS E 343 18.50 48.74 9.58
CA LYS E 343 18.47 47.56 8.68
C LYS E 343 18.60 47.94 7.22
N ALA E 344 17.89 49.00 6.78
CA ALA E 344 17.90 49.47 5.39
C ALA E 344 19.18 50.22 5.00
N SER E 345 20.13 50.42 5.95
CA SER E 345 21.42 51.10 5.76
C SER E 345 21.28 52.59 5.39
N ILE E 346 20.20 53.24 5.87
CA ILE E 346 19.99 54.67 5.66
C ILE E 346 20.60 55.35 6.89
N TYR E 347 21.95 55.49 6.88
CA TYR E 347 22.77 56.00 7.97
C TYR E 347 22.38 57.41 8.41
N ASP E 348 22.15 58.33 7.46
CA ASP E 348 21.78 59.72 7.70
C ASP E 348 20.49 59.85 8.51
N LYS E 349 19.43 59.21 8.03
CA LYS E 349 18.12 59.24 8.66
C LYS E 349 18.09 58.54 10.01
N ALA E 350 18.86 57.43 10.17
CA ALA E 350 18.96 56.67 11.42
C ALA E 350 19.62 57.52 12.49
N LEU E 351 20.75 58.17 12.14
CA LEU E 351 21.49 59.02 13.09
C LEU E 351 20.71 60.26 13.55
N SER E 352 19.98 60.93 12.64
CA SER E 352 19.17 62.11 12.96
C SER E 352 17.99 61.75 13.87
N LEU E 353 17.37 60.57 13.62
CA LEU E 353 16.26 60.06 14.42
C LEU E 353 16.75 59.69 15.81
N ALA E 354 17.95 59.08 15.89
CA ALA E 354 18.59 58.71 17.17
C ALA E 354 18.95 59.96 17.99
N ARG E 355 19.13 61.11 17.32
CA ARG E 355 19.46 62.38 17.96
C ARG E 355 18.19 63.12 18.45
N GLU E 356 17.10 63.06 17.65
CA GLU E 356 15.89 63.82 17.93
C GLU E 356 14.86 63.08 18.75
N LEU E 357 14.77 61.76 18.61
CA LEU E 357 13.81 60.95 19.36
C LEU E 357 13.98 61.08 20.89
N PRO E 358 15.21 61.11 21.47
CA PRO E 358 15.33 61.32 22.93
C PRO E 358 14.80 62.66 23.44
N VAL E 359 14.75 63.71 22.57
CA VAL E 359 14.21 65.04 22.95
C VAL E 359 12.69 64.89 23.13
N ALA E 360 12.03 64.18 22.19
CA ALA E 360 10.61 63.91 22.20
C ALA E 360 10.27 63.03 23.39
N ILE E 361 11.13 62.04 23.70
CA ILE E 361 10.97 61.14 24.84
C ILE E 361 10.93 61.93 26.15
N CYS E 362 11.86 62.88 26.40
CA CYS E 362 11.72 63.63 27.65
C CYS E 362 10.61 64.66 27.57
N LEU E 363 10.32 65.24 26.36
CA LEU E 363 9.18 66.15 26.26
C LEU E 363 7.92 65.45 26.75
N ASN E 364 7.76 64.18 26.37
CA ASN E 364 6.64 63.35 26.80
C ASN E 364 6.63 63.21 28.33
N LYS E 365 7.79 62.91 28.95
CA LYS E 365 7.96 62.73 30.41
C LYS E 365 7.57 63.97 31.18
N VAL E 366 7.77 65.16 30.58
CA VAL E 366 7.49 66.47 31.19
C VAL E 366 6.04 66.95 30.89
N GLY E 367 5.23 66.06 30.31
CA GLY E 367 3.83 66.35 30.03
C GLY E 367 3.52 66.81 28.63
N GLY E 368 4.54 66.86 27.78
CA GLY E 368 4.39 67.28 26.40
C GLY E 368 4.85 68.69 26.12
N GLY E 369 4.99 68.97 24.83
CA GLY E 369 5.45 70.25 24.32
C GLY E 369 5.69 70.19 22.82
N MET E 370 6.00 71.36 22.26
CA MET E 370 6.23 71.53 20.83
C MET E 370 7.70 71.72 20.53
N PHE E 371 8.19 71.13 19.42
CA PHE E 371 9.56 71.27 18.97
C PHE E 371 9.73 72.67 18.41
N ASP E 372 9.94 73.65 19.31
CA ASP E 372 10.11 75.07 19.02
C ASP E 372 10.91 75.69 20.14
N ASP E 373 11.86 76.55 19.78
CA ASP E 373 12.77 77.26 20.69
C ASP E 373 12.05 78.16 21.68
N LYS E 374 10.82 78.59 21.35
CA LYS E 374 9.96 79.42 22.21
C LYS E 374 9.35 78.58 23.36
N ASN E 375 9.32 77.24 23.21
CA ASN E 375 8.78 76.32 24.21
C ASN E 375 9.90 76.02 25.21
N GLU E 376 9.67 76.41 26.49
CA GLU E 376 10.63 76.22 27.60
C GLU E 376 10.96 74.75 27.79
N LYS E 377 9.93 73.88 27.86
CA LYS E 377 10.09 72.43 28.03
C LYS E 377 10.99 71.83 26.96
N TYR E 378 10.83 72.26 25.69
CA TYR E 378 11.69 71.82 24.59
C TYR E 378 13.11 72.35 24.78
N LYS E 379 13.26 73.66 25.02
CA LYS E 379 14.55 74.33 25.19
C LYS E 379 15.48 73.54 26.11
N HIS E 380 14.99 73.23 27.34
CA HIS E 380 15.73 72.49 28.38
C HIS E 380 15.91 71.03 28.03
N CYS E 381 14.86 70.39 27.49
CA CYS E 381 14.90 68.99 27.07
C CYS E 381 15.96 68.77 26.00
N ASN E 382 16.04 69.68 25.01
CA ASN E 382 17.03 69.60 23.95
C ASN E 382 18.44 69.82 24.51
N GLU E 383 18.61 70.85 25.36
CA GLU E 383 19.87 71.13 26.03
C GLU E 383 20.42 69.91 26.76
N ILE E 384 19.55 69.17 27.49
CA ILE E 384 19.90 67.94 28.22
C ILE E 384 20.41 66.85 27.27
N VAL E 385 19.62 66.48 26.23
CA VAL E 385 20.06 65.41 25.33
C VAL E 385 21.30 65.87 24.52
N THR E 386 21.37 67.14 24.06
CA THR E 386 22.52 67.63 23.30
C THR E 386 23.80 67.52 24.12
N SER E 387 23.78 68.06 25.35
CA SER E 387 24.94 68.01 26.24
C SER E 387 25.30 66.60 26.68
N TYR E 388 24.29 65.73 26.94
CA TYR E 388 24.56 64.34 27.32
C TYR E 388 25.19 63.58 26.15
N LEU E 389 24.74 63.85 24.90
CA LEU E 389 25.30 63.23 23.70
C LEU E 389 26.73 63.70 23.50
N ARG E 390 26.99 65.00 23.58
CA ARG E 390 28.36 65.54 23.43
C ARG E 390 29.30 65.06 24.54
N LEU E 391 28.74 64.70 25.72
CA LEU E 391 29.49 64.25 26.89
C LEU E 391 29.86 62.76 26.81
N ARG E 392 28.89 61.90 26.51
CA ARG E 392 29.07 60.45 26.51
C ARG E 392 29.08 59.78 25.14
N TYR E 393 28.33 60.32 24.17
CA TYR E 393 28.20 59.78 22.81
C TYR E 393 28.72 60.77 21.76
N SER E 394 30.02 61.14 21.87
CA SER E 394 30.73 62.09 20.98
C SER E 394 30.75 61.58 19.53
N GLY E 395 30.90 60.26 19.36
CA GLY E 395 30.93 59.58 18.08
C GLY E 395 29.64 59.74 17.29
N LEU E 396 28.49 59.47 17.96
CA LEU E 396 27.14 59.58 17.41
C LEU E 396 26.92 60.96 16.82
N MET E 397 27.23 62.00 17.61
CA MET E 397 27.04 63.39 17.25
C MET E 397 27.93 63.81 16.10
N GLU E 398 29.16 63.25 16.01
CA GLU E 398 30.10 63.57 14.92
C GLU E 398 29.65 62.96 13.58
N PHE E 399 29.35 61.65 13.57
CA PHE E 399 28.86 60.99 12.36
C PHE E 399 27.59 61.67 11.86
N ARG E 400 26.68 62.10 12.77
CA ARG E 400 25.41 62.76 12.48
C ARG E 400 25.56 64.01 11.65
N ASN E 401 26.37 64.99 12.06
CA ASN E 401 26.45 66.22 11.26
C ASN E 401 27.38 66.05 10.04
N THR E 402 28.27 65.03 10.05
CA THR E 402 29.14 64.69 8.92
C THR E 402 28.21 64.27 7.79
N LEU E 403 27.32 63.26 8.05
CA LEU E 403 26.30 62.73 7.14
C LEU E 403 25.23 63.74 6.77
N MET E 404 24.99 64.71 7.65
CA MET E 404 24.01 65.77 7.50
C MET E 404 24.48 66.84 6.51
N HIS E 405 25.76 67.25 6.57
CA HIS E 405 26.26 68.32 5.68
C HIS E 405 27.00 67.84 4.44
N GLY E 406 27.46 66.59 4.47
CA GLY E 406 28.15 65.96 3.35
C GLY E 406 29.57 66.44 3.13
N GLY E 407 30.06 66.16 1.93
CA GLY E 407 31.41 66.43 1.45
C GLY E 407 31.85 67.88 1.47
N LEU E 408 31.13 68.75 0.73
CA LEU E 408 31.48 70.18 0.70
C LEU E 408 30.91 70.80 1.95
N SER E 409 31.69 70.84 3.05
CA SER E 409 31.25 71.36 4.36
C SER E 409 32.40 71.62 5.28
N THR E 410 32.18 72.48 6.30
CA THR E 410 33.18 72.75 7.35
C THR E 410 33.40 71.47 8.16
N ASP E 411 32.43 70.56 8.11
CA ASP E 411 32.53 69.28 8.87
C ASP E 411 33.60 68.40 8.23
N MET E 412 33.82 68.55 6.92
CA MET E 412 34.81 67.76 6.21
C MET E 412 36.06 68.54 5.87
N LYS E 413 36.01 69.88 5.95
CA LYS E 413 37.09 70.82 5.69
C LYS E 413 37.85 70.60 4.34
N PRO E 414 37.18 70.46 3.17
CA PRO E 414 37.95 70.29 1.92
C PRO E 414 38.63 71.59 1.50
N ASN E 415 39.62 71.50 0.61
CA ASN E 415 40.33 72.68 0.14
C ASN E 415 40.15 72.82 -1.37
N VAL E 416 39.67 73.99 -1.81
CA VAL E 416 39.43 74.35 -3.21
C VAL E 416 40.68 75.10 -3.68
N ASP E 417 41.25 74.75 -4.85
CA ASP E 417 42.45 75.44 -5.35
C ASP E 417 42.18 76.38 -6.51
N LYS E 418 43.22 77.15 -6.94
CA LYS E 418 43.21 78.11 -8.05
C LYS E 418 42.63 77.49 -9.32
N ASP E 419 42.98 76.21 -9.58
CA ASP E 419 42.60 75.41 -10.75
C ASP E 419 41.17 74.88 -10.73
N GLY E 420 40.51 74.98 -9.58
CA GLY E 420 39.16 74.48 -9.40
C GLY E 420 39.10 73.03 -8.99
N ASN E 421 40.20 72.52 -8.39
CA ASN E 421 40.26 71.14 -7.91
C ASN E 421 40.23 71.09 -6.38
N ILE E 422 39.48 70.13 -5.83
CA ILE E 422 39.26 70.01 -4.39
C ILE E 422 40.01 68.83 -3.79
N THR E 423 40.67 69.03 -2.63
CA THR E 423 41.37 67.98 -1.88
C THR E 423 40.63 67.74 -0.53
N PRO E 424 40.04 66.53 -0.31
CA PRO E 424 39.19 66.30 0.88
C PRO E 424 39.75 66.64 2.25
N GLY E 425 40.96 66.26 2.65
CA GLY E 425 41.47 66.64 3.98
C GLY E 425 40.82 66.09 5.25
N LYS E 426 39.75 65.25 5.14
CA LYS E 426 39.12 64.56 6.27
C LYS E 426 38.66 63.23 5.80
N ILE E 427 39.43 62.18 6.13
CA ILE E 427 39.24 60.79 5.68
C ILE E 427 37.86 60.26 6.09
N VAL E 428 37.15 59.71 5.07
CA VAL E 428 35.81 59.12 5.14
C VAL E 428 35.97 57.63 5.26
N THR E 429 35.51 57.06 6.37
CA THR E 429 35.60 55.61 6.54
C THR E 429 34.21 54.99 6.39
N LYS E 430 33.94 54.43 5.19
CA LYS E 430 32.68 53.74 4.87
C LYS E 430 32.42 52.71 5.98
N ASN E 431 33.48 51.97 6.38
CA ASN E 431 33.43 50.95 7.41
C ASN E 431 33.11 51.51 8.79
N LYS E 432 33.67 52.69 9.14
CA LYS E 432 33.41 53.33 10.44
C LYS E 432 31.91 53.62 10.61
N ILE E 433 31.28 54.23 9.57
CA ILE E 433 29.86 54.59 9.53
C ILE E 433 28.99 53.32 9.62
N GLU E 434 29.27 52.33 8.74
CA GLU E 434 28.56 51.04 8.69
C GLU E 434 28.64 50.30 10.01
N ASP E 435 29.85 50.11 10.54
CA ASP E 435 30.06 49.40 11.83
C ASP E 435 29.32 50.12 12.95
N PHE E 436 29.51 51.44 13.07
CA PHE E 436 28.85 52.22 14.12
C PHE E 436 27.34 52.08 14.11
N VAL E 437 26.69 52.44 12.98
CA VAL E 437 25.23 52.38 12.81
C VAL E 437 24.68 50.95 12.97
N LYS E 438 25.26 49.97 12.25
CA LYS E 438 24.80 48.57 12.28
C LYS E 438 25.08 47.81 13.59
N ARG E 439 26.16 48.18 14.34
CA ARG E 439 26.58 47.47 15.55
C ARG E 439 26.37 48.20 16.88
N GLU E 440 26.39 49.54 16.91
CA GLU E 440 26.29 50.24 18.20
C GLU E 440 25.15 51.25 18.34
N LEU E 441 24.64 51.83 17.23
CA LEU E 441 23.61 52.87 17.30
C LEU E 441 22.45 52.50 18.20
N ARG E 442 21.96 51.27 18.10
CA ARG E 442 20.84 50.81 18.92
C ARG E 442 21.21 50.70 20.38
N ASN E 443 22.29 49.96 20.69
CA ASN E 443 22.74 49.77 22.07
C ASN E 443 22.97 51.12 22.75
N TYR E 444 23.52 52.09 22.00
CA TYR E 444 23.79 53.46 22.46
C TYR E 444 22.47 54.17 22.69
N PHE E 445 21.55 54.14 21.70
CA PHE E 445 20.25 54.77 21.79
C PHE E 445 19.43 54.27 22.99
N ASP E 446 19.43 52.95 23.20
CA ASP E 446 18.72 52.31 24.30
C ASP E 446 19.25 52.77 25.66
N LYS E 447 20.55 53.09 25.75
CA LYS E 447 21.21 53.60 26.98
C LYS E 447 20.84 55.08 27.19
N ILE E 448 20.77 55.88 26.09
CA ILE E 448 20.39 57.30 26.12
C ILE E 448 18.97 57.42 26.66
N VAL E 449 18.04 56.63 26.09
CA VAL E 449 16.63 56.62 26.48
C VAL E 449 16.45 56.05 27.90
N ASN E 450 17.31 55.09 28.29
CA ASN E 450 17.29 54.50 29.62
C ASN E 450 17.59 55.60 30.66
N PHE E 451 18.60 56.43 30.38
CA PHE E 451 19.00 57.57 31.21
C PHE E 451 17.89 58.61 31.32
N LEU E 452 17.33 59.02 30.17
CA LEU E 452 16.27 60.03 30.10
C LEU E 452 14.93 59.60 30.71
N SER E 453 14.75 58.31 31.04
CA SER E 453 13.53 57.80 31.69
C SER E 453 13.43 58.41 33.08
N SER E 454 14.58 58.43 33.80
CA SER E 454 14.74 58.99 35.15
C SER E 454 14.35 60.49 35.24
N ALA E 455 14.30 61.21 34.08
CA ALA E 455 13.95 62.62 33.97
C ALA E 455 12.53 62.91 34.40
#